data_3OOB
# 
_entry.id   3OOB 
# 
_audit_conform.dict_name       mmcif_pdbx.dic 
_audit_conform.dict_version    5.387 
_audit_conform.dict_location   http://mmcif.pdb.org/dictionaries/ascii/mmcif_pdbx.dic 
# 
loop_
_database_2.database_id 
_database_2.database_code 
_database_2.pdbx_database_accession 
_database_2.pdbx_DOI 
PDB   3OOB         pdb_00003oob 10.2210/pdb3oob/pdb 
RCSB  RCSB061367   ?            ?                   
WWPDB D_1000061367 ?            ?                   
# 
loop_
_pdbx_audit_revision_history.ordinal 
_pdbx_audit_revision_history.data_content_type 
_pdbx_audit_revision_history.major_revision 
_pdbx_audit_revision_history.minor_revision 
_pdbx_audit_revision_history.revision_date 
1 'Structure model' 1 0 2011-08-17 
2 'Structure model' 1 1 2011-08-24 
3 'Structure model' 1 2 2011-11-30 
4 'Structure model' 1 3 2017-11-08 
5 'Structure model' 1 4 2024-02-21 
# 
_pdbx_audit_revision_details.ordinal             1 
_pdbx_audit_revision_details.revision_ordinal    1 
_pdbx_audit_revision_details.data_content_type   'Structure model' 
_pdbx_audit_revision_details.provider            repository 
_pdbx_audit_revision_details.type                'Initial release' 
_pdbx_audit_revision_details.description         ? 
_pdbx_audit_revision_details.details             ? 
# 
loop_
_pdbx_audit_revision_group.ordinal 
_pdbx_audit_revision_group.revision_ordinal 
_pdbx_audit_revision_group.data_content_type 
_pdbx_audit_revision_group.group 
1 2 'Structure model' Other                    
2 3 'Structure model' 'Database references'    
3 4 'Structure model' 'Refinement description' 
4 5 'Structure model' 'Data collection'        
5 5 'Structure model' 'Database references'    
6 5 'Structure model' 'Derived calculations'   
7 5 'Structure model' 'Structure summary'      
# 
loop_
_pdbx_audit_revision_category.ordinal 
_pdbx_audit_revision_category.revision_ordinal 
_pdbx_audit_revision_category.data_content_type 
_pdbx_audit_revision_category.category 
1 4 'Structure model' software           
2 5 'Structure model' chem_comp          
3 5 'Structure model' chem_comp_atom     
4 5 'Structure model' chem_comp_bond     
5 5 'Structure model' database_2         
6 5 'Structure model' struct_ref_seq_dif 
7 5 'Structure model' struct_site        
# 
loop_
_pdbx_audit_revision_item.ordinal 
_pdbx_audit_revision_item.revision_ordinal 
_pdbx_audit_revision_item.data_content_type 
_pdbx_audit_revision_item.item 
1 5 'Structure model' '_chem_comp.pdbx_synonyms'            
2 5 'Structure model' '_database_2.pdbx_DOI'                
3 5 'Structure model' '_database_2.pdbx_database_accession' 
4 5 'Structure model' '_struct_ref_seq_dif.details'         
5 5 'Structure model' '_struct_site.pdbx_auth_asym_id'      
6 5 'Structure model' '_struct_site.pdbx_auth_comp_id'      
7 5 'Structure model' '_struct_site.pdbx_auth_seq_id'       
# 
_pdbx_database_status.entry_id                        3OOB 
_pdbx_database_status.deposit_site                    RCSB 
_pdbx_database_status.process_site                    RCSB 
_pdbx_database_status.recvd_initial_deposition_date   2010-08-30 
_pdbx_database_status.status_code                     REL 
_pdbx_database_status.status_code_sf                  REL 
_pdbx_database_status.status_code_mr                  ? 
_pdbx_database_status.SG_entry                        ? 
_pdbx_database_status.status_code_cs                  ? 
_pdbx_database_status.pdb_format_compatible           Y 
_pdbx_database_status.methods_development_category    ? 
_pdbx_database_status.status_code_nmr_data            ? 
# 
loop_
_pdbx_database_related.db_name 
_pdbx_database_related.db_id 
_pdbx_database_related.details 
_pdbx_database_related.content_type 
PDB 2ITK 'Human Pin1 bound to D-PEPTIDE'                                                     unspecified 
PDB 2Q5A 'Human Pin1 bound to L-PEPTIDE'                                                     unspecified 
PDB 1F8A 'Structural basis for the phosphoserine-proline recognition by group IV WW domains' unspecified 
PDB 1PIN 'Pin1 peptidyl-prolyl cis-trans isomerase from Homo sapiens'                        unspecified 
# 
loop_
_audit_author.name 
_audit_author.pdbx_ordinal 
'Urusova, D.V.' 1 
'Shim, J.-H.'   2 
'Kim, D.-J.'    3 
'Jung, S.K.'    4 
'Zykova, T.A.'  5 
'Bode, A.M.'    6 
'Dong, Z.'      7 
# 
_citation.id                        primary 
_citation.title                     'Epigallocatechin-gallate suppresses tumorigenesis by directly targeting Pin1.' 
_citation.journal_abbrev            'Cancer Prev Res (Phila)' 
_citation.journal_volume            4 
_citation.page_first                1366 
_citation.page_last                 1377 
_citation.year                      2011 
_citation.journal_id_ASTM           ? 
_citation.country                   US 
_citation.journal_id_ISSN           1940-6215 
_citation.journal_id_CSD            ? 
_citation.book_publisher            ? 
_citation.pdbx_database_id_PubMed   21750208 
_citation.pdbx_database_id_DOI      10.1158/1940-6207.CAPR-11-0301 
# 
loop_
_citation_author.citation_id 
_citation_author.name 
_citation_author.ordinal 
_citation_author.identifier_ORCID 
primary 'Urusova, D.V.' 1 ? 
primary 'Shim, J.H.'    2 ? 
primary 'Kim, D.J.'     3 ? 
primary 'Jung, S.K.'    4 ? 
primary 'Zykova, T.A.'  5 ? 
primary 'Carper, A.'    6 ? 
primary 'Bode, A.M.'    7 ? 
primary 'Dong, Z.'      8 ? 
# 
loop_
_entity.id 
_entity.type 
_entity.src_method 
_entity.pdbx_description 
_entity.formula_weight 
_entity.pdbx_number_of_molecules 
_entity.pdbx_ec 
_entity.pdbx_mutation 
_entity.pdbx_fragment 
_entity.details 
1 polymer     man 'Peptidyl-prolyl cis-trans isomerase NIMA-interacting 1'                                                
18185.193 1   5.2.1.8 R14A ? ? 
2 non-polymer syn 'SULFATE ION'                                                                                           96.063 1 
?       ?    ? ? 
3 non-polymer syn '2-{2-[2-(2-{2-[2-(2-ETHOXY-ETHOXY)-ETHOXY]-ETHOXY}-ETHOXY)-ETHOXY]-ETHOXY}-ETHANOL'                    354.436 
3   ?       ?    ? ? 
4 non-polymer syn '(2R,3R)-5,7-dihydroxy-2-(3,4,5-trihydroxyphenyl)-3,4-dihydro-2H-chromen-3-yl 3,4,5-trihydroxybenzoate' 458.372 
2   ?       ?    ? ? 
5 water       nat water                                                                                                   18.015 
112 ?       ?    ? ? 
# 
_entity_name_com.entity_id   1 
_entity_name_com.name        'Peptidyl-prolyl cis-trans isomerase Pin1, PPIase Pin1, Rotamase Pin1' 
# 
_entity_poly.entity_id                      1 
_entity_poly.type                           'polypeptide(L)' 
_entity_poly.nstd_linkage                   no 
_entity_poly.nstd_monomer                   no 
_entity_poly.pdbx_seq_one_letter_code       
;MADEEKLPPGWEKAMSRSSGRVYYFNHITNASQWERPSGNSSSGGKNGQGEPARVRCSHLLVKHSQSRRPSSWRQEKITR
TKEEALELINGYIQKIKSGEEDFESLASQFSDCSSAKARGDLGAFSRGQMQKPFEDASFALRTGEMSGPVFTDSGIHIIL
RTE
;
_entity_poly.pdbx_seq_one_letter_code_can   
;MADEEKLPPGWEKAMSRSSGRVYYFNHITNASQWERPSGNSSSGGKNGQGEPARVRCSHLLVKHSQSRRPSSWRQEKITR
TKEEALELINGYIQKIKSGEEDFESLASQFSDCSSAKARGDLGAFSRGQMQKPFEDASFALRTGEMSGPVFTDSGIHIIL
RTE
;
_entity_poly.pdbx_strand_id                 A 
_entity_poly.pdbx_target_identifier         ? 
# 
loop_
_pdbx_entity_nonpoly.entity_id 
_pdbx_entity_nonpoly.name 
_pdbx_entity_nonpoly.comp_id 
2 'SULFATE ION'                                                                                           SO4 
3 '2-{2-[2-(2-{2-[2-(2-ETHOXY-ETHOXY)-ETHOXY]-ETHOXY}-ETHOXY)-ETHOXY]-ETHOXY}-ETHANOL'                    PE4 
4 '(2R,3R)-5,7-dihydroxy-2-(3,4,5-trihydroxyphenyl)-3,4-dihydro-2H-chromen-3-yl 3,4,5-trihydroxybenzoate' KDH 
5 water                                                                                                   HOH 
# 
loop_
_entity_poly_seq.entity_id 
_entity_poly_seq.num 
_entity_poly_seq.mon_id 
_entity_poly_seq.hetero 
1 1   MET n 
1 2   ALA n 
1 3   ASP n 
1 4   GLU n 
1 5   GLU n 
1 6   LYS n 
1 7   LEU n 
1 8   PRO n 
1 9   PRO n 
1 10  GLY n 
1 11  TRP n 
1 12  GLU n 
1 13  LYS n 
1 14  ALA n 
1 15  MET n 
1 16  SER n 
1 17  ARG n 
1 18  SER n 
1 19  SER n 
1 20  GLY n 
1 21  ARG n 
1 22  VAL n 
1 23  TYR n 
1 24  TYR n 
1 25  PHE n 
1 26  ASN n 
1 27  HIS n 
1 28  ILE n 
1 29  THR n 
1 30  ASN n 
1 31  ALA n 
1 32  SER n 
1 33  GLN n 
1 34  TRP n 
1 35  GLU n 
1 36  ARG n 
1 37  PRO n 
1 38  SER n 
1 39  GLY n 
1 40  ASN n 
1 41  SER n 
1 42  SER n 
1 43  SER n 
1 44  GLY n 
1 45  GLY n 
1 46  LYS n 
1 47  ASN n 
1 48  GLY n 
1 49  GLN n 
1 50  GLY n 
1 51  GLU n 
1 52  PRO n 
1 53  ALA n 
1 54  ARG n 
1 55  VAL n 
1 56  ARG n 
1 57  CYS n 
1 58  SER n 
1 59  HIS n 
1 60  LEU n 
1 61  LEU n 
1 62  VAL n 
1 63  LYS n 
1 64  HIS n 
1 65  SER n 
1 66  GLN n 
1 67  SER n 
1 68  ARG n 
1 69  ARG n 
1 70  PRO n 
1 71  SER n 
1 72  SER n 
1 73  TRP n 
1 74  ARG n 
1 75  GLN n 
1 76  GLU n 
1 77  LYS n 
1 78  ILE n 
1 79  THR n 
1 80  ARG n 
1 81  THR n 
1 82  LYS n 
1 83  GLU n 
1 84  GLU n 
1 85  ALA n 
1 86  LEU n 
1 87  GLU n 
1 88  LEU n 
1 89  ILE n 
1 90  ASN n 
1 91  GLY n 
1 92  TYR n 
1 93  ILE n 
1 94  GLN n 
1 95  LYS n 
1 96  ILE n 
1 97  LYS n 
1 98  SER n 
1 99  GLY n 
1 100 GLU n 
1 101 GLU n 
1 102 ASP n 
1 103 PHE n 
1 104 GLU n 
1 105 SER n 
1 106 LEU n 
1 107 ALA n 
1 108 SER n 
1 109 GLN n 
1 110 PHE n 
1 111 SER n 
1 112 ASP n 
1 113 CYS n 
1 114 SER n 
1 115 SER n 
1 116 ALA n 
1 117 LYS n 
1 118 ALA n 
1 119 ARG n 
1 120 GLY n 
1 121 ASP n 
1 122 LEU n 
1 123 GLY n 
1 124 ALA n 
1 125 PHE n 
1 126 SER n 
1 127 ARG n 
1 128 GLY n 
1 129 GLN n 
1 130 MET n 
1 131 GLN n 
1 132 LYS n 
1 133 PRO n 
1 134 PHE n 
1 135 GLU n 
1 136 ASP n 
1 137 ALA n 
1 138 SER n 
1 139 PHE n 
1 140 ALA n 
1 141 LEU n 
1 142 ARG n 
1 143 THR n 
1 144 GLY n 
1 145 GLU n 
1 146 MET n 
1 147 SER n 
1 148 GLY n 
1 149 PRO n 
1 150 VAL n 
1 151 PHE n 
1 152 THR n 
1 153 ASP n 
1 154 SER n 
1 155 GLY n 
1 156 ILE n 
1 157 HIS n 
1 158 ILE n 
1 159 ILE n 
1 160 LEU n 
1 161 ARG n 
1 162 THR n 
1 163 GLU n 
# 
_entity_src_gen.entity_id                          1 
_entity_src_gen.pdbx_src_id                        1 
_entity_src_gen.pdbx_alt_source_flag               sample 
_entity_src_gen.pdbx_seq_type                      ? 
_entity_src_gen.pdbx_beg_seq_num                   ? 
_entity_src_gen.pdbx_end_seq_num                   ? 
_entity_src_gen.gene_src_common_name               human 
_entity_src_gen.gene_src_genus                     ? 
_entity_src_gen.pdbx_gene_src_gene                 PIN1 
_entity_src_gen.gene_src_species                   ? 
_entity_src_gen.gene_src_strain                    ? 
_entity_src_gen.gene_src_tissue                    ? 
_entity_src_gen.gene_src_tissue_fraction           ? 
_entity_src_gen.gene_src_details                   ? 
_entity_src_gen.pdbx_gene_src_fragment             ? 
_entity_src_gen.pdbx_gene_src_scientific_name      'Homo sapiens' 
_entity_src_gen.pdbx_gene_src_ncbi_taxonomy_id     9606 
_entity_src_gen.pdbx_gene_src_variant              ? 
_entity_src_gen.pdbx_gene_src_cell_line            ? 
_entity_src_gen.pdbx_gene_src_atcc                 ? 
_entity_src_gen.pdbx_gene_src_organ                ? 
_entity_src_gen.pdbx_gene_src_organelle            ? 
_entity_src_gen.pdbx_gene_src_cell                 ? 
_entity_src_gen.pdbx_gene_src_cellular_location    ? 
_entity_src_gen.host_org_common_name               ? 
_entity_src_gen.pdbx_host_org_scientific_name      'Escherichia coli' 
_entity_src_gen.pdbx_host_org_ncbi_taxonomy_id     562 
_entity_src_gen.host_org_genus                     ? 
_entity_src_gen.pdbx_host_org_gene                 ? 
_entity_src_gen.pdbx_host_org_organ                ? 
_entity_src_gen.host_org_species                   ? 
_entity_src_gen.pdbx_host_org_tissue               ? 
_entity_src_gen.pdbx_host_org_tissue_fraction      ? 
_entity_src_gen.pdbx_host_org_strain               'Bl21(de3)' 
_entity_src_gen.pdbx_host_org_variant              ? 
_entity_src_gen.pdbx_host_org_cell_line            ? 
_entity_src_gen.pdbx_host_org_atcc                 ? 
_entity_src_gen.pdbx_host_org_culture_collection   ? 
_entity_src_gen.pdbx_host_org_cell                 ? 
_entity_src_gen.pdbx_host_org_organelle            ? 
_entity_src_gen.pdbx_host_org_cellular_location    ? 
_entity_src_gen.pdbx_host_org_vector_type          plasmid 
_entity_src_gen.pdbx_host_org_vector               ? 
_entity_src_gen.host_org_details                   ? 
_entity_src_gen.expression_system_id               ? 
_entity_src_gen.plasmid_name                       'pET28a(+)' 
_entity_src_gen.plasmid_details                    ? 
_entity_src_gen.pdbx_description                   ? 
# 
loop_
_chem_comp.id 
_chem_comp.type 
_chem_comp.mon_nstd_flag 
_chem_comp.name 
_chem_comp.pdbx_synonyms 
_chem_comp.formula 
_chem_comp.formula_weight 
ALA 'L-peptide linking' y ALANINE                                                                                                 
?                                      'C3 H7 N O2'     89.093  
ARG 'L-peptide linking' y ARGININE                                                                                                
?                                      'C6 H15 N4 O2 1' 175.209 
ASN 'L-peptide linking' y ASPARAGINE                                                                                              
?                                      'C4 H8 N2 O3'    132.118 
ASP 'L-peptide linking' y 'ASPARTIC ACID'                                                                                         
?                                      'C4 H7 N O4'     133.103 
CYS 'L-peptide linking' y CYSTEINE                                                                                                
?                                      'C3 H7 N O2 S'   121.158 
GLN 'L-peptide linking' y GLUTAMINE                                                                                               
?                                      'C5 H10 N2 O3'   146.144 
GLU 'L-peptide linking' y 'GLUTAMIC ACID'                                                                                         
?                                      'C5 H9 N O4'     147.129 
GLY 'peptide linking'   y GLYCINE                                                                                                 
?                                      'C2 H5 N O2'     75.067  
HIS 'L-peptide linking' y HISTIDINE                                                                                               
?                                      'C6 H10 N3 O2 1' 156.162 
HOH non-polymer         . WATER                                                                                                   
?                                      'H2 O'           18.015  
ILE 'L-peptide linking' y ISOLEUCINE                                                                                              
?                                      'C6 H13 N O2'    131.173 
KDH non-polymer         . '(2R,3R)-5,7-dihydroxy-2-(3,4,5-trihydroxyphenyl)-3,4-dihydro-2H-chromen-3-yl 3,4,5-trihydroxybenzoate' 
'(-)-Epigallocatechin-3-gallate; EGCG' 'C22 H18 O11'    458.372 
LEU 'L-peptide linking' y LEUCINE                                                                                                 
?                                      'C6 H13 N O2'    131.173 
LYS 'L-peptide linking' y LYSINE                                                                                                  
?                                      'C6 H15 N2 O2 1' 147.195 
MET 'L-peptide linking' y METHIONINE                                                                                              
?                                      'C5 H11 N O2 S'  149.211 
PE4 non-polymer         . '2-{2-[2-(2-{2-[2-(2-ETHOXY-ETHOXY)-ETHOXY]-ETHOXY}-ETHOXY)-ETHOXY]-ETHOXY}-ETHANOL'                    
'POLYETHYLENE GLYCOL PEG4000'          'C16 H34 O8'     354.436 
PHE 'L-peptide linking' y PHENYLALANINE                                                                                           
?                                      'C9 H11 N O2'    165.189 
PRO 'L-peptide linking' y PROLINE                                                                                                 
?                                      'C5 H9 N O2'     115.130 
SER 'L-peptide linking' y SERINE                                                                                                  
?                                      'C3 H7 N O3'     105.093 
SO4 non-polymer         . 'SULFATE ION'                                                                                           
?                                      'O4 S -2'        96.063  
THR 'L-peptide linking' y THREONINE                                                                                               
?                                      'C4 H9 N O3'     119.119 
TRP 'L-peptide linking' y TRYPTOPHAN                                                                                              
?                                      'C11 H12 N2 O2'  204.225 
TYR 'L-peptide linking' y TYROSINE                                                                                                
?                                      'C9 H11 N O3'    181.189 
VAL 'L-peptide linking' y VALINE                                                                                                  
?                                      'C5 H11 N O2'    117.146 
# 
loop_
_pdbx_poly_seq_scheme.asym_id 
_pdbx_poly_seq_scheme.entity_id 
_pdbx_poly_seq_scheme.seq_id 
_pdbx_poly_seq_scheme.mon_id 
_pdbx_poly_seq_scheme.ndb_seq_num 
_pdbx_poly_seq_scheme.pdb_seq_num 
_pdbx_poly_seq_scheme.auth_seq_num 
_pdbx_poly_seq_scheme.pdb_mon_id 
_pdbx_poly_seq_scheme.auth_mon_id 
_pdbx_poly_seq_scheme.pdb_strand_id 
_pdbx_poly_seq_scheme.pdb_ins_code 
_pdbx_poly_seq_scheme.hetero 
A 1 1   MET 1   1   ?   ?   ?   A . n 
A 1 2   ALA 2   2   ?   ?   ?   A . n 
A 1 3   ASP 3   3   ?   ?   ?   A . n 
A 1 4   GLU 4   4   ?   ?   ?   A . n 
A 1 5   GLU 5   5   ?   ?   ?   A . n 
A 1 6   LYS 6   6   6   LYS LYS A . n 
A 1 7   LEU 7   7   7   LEU LEU A . n 
A 1 8   PRO 8   8   8   PRO PRO A . n 
A 1 9   PRO 9   9   9   PRO PRO A . n 
A 1 10  GLY 10  10  10  GLY GLY A . n 
A 1 11  TRP 11  11  11  TRP TRP A . n 
A 1 12  GLU 12  12  12  GLU GLU A . n 
A 1 13  LYS 13  13  13  LYS LYS A . n 
A 1 14  ALA 14  14  14  ALA ALA A . n 
A 1 15  MET 15  15  15  MET MET A . n 
A 1 16  SER 16  16  16  SER SER A . n 
A 1 17  ARG 17  17  17  ARG ARG A . n 
A 1 18  SER 18  18  18  SER SER A . n 
A 1 19  SER 19  19  19  SER SER A . n 
A 1 20  GLY 20  20  20  GLY GLY A . n 
A 1 21  ARG 21  21  21  ARG ARG A . n 
A 1 22  VAL 22  22  22  VAL VAL A . n 
A 1 23  TYR 23  23  23  TYR TYR A . n 
A 1 24  TYR 24  24  24  TYR TYR A . n 
A 1 25  PHE 25  25  25  PHE PHE A . n 
A 1 26  ASN 26  26  26  ASN ASN A . n 
A 1 27  HIS 27  27  27  HIS HIS A . n 
A 1 28  ILE 28  28  28  ILE ILE A . n 
A 1 29  THR 29  29  29  THR THR A . n 
A 1 30  ASN 30  30  30  ASN ASN A . n 
A 1 31  ALA 31  31  31  ALA ALA A . n 
A 1 32  SER 32  32  32  SER SER A . n 
A 1 33  GLN 33  33  33  GLN GLN A . n 
A 1 34  TRP 34  34  34  TRP TRP A . n 
A 1 35  GLU 35  35  35  GLU GLU A . n 
A 1 36  ARG 36  36  36  ARG ARG A . n 
A 1 37  PRO 37  37  37  PRO PRO A . n 
A 1 38  SER 38  38  38  SER SER A . n 
A 1 39  GLY 39  39  ?   ?   ?   A . n 
A 1 40  ASN 40  40  ?   ?   ?   A . n 
A 1 41  SER 41  41  ?   ?   ?   A . n 
A 1 42  SER 42  42  ?   ?   ?   A . n 
A 1 43  SER 43  43  ?   ?   ?   A . n 
A 1 44  GLY 44  44  ?   ?   ?   A . n 
A 1 45  GLY 45  45  ?   ?   ?   A . n 
A 1 46  LYS 46  46  ?   ?   ?   A . n 
A 1 47  ASN 47  47  ?   ?   ?   A . n 
A 1 48  GLY 48  48  ?   ?   ?   A . n 
A 1 49  GLN 49  49  ?   ?   ?   A . n 
A 1 50  GLY 50  50  ?   ?   ?   A . n 
A 1 51  GLU 51  51  51  GLU GLU A . n 
A 1 52  PRO 52  52  52  PRO PRO A . n 
A 1 53  ALA 53  53  53  ALA ALA A . n 
A 1 54  ARG 54  54  54  ARG ARG A . n 
A 1 55  VAL 55  55  55  VAL VAL A . n 
A 1 56  ARG 56  56  56  ARG ARG A . n 
A 1 57  CYS 57  57  57  CYS CYS A . n 
A 1 58  SER 58  58  58  SER SER A . n 
A 1 59  HIS 59  59  59  HIS HIS A . n 
A 1 60  LEU 60  60  60  LEU LEU A . n 
A 1 61  LEU 61  61  61  LEU LEU A . n 
A 1 62  VAL 62  62  62  VAL VAL A . n 
A 1 63  LYS 63  63  63  LYS LYS A . n 
A 1 64  HIS 64  64  64  HIS HIS A . n 
A 1 65  SER 65  65  65  SER SER A . n 
A 1 66  GLN 66  66  66  GLN GLN A . n 
A 1 67  SER 67  67  67  SER SER A . n 
A 1 68  ARG 68  68  68  ARG ARG A . n 
A 1 69  ARG 69  69  69  ARG ARG A . n 
A 1 70  PRO 70  70  70  PRO PRO A . n 
A 1 71  SER 71  71  71  SER SER A . n 
A 1 72  SER 72  72  72  SER SER A . n 
A 1 73  TRP 73  73  73  TRP TRP A . n 
A 1 74  ARG 74  74  74  ARG ARG A . n 
A 1 75  GLN 75  75  75  GLN GLN A . n 
A 1 76  GLU 76  76  76  GLU GLU A . n 
A 1 77  LYS 77  77  77  LYS LYS A . n 
A 1 78  ILE 78  78  78  ILE ILE A . n 
A 1 79  THR 79  79  79  THR THR A . n 
A 1 80  ARG 80  80  80  ARG ARG A . n 
A 1 81  THR 81  81  81  THR THR A . n 
A 1 82  LYS 82  82  82  LYS LYS A . n 
A 1 83  GLU 83  83  83  GLU GLU A . n 
A 1 84  GLU 84  84  84  GLU GLU A . n 
A 1 85  ALA 85  85  85  ALA ALA A . n 
A 1 86  LEU 86  86  86  LEU LEU A . n 
A 1 87  GLU 87  87  87  GLU GLU A . n 
A 1 88  LEU 88  88  88  LEU LEU A . n 
A 1 89  ILE 89  89  89  ILE ILE A . n 
A 1 90  ASN 90  90  90  ASN ASN A . n 
A 1 91  GLY 91  91  91  GLY GLY A . n 
A 1 92  TYR 92  92  92  TYR TYR A . n 
A 1 93  ILE 93  93  93  ILE ILE A . n 
A 1 94  GLN 94  94  94  GLN GLN A . n 
A 1 95  LYS 95  95  95  LYS LYS A . n 
A 1 96  ILE 96  96  96  ILE ILE A . n 
A 1 97  LYS 97  97  97  LYS LYS A . n 
A 1 98  SER 98  98  98  SER SER A . n 
A 1 99  GLY 99  99  99  GLY GLY A . n 
A 1 100 GLU 100 100 100 GLU GLU A . n 
A 1 101 GLU 101 101 101 GLU GLU A . n 
A 1 102 ASP 102 102 102 ASP ASP A . n 
A 1 103 PHE 103 103 103 PHE PHE A . n 
A 1 104 GLU 104 104 104 GLU GLU A . n 
A 1 105 SER 105 105 105 SER SER A . n 
A 1 106 LEU 106 106 106 LEU LEU A . n 
A 1 107 ALA 107 107 107 ALA ALA A . n 
A 1 108 SER 108 108 108 SER SER A . n 
A 1 109 GLN 109 109 109 GLN GLN A . n 
A 1 110 PHE 110 110 110 PHE PHE A . n 
A 1 111 SER 111 111 111 SER SER A . n 
A 1 112 ASP 112 112 112 ASP ASP A . n 
A 1 113 CYS 113 113 113 CYS CYS A . n 
A 1 114 SER 114 114 114 SER SER A . n 
A 1 115 SER 115 115 115 SER SER A . n 
A 1 116 ALA 116 116 116 ALA ALA A . n 
A 1 117 LYS 117 117 117 LYS LYS A . n 
A 1 118 ALA 118 118 118 ALA ALA A . n 
A 1 119 ARG 119 119 119 ARG ARG A . n 
A 1 120 GLY 120 120 120 GLY GLY A . n 
A 1 121 ASP 121 121 121 ASP ASP A . n 
A 1 122 LEU 122 122 122 LEU LEU A . n 
A 1 123 GLY 123 123 123 GLY GLY A . n 
A 1 124 ALA 124 124 124 ALA ALA A . n 
A 1 125 PHE 125 125 125 PHE PHE A . n 
A 1 126 SER 126 126 126 SER SER A . n 
A 1 127 ARG 127 127 127 ARG ARG A . n 
A 1 128 GLY 128 128 128 GLY GLY A . n 
A 1 129 GLN 129 129 129 GLN GLN A . n 
A 1 130 MET 130 130 130 MET MET A . n 
A 1 131 GLN 131 131 131 GLN GLN A . n 
A 1 132 LYS 132 132 132 LYS LYS A . n 
A 1 133 PRO 133 133 133 PRO PRO A . n 
A 1 134 PHE 134 134 134 PHE PHE A . n 
A 1 135 GLU 135 135 135 GLU GLU A . n 
A 1 136 ASP 136 136 136 ASP ASP A . n 
A 1 137 ALA 137 137 137 ALA ALA A . n 
A 1 138 SER 138 138 138 SER SER A . n 
A 1 139 PHE 139 139 139 PHE PHE A . n 
A 1 140 ALA 140 140 140 ALA ALA A . n 
A 1 141 LEU 141 141 141 LEU LEU A . n 
A 1 142 ARG 142 142 142 ARG ARG A . n 
A 1 143 THR 143 143 143 THR THR A . n 
A 1 144 GLY 144 144 144 GLY GLY A . n 
A 1 145 GLU 145 145 145 GLU GLU A . n 
A 1 146 MET 146 146 146 MET MET A . n 
A 1 147 SER 147 147 147 SER SER A . n 
A 1 148 GLY 148 148 148 GLY GLY A . n 
A 1 149 PRO 149 149 149 PRO PRO A . n 
A 1 150 VAL 150 150 150 VAL VAL A . n 
A 1 151 PHE 151 151 151 PHE PHE A . n 
A 1 152 THR 152 152 152 THR THR A . n 
A 1 153 ASP 153 153 153 ASP ASP A . n 
A 1 154 SER 154 154 154 SER SER A . n 
A 1 155 GLY 155 155 155 GLY GLY A . n 
A 1 156 ILE 156 156 156 ILE ILE A . n 
A 1 157 HIS 157 157 157 HIS HIS A . n 
A 1 158 ILE 158 158 158 ILE ILE A . n 
A 1 159 ILE 159 159 159 ILE ILE A . n 
A 1 160 LEU 160 160 160 LEU LEU A . n 
A 1 161 ARG 161 161 161 ARG ARG A . n 
A 1 162 THR 162 162 162 THR THR A . n 
A 1 163 GLU 163 163 163 GLU GLU A . n 
# 
loop_
_pdbx_nonpoly_scheme.asym_id 
_pdbx_nonpoly_scheme.entity_id 
_pdbx_nonpoly_scheme.mon_id 
_pdbx_nonpoly_scheme.ndb_seq_num 
_pdbx_nonpoly_scheme.pdb_seq_num 
_pdbx_nonpoly_scheme.auth_seq_num 
_pdbx_nonpoly_scheme.pdb_mon_id 
_pdbx_nonpoly_scheme.auth_mon_id 
_pdbx_nonpoly_scheme.pdb_strand_id 
_pdbx_nonpoly_scheme.pdb_ins_code 
B 2 SO4 1   200 200 SO4 SO4 A . 
C 3 PE4 1   300 300 PE4 PE4 A . 
D 3 PE4 1   301 301 PE4 PE4 A . 
E 3 PE4 1   302 302 PE4 PE4 A . 
F 4 KDH 1   402 402 KDH KDH A . 
G 4 KDH 1   403 403 KDH KDH A . 
H 5 HOH 1   164 164 HOH HOH A . 
H 5 HOH 2   165 165 HOH HOH A . 
H 5 HOH 3   166 166 HOH HOH A . 
H 5 HOH 4   167 167 HOH HOH A . 
H 5 HOH 5   168 168 HOH HOH A . 
H 5 HOH 6   169 169 HOH HOH A . 
H 5 HOH 7   170 170 HOH HOH A . 
H 5 HOH 8   171 171 HOH HOH A . 
H 5 HOH 9   172 172 HOH HOH A . 
H 5 HOH 10  173 173 HOH HOH A . 
H 5 HOH 11  174 174 HOH HOH A . 
H 5 HOH 12  175 175 HOH HOH A . 
H 5 HOH 13  176 176 HOH HOH A . 
H 5 HOH 14  177 177 HOH HOH A . 
H 5 HOH 15  178 178 HOH HOH A . 
H 5 HOH 16  179 179 HOH HOH A . 
H 5 HOH 17  180 180 HOH HOH A . 
H 5 HOH 18  181 181 HOH HOH A . 
H 5 HOH 19  182 182 HOH HOH A . 
H 5 HOH 20  183 183 HOH HOH A . 
H 5 HOH 21  184 184 HOH HOH A . 
H 5 HOH 22  185 185 HOH HOH A . 
H 5 HOH 23  186 186 HOH HOH A . 
H 5 HOH 24  187 187 HOH HOH A . 
H 5 HOH 25  188 188 HOH HOH A . 
H 5 HOH 26  189 189 HOH HOH A . 
H 5 HOH 27  190 190 HOH HOH A . 
H 5 HOH 28  191 191 HOH HOH A . 
H 5 HOH 29  192 192 HOH HOH A . 
H 5 HOH 30  193 193 HOH HOH A . 
H 5 HOH 31  194 194 HOH HOH A . 
H 5 HOH 32  195 195 HOH HOH A . 
H 5 HOH 33  196 196 HOH HOH A . 
H 5 HOH 34  197 197 HOH HOH A . 
H 5 HOH 35  198 198 HOH HOH A . 
H 5 HOH 36  199 199 HOH HOH A . 
H 5 HOH 37  201 201 HOH HOH A . 
H 5 HOH 38  202 202 HOH HOH A . 
H 5 HOH 39  203 203 HOH HOH A . 
H 5 HOH 40  204 204 HOH HOH A . 
H 5 HOH 41  205 205 HOH HOH A . 
H 5 HOH 42  206 206 HOH HOH A . 
H 5 HOH 43  207 207 HOH HOH A . 
H 5 HOH 44  208 208 HOH HOH A . 
H 5 HOH 45  209 209 HOH HOH A . 
H 5 HOH 46  210 210 HOH HOH A . 
H 5 HOH 47  211 211 HOH HOH A . 
H 5 HOH 48  212 212 HOH HOH A . 
H 5 HOH 49  213 213 HOH HOH A . 
H 5 HOH 50  214 214 HOH HOH A . 
H 5 HOH 51  215 215 HOH HOH A . 
H 5 HOH 52  216 216 HOH HOH A . 
H 5 HOH 53  217 217 HOH HOH A . 
H 5 HOH 54  218 218 HOH HOH A . 
H 5 HOH 55  219 219 HOH HOH A . 
H 5 HOH 56  220 220 HOH HOH A . 
H 5 HOH 57  221 221 HOH HOH A . 
H 5 HOH 58  222 222 HOH HOH A . 
H 5 HOH 59  223 223 HOH HOH A . 
H 5 HOH 60  224 224 HOH HOH A . 
H 5 HOH 61  225 225 HOH HOH A . 
H 5 HOH 62  226 226 HOH HOH A . 
H 5 HOH 63  227 227 HOH HOH A . 
H 5 HOH 64  228 228 HOH HOH A . 
H 5 HOH 65  229 229 HOH HOH A . 
H 5 HOH 66  230 230 HOH HOH A . 
H 5 HOH 67  231 231 HOH HOH A . 
H 5 HOH 68  232 232 HOH HOH A . 
H 5 HOH 69  233 233 HOH HOH A . 
H 5 HOH 70  234 234 HOH HOH A . 
H 5 HOH 71  235 235 HOH HOH A . 
H 5 HOH 72  236 236 HOH HOH A . 
H 5 HOH 73  237 237 HOH HOH A . 
H 5 HOH 74  238 238 HOH HOH A . 
H 5 HOH 75  239 239 HOH HOH A . 
H 5 HOH 76  240 240 HOH HOH A . 
H 5 HOH 77  241 241 HOH HOH A . 
H 5 HOH 78  242 242 HOH HOH A . 
H 5 HOH 79  243 243 HOH HOH A . 
H 5 HOH 80  244 244 HOH HOH A . 
H 5 HOH 81  245 245 HOH HOH A . 
H 5 HOH 82  246 246 HOH HOH A . 
H 5 HOH 83  247 247 HOH HOH A . 
H 5 HOH 84  248 248 HOH HOH A . 
H 5 HOH 85  249 249 HOH HOH A . 
H 5 HOH 86  250 250 HOH HOH A . 
H 5 HOH 87  251 251 HOH HOH A . 
H 5 HOH 88  252 252 HOH HOH A . 
H 5 HOH 89  253 253 HOH HOH A . 
H 5 HOH 90  254 254 HOH HOH A . 
H 5 HOH 91  255 255 HOH HOH A . 
H 5 HOH 92  256 256 HOH HOH A . 
H 5 HOH 93  257 257 HOH HOH A . 
H 5 HOH 94  258 258 HOH HOH A . 
H 5 HOH 95  259 259 HOH HOH A . 
H 5 HOH 96  260 260 HOH HOH A . 
H 5 HOH 97  261 261 HOH HOH A . 
H 5 HOH 98  262 262 HOH HOH A . 
H 5 HOH 99  263 263 HOH HOH A . 
H 5 HOH 100 264 264 HOH HOH A . 
H 5 HOH 101 265 265 HOH HOH A . 
H 5 HOH 102 266 266 HOH HOH A . 
H 5 HOH 103 267 267 HOH HOH A . 
H 5 HOH 104 268 268 HOH HOH A . 
H 5 HOH 105 269 269 HOH HOH A . 
H 5 HOH 106 270 270 HOH HOH A . 
H 5 HOH 107 271 271 HOH HOH A . 
H 5 HOH 108 272 272 HOH HOH A . 
H 5 HOH 109 273 273 HOH HOH A . 
H 5 HOH 110 274 274 HOH HOH A . 
H 5 HOH 111 275 275 HOH HOH A . 
H 5 HOH 112 276 276 HOH HOH A . 
# 
loop_
_pdbx_unobs_or_zero_occ_atoms.id 
_pdbx_unobs_or_zero_occ_atoms.PDB_model_num 
_pdbx_unobs_or_zero_occ_atoms.polymer_flag 
_pdbx_unobs_or_zero_occ_atoms.occupancy_flag 
_pdbx_unobs_or_zero_occ_atoms.auth_asym_id 
_pdbx_unobs_or_zero_occ_atoms.auth_comp_id 
_pdbx_unobs_or_zero_occ_atoms.auth_seq_id 
_pdbx_unobs_or_zero_occ_atoms.PDB_ins_code 
_pdbx_unobs_or_zero_occ_atoms.auth_atom_id 
_pdbx_unobs_or_zero_occ_atoms.label_alt_id 
_pdbx_unobs_or_zero_occ_atoms.label_asym_id 
_pdbx_unobs_or_zero_occ_atoms.label_comp_id 
_pdbx_unobs_or_zero_occ_atoms.label_seq_id 
_pdbx_unobs_or_zero_occ_atoms.label_atom_id 
1  1 N 1 A PE4 301 ? C6  ? D PE4 1 C6  
2  1 N 1 A PE4 301 ? O4  ? D PE4 1 O4  
3  1 N 1 A PE4 301 ? C7  ? D PE4 1 C7  
4  1 N 1 A PE4 301 ? C8  ? D PE4 1 C8  
5  1 N 1 A PE4 301 ? O5  ? D PE4 1 O5  
6  1 N 1 A PE4 301 ? C9  ? D PE4 1 C9  
7  1 N 1 A PE4 301 ? C10 ? D PE4 1 C10 
8  1 N 1 A PE4 301 ? O6  ? D PE4 1 O6  
9  1 N 1 A PE4 301 ? C11 ? D PE4 1 C11 
10 1 N 1 A PE4 301 ? C12 ? D PE4 1 C12 
11 1 N 1 A PE4 301 ? O7  ? D PE4 1 O7  
12 1 N 1 A PE4 301 ? C13 ? D PE4 1 C13 
13 1 N 1 A PE4 301 ? C14 ? D PE4 1 C14 
14 1 N 1 A PE4 301 ? O8  ? D PE4 1 O8  
15 1 N 1 A PE4 301 ? C15 ? D PE4 1 C15 
16 1 N 1 A PE4 301 ? C16 ? D PE4 1 C16 
17 1 N 1 A PE4 302 ? C6  ? E PE4 1 C6  
18 1 N 1 A PE4 302 ? O4  ? E PE4 1 O4  
19 1 N 1 A PE4 302 ? C7  ? E PE4 1 C7  
20 1 N 1 A PE4 302 ? C8  ? E PE4 1 C8  
21 1 N 1 A PE4 302 ? O5  ? E PE4 1 O5  
22 1 N 1 A PE4 302 ? C9  ? E PE4 1 C9  
23 1 N 1 A PE4 302 ? C10 ? E PE4 1 C10 
24 1 N 1 A PE4 302 ? O6  ? E PE4 1 O6  
25 1 N 1 A PE4 302 ? C11 ? E PE4 1 C11 
26 1 N 1 A PE4 302 ? C12 ? E PE4 1 C12 
27 1 N 1 A PE4 302 ? O7  ? E PE4 1 O7  
28 1 N 1 A PE4 302 ? C13 ? E PE4 1 C13 
29 1 N 1 A PE4 302 ? C14 ? E PE4 1 C14 
30 1 N 1 A PE4 302 ? O8  ? E PE4 1 O8  
31 1 N 1 A PE4 302 ? C15 ? E PE4 1 C15 
32 1 N 1 A PE4 302 ? C16 ? E PE4 1 C16 
# 
loop_
_software.pdbx_ordinal 
_software.name 
_software.version 
_software.date 
_software.type 
_software.contact_author 
_software.contact_author_email 
_software.classification 
_software.location 
_software.language 
_software.citation_id 
1 DENZO       .    ?               package 'Zbyszek Otwinowski' hkl@hkl-xray.com         'data reduction'  
http://www.hkl-xray.com/                     ?          ? 
2 SCALEPACK   .    ?               package 'Zbyszek Otwinowski' hkl@hkl-xray.com         'data scaling'    
http://www.hkl-xray.com/                     ?          ? 
3 REFMAC      .    ?               program 'Garib N. Murshudov' garib@ysbl.york.ac.uk    refinement        
http://www.ccp4.ac.uk/dist/html/refmac5.html Fortran_77 ? 
4 PDB_EXTRACT 3.10 'June 10, 2010' package PDB                  deposit@deposit.rcsb.org 'data extraction' 
http://sw-tools.pdb.org/apps/PDB_EXTRACT/    C++        ? 
5 HKL-2000    .    ?               ?       ?                    ?                        'data collection' ? ?          ? 
6 MOLREP      .    ?               ?       ?                    ?                        phasing           ? ?          ? 
# 
_cell.entry_id           3OOB 
_cell.length_a           69.409 
_cell.length_b           69.409 
_cell.length_c           79.268 
_cell.angle_alpha        90.00 
_cell.angle_beta         90.00 
_cell.angle_gamma        120.00 
_cell.Z_PDB              6 
_cell.pdbx_unique_axis   ? 
# 
_symmetry.entry_id                         3OOB 
_symmetry.space_group_name_H-M             'P 31 2 1' 
_symmetry.pdbx_full_space_group_name_H-M   ? 
_symmetry.cell_setting                     ? 
_symmetry.Int_Tables_number                152 
# 
_exptl.crystals_number   1 
_exptl.entry_id          3OOB 
_exptl.method            'X-RAY DIFFRACTION' 
# 
_exptl_crystal.id                    1 
_exptl_crystal.density_Matthews      3.03 
_exptl_crystal.density_meas          ? 
_exptl_crystal.density_percent_sol   59.42 
_exptl_crystal.description           ? 
_exptl_crystal.F_000                 ? 
_exptl_crystal.preparation           ? 
# 
_exptl_crystal_grow.crystal_id      1 
_exptl_crystal_grow.method          'VAPOR DIFFUSION, SITTING DROP' 
_exptl_crystal_grow.pH              7.5 
_exptl_crystal_grow.temp            277 
_exptl_crystal_grow.temp_details    ? 
_exptl_crystal_grow.pdbx_details    
'2.2-2.7M Ammonium Sulfate, 1% PEG400, 1mM Dithiothreitol, 100mM HEPES, pH 7.5, VAPOR DIFFUSION, SITTING DROP, temperature 277K' 
_exptl_crystal_grow.pdbx_pH_range   ? 
# 
_diffrn.id                     1 
_diffrn.ambient_temp           100 
_diffrn.ambient_temp_details   ? 
_diffrn.crystal_id             1 
# 
_diffrn_detector.diffrn_id              1 
_diffrn_detector.detector               CCD 
_diffrn_detector.type                   'MARMOSAIC 300 mm CCD' 
_diffrn_detector.pdbx_collection_date   2007-08-23 
_diffrn_detector.details                Mirrors 
# 
_diffrn_radiation.diffrn_id                        1 
_diffrn_radiation.wavelength_id                    1 
_diffrn_radiation.pdbx_diffrn_protocol             'SINGLE WAVELENGTH' 
_diffrn_radiation.monochromator                    'Si 111 CHANNEL' 
_diffrn_radiation.pdbx_monochromatic_or_laue_m_l   M 
_diffrn_radiation.pdbx_scattering_type             x-ray 
# 
_diffrn_radiation_wavelength.id           1 
_diffrn_radiation_wavelength.wavelength   0.99188 
_diffrn_radiation_wavelength.wt           1.0 
# 
_diffrn_source.diffrn_id                   1 
_diffrn_source.source                      SYNCHROTRON 
_diffrn_source.type                        'APS BEAMLINE 23-ID-D' 
_diffrn_source.pdbx_wavelength             ? 
_diffrn_source.pdbx_wavelength_list        0.99188 
_diffrn_source.pdbx_synchrotron_site       APS 
_diffrn_source.pdbx_synchrotron_beamline   23-ID-D 
# 
_reflns.entry_id                     3OOB 
_reflns.d_resolution_high            1.900 
_reflns.d_resolution_low             30.000 
_reflns.number_obs                   17999 
_reflns.pdbx_Rmerge_I_obs            0.095 
_reflns.pdbx_netI_over_sigmaI        8.900 
_reflns.pdbx_chi_squared             1.261 
_reflns.pdbx_redundancy              10.800 
_reflns.percent_possible_obs         99.900 
_reflns.observed_criterion_sigma_F   ? 
_reflns.observed_criterion_sigma_I   ? 
_reflns.number_all                   ? 
_reflns.pdbx_Rsym_value              ? 
_reflns.B_iso_Wilson_estimate        ? 
_reflns.R_free_details               ? 
_reflns.limit_h_max                  ? 
_reflns.limit_h_min                  ? 
_reflns.limit_k_max                  ? 
_reflns.limit_k_min                  ? 
_reflns.limit_l_max                  ? 
_reflns.limit_l_min                  ? 
_reflns.observed_criterion_F_max     ? 
_reflns.observed_criterion_F_min     ? 
_reflns.pdbx_scaling_rejects         ? 
_reflns.pdbx_ordinal                 1 
_reflns.pdbx_diffrn_id               1 
# 
loop_
_reflns_shell.d_res_high 
_reflns_shell.d_res_low 
_reflns_shell.number_measured_obs 
_reflns_shell.number_measured_all 
_reflns_shell.number_unique_obs 
_reflns_shell.Rmerge_I_obs 
_reflns_shell.meanI_over_sigI_obs 
_reflns_shell.pdbx_Rsym_value 
_reflns_shell.pdbx_chi_squared 
_reflns_shell.pdbx_redundancy 
_reflns_shell.percent_possible_obs 
_reflns_shell.number_unique_all 
_reflns_shell.percent_possible_all 
_reflns_shell.pdbx_ordinal 
_reflns_shell.pdbx_diffrn_id 
1.900 1.970  ? ? ? 0.498 ? ? 0.847 10.400 ? 1744 99.000  1  1 
1.970 2.050  ? ? ? 0.385 ? ? 0.895 11.000 ? 1783 100.000 2  1 
2.050 2.140  ? ? ? 0.277 ? ? 0.987 11.000 ? 1753 100.000 3  1 
2.140 2.250  ? ? ? 0.227 ? ? 1.109 11.000 ? 1794 100.000 4  1 
2.250 2.390  ? ? ? 0.203 ? ? 1.220 11.000 ? 1780 100.000 5  1 
2.390 2.580  ? ? ? 0.164 ? ? 1.354 10.900 ? 1789 100.000 6  1 
2.580 2.840  ? ? ? 0.126 ? ? 1.402 10.900 ? 1791 100.000 7  1 
2.840 3.250  ? ? ? 0.097 ? ? 1.468 10.900 ? 1799 100.000 8  1 
3.250 4.090  ? ? ? 0.081 ? ? 1.646 10.800 ? 1841 100.000 9  1 
4.090 30.000 ? ? ? 0.059 ? ? 1.637 10.300 ? 1925 100.000 10 1 
# 
_refine.entry_id                                 3OOB 
_refine.ls_d_res_high                            1.8900 
_refine.ls_d_res_low                             28.1000 
_refine.pdbx_ls_sigma_F                          0.000 
_refine.pdbx_data_cutoff_high_absF               ? 
_refine.pdbx_data_cutoff_low_absF                ? 
_refine.ls_percent_reflns_obs                    99.7600 
_refine.ls_number_reflns_obs                     17967 
_refine.ls_number_reflns_all                     ? 
_refine.pdbx_ls_cross_valid_method               THROUGHOUT 
_refine.pdbx_R_Free_selection_details            RANDOM 
_refine.details                                  'HYDROGENS HAVE BEEN ADDED IN THE RIDING POSITIONS' 
_refine.ls_R_factor_all                          ? 
_refine.ls_R_factor_obs                          0.1918 
_refine.ls_R_factor_R_work                       0.1898 
_refine.ls_wR_factor_R_work                      0.1943 
_refine.ls_R_factor_R_free                       0.2316 
_refine.ls_wR_factor_R_free                      0.2367 
_refine.ls_percent_reflns_R_free                 5.0000 
_refine.ls_number_reflns_R_free                  902 
_refine.ls_R_factor_R_free_error                 ? 
_refine.B_iso_mean                               30.8833 
_refine.solvent_model_param_bsol                 ? 
_refine.solvent_model_param_ksol                 ? 
_refine.pdbx_isotropic_thermal_model             ? 
_refine.aniso_B[1][1]                            2.2200 
_refine.aniso_B[2][2]                            2.2200 
_refine.aniso_B[3][3]                            -3.3200 
_refine.aniso_B[1][2]                            1.1100 
_refine.aniso_B[1][3]                            0.0000 
_refine.aniso_B[2][3]                            0.0000 
_refine.correlation_coeff_Fo_to_Fc               0.9590 
_refine.correlation_coeff_Fo_to_Fc_free          0.9490 
_refine.overall_SU_R_Cruickshank_DPI             0.1291 
_refine.overall_SU_R_free                        0.1299 
_refine.pdbx_overall_ESU_R_Free                  0.1300 
_refine.overall_SU_ML                            0.0910 
_refine.overall_SU_B                             3.0410 
_refine.solvent_model_details                    MASK 
_refine.pdbx_solvent_vdw_probe_radii             1.2000 
_refine.pdbx_solvent_ion_probe_radii             0.8000 
_refine.pdbx_solvent_shrinkage_radii             0.8000 
_refine.ls_number_parameters                     ? 
_refine.ls_number_restraints                     ? 
_refine.pdbx_starting_model                      ? 
_refine.pdbx_method_to_determine_struct          'MOLECULAR REPLACEMENT' 
_refine.pdbx_stereochemistry_target_values       'MAXIMUM LIKELIHOOD' 
_refine.pdbx_stereochem_target_val_spec_case     ? 
_refine.overall_FOM_work_R_set                   0.8449 
_refine.B_iso_max                                56.990 
_refine.B_iso_min                                16.250 
_refine.occupancy_max                            1.000 
_refine.occupancy_min                            0.100 
_refine.pdbx_ls_sigma_I                          ? 
_refine.ls_redundancy_reflns_obs                 ? 
_refine.ls_R_factor_R_free_error_details         ? 
_refine.pdbx_data_cutoff_high_rms_absF           ? 
_refine.overall_FOM_free_R_set                   ? 
_refine.pdbx_overall_phase_error                 ? 
_refine.pdbx_refine_id                           'X-RAY DIFFRACTION' 
_refine.pdbx_overall_ESU_R                       ? 
_refine.pdbx_diffrn_id                           1 
_refine.pdbx_TLS_residual_ADP_flag               ? 
_refine.pdbx_overall_SU_R_free_Cruickshank_DPI   ? 
_refine.pdbx_overall_SU_R_Blow_DPI               ? 
_refine.pdbx_overall_SU_R_free_Blow_DPI          ? 
# 
_refine_hist.pdbx_refine_id                   'X-RAY DIFFRACTION' 
_refine_hist.cycle_id                         LAST 
_refine_hist.pdbx_number_atoms_protein        1165 
_refine_hist.pdbx_number_atoms_nucleic_acid   0 
_refine_hist.pdbx_number_atoms_ligand         111 
_refine_hist.number_atoms_solvent             112 
_refine_hist.number_atoms_total               1388 
_refine_hist.d_res_high                       1.8900 
_refine_hist.d_res_low                        28.1000 
# 
loop_
_refine_ls_restr.type 
_refine_ls_restr.number 
_refine_ls_restr.dev_ideal 
_refine_ls_restr.dev_ideal_target 
_refine_ls_restr.weight 
_refine_ls_restr.pdbx_refine_id 
_refine_ls_restr.pdbx_restraint_function 
r_bond_refined_d         1365 0.011  0.021  ? 'X-RAY DIFFRACTION' ? 
r_angle_refined_deg      1839 1.317  2.034  ? 'X-RAY DIFFRACTION' ? 
r_dihedral_angle_1_deg   160  6.218  5.000  ? 'X-RAY DIFFRACTION' ? 
r_dihedral_angle_2_deg   62   29.549 22.258 ? 'X-RAY DIFFRACTION' ? 
r_dihedral_angle_3_deg   234  14.168 15.000 ? 'X-RAY DIFFRACTION' ? 
r_dihedral_angle_4_deg   15   21.693 15.000 ? 'X-RAY DIFFRACTION' ? 
r_chiral_restr           178  0.092  0.200  ? 'X-RAY DIFFRACTION' ? 
r_gen_planes_refined     1033 0.005  0.020  ? 'X-RAY DIFFRACTION' ? 
r_nbd_refined            604  0.194  0.200  ? 'X-RAY DIFFRACTION' ? 
r_nbtor_refined          914  0.307  0.200  ? 'X-RAY DIFFRACTION' ? 
r_xyhbond_nbd_refined    117  0.122  0.200  ? 'X-RAY DIFFRACTION' ? 
r_symmetry_vdw_refined   52   0.188  0.200  ? 'X-RAY DIFFRACTION' ? 
r_symmetry_hbond_refined 33   0.178  0.200  ? 'X-RAY DIFFRACTION' ? 
r_mcbond_it              783  0.833  1.500  ? 'X-RAY DIFFRACTION' ? 
r_mcangle_it             1218 1.334  2.000  ? 'X-RAY DIFFRACTION' ? 
r_scbond_it              701  1.941  3.000  ? 'X-RAY DIFFRACTION' ? 
r_scangle_it             613  2.952  4.500  ? 'X-RAY DIFFRACTION' ? 
# 
_refine_ls_shell.d_res_high                       1.8950 
_refine_ls_shell.d_res_low                        1.9440 
_refine_ls_shell.pdbx_total_number_of_bins_used   20 
_refine_ls_shell.percent_reflns_obs               96.8800 
_refine_ls_shell.number_reflns_R_work             1205 
_refine_ls_shell.R_factor_all                     ? 
_refine_ls_shell.R_factor_R_work                  0.2360 
_refine_ls_shell.R_factor_R_free                  0.3750 
_refine_ls_shell.percent_reflns_R_free            ? 
_refine_ls_shell.number_reflns_R_free             66 
_refine_ls_shell.R_factor_R_free_error            ? 
_refine_ls_shell.number_reflns_all                1271 
_refine_ls_shell.number_reflns_obs                ? 
_refine_ls_shell.redundancy_reflns_obs            ? 
_refine_ls_shell.pdbx_refine_id                   'X-RAY DIFFRACTION' 
# 
_struct.entry_id                  3OOB 
_struct.title                     'Structural and functional insights of directly targeting Pin1 by Epigallocatechin-3-gallate' 
_struct.pdbx_model_details        ? 
_struct.pdbx_CASP_flag            ? 
_struct.pdbx_model_type_details   ? 
# 
_struct_keywords.entry_id        3OOB 
_struct_keywords.pdbx_keywords   ISOMERASE 
_struct_keywords.text            
;WW domain-like peptidyl prolyl isomerase, phosphorylation-dependent cis/trans isomerase, proteins with pSer/pThr-Pro motif, ISOMERASE
;
# 
loop_
_struct_asym.id 
_struct_asym.pdbx_blank_PDB_chainid_flag 
_struct_asym.pdbx_modified 
_struct_asym.entity_id 
_struct_asym.details 
A N N 1 ? 
B N N 2 ? 
C N N 3 ? 
D N N 3 ? 
E N N 3 ? 
F N N 4 ? 
G N N 4 ? 
H N N 5 ? 
# 
_struct_ref.id                         1 
_struct_ref.db_name                    UNP 
_struct_ref.db_code                    PIN1_HUMAN 
_struct_ref.pdbx_db_accession          Q13526 
_struct_ref.entity_id                  1 
_struct_ref.pdbx_seq_one_letter_code   
;MADEEKLPPGWEKRMSRSSGRVYYFNHITNASQWERPSGNSSSGGKNGQGEPARVRCSHLLVKHSQSRRPSSWRQEKITR
TKEEALELINGYIQKIKSGEEDFESLASQFSDCSSAKARGDLGAFSRGQMQKPFEDASFALRTGEMSGPVFTDSGIHIIL
RTE
;
_struct_ref.pdbx_align_begin           1 
_struct_ref.pdbx_db_isoform            ? 
# 
_struct_ref_seq.align_id                      1 
_struct_ref_seq.ref_id                        1 
_struct_ref_seq.pdbx_PDB_id_code              3OOB 
_struct_ref_seq.pdbx_strand_id                A 
_struct_ref_seq.seq_align_beg                 1 
_struct_ref_seq.pdbx_seq_align_beg_ins_code   ? 
_struct_ref_seq.seq_align_end                 163 
_struct_ref_seq.pdbx_seq_align_end_ins_code   ? 
_struct_ref_seq.pdbx_db_accession             Q13526 
_struct_ref_seq.db_align_beg                  1 
_struct_ref_seq.pdbx_db_align_beg_ins_code    ? 
_struct_ref_seq.db_align_end                  163 
_struct_ref_seq.pdbx_db_align_end_ins_code    ? 
_struct_ref_seq.pdbx_auth_seq_align_beg       1 
_struct_ref_seq.pdbx_auth_seq_align_end       163 
# 
_struct_ref_seq_dif.align_id                     1 
_struct_ref_seq_dif.pdbx_pdb_id_code             3OOB 
_struct_ref_seq_dif.mon_id                       ALA 
_struct_ref_seq_dif.pdbx_pdb_strand_id           A 
_struct_ref_seq_dif.seq_num                      14 
_struct_ref_seq_dif.pdbx_pdb_ins_code            ? 
_struct_ref_seq_dif.pdbx_seq_db_name             UNP 
_struct_ref_seq_dif.pdbx_seq_db_accession_code   Q13526 
_struct_ref_seq_dif.db_mon_id                    ARG 
_struct_ref_seq_dif.pdbx_seq_db_seq_num          14 
_struct_ref_seq_dif.details                      'engineered mutation' 
_struct_ref_seq_dif.pdbx_auth_seq_num            14 
_struct_ref_seq_dif.pdbx_ordinal                 1 
# 
_pdbx_struct_assembly.id                   1 
_pdbx_struct_assembly.details              author_and_software_defined_assembly 
_pdbx_struct_assembly.method_details       PISA 
_pdbx_struct_assembly.oligomeric_details   monomeric 
_pdbx_struct_assembly.oligomeric_count     1 
# 
_pdbx_struct_assembly_gen.assembly_id       1 
_pdbx_struct_assembly_gen.oper_expression   1 
_pdbx_struct_assembly_gen.asym_id_list      A,B,C,D,E,F,G,H 
# 
_pdbx_struct_oper_list.id                   1 
_pdbx_struct_oper_list.type                 'identity operation' 
_pdbx_struct_oper_list.name                 1_555 
_pdbx_struct_oper_list.symmetry_operation   x,y,z 
_pdbx_struct_oper_list.matrix[1][1]         1.0000000000 
_pdbx_struct_oper_list.matrix[1][2]         0.0000000000 
_pdbx_struct_oper_list.matrix[1][3]         0.0000000000 
_pdbx_struct_oper_list.vector[1]            0.0000000000 
_pdbx_struct_oper_list.matrix[2][1]         0.0000000000 
_pdbx_struct_oper_list.matrix[2][2]         1.0000000000 
_pdbx_struct_oper_list.matrix[2][3]         0.0000000000 
_pdbx_struct_oper_list.vector[2]            0.0000000000 
_pdbx_struct_oper_list.matrix[3][1]         0.0000000000 
_pdbx_struct_oper_list.matrix[3][2]         0.0000000000 
_pdbx_struct_oper_list.matrix[3][3]         1.0000000000 
_pdbx_struct_oper_list.vector[3]            0.0000000000 
# 
_struct_biol.id        1 
_struct_biol.details   ? 
# 
loop_
_struct_conf.conf_type_id 
_struct_conf.id 
_struct_conf.pdbx_PDB_helix_id 
_struct_conf.beg_label_comp_id 
_struct_conf.beg_label_asym_id 
_struct_conf.beg_label_seq_id 
_struct_conf.pdbx_beg_PDB_ins_code 
_struct_conf.end_label_comp_id 
_struct_conf.end_label_asym_id 
_struct_conf.end_label_seq_id 
_struct_conf.pdbx_end_PDB_ins_code 
_struct_conf.beg_auth_comp_id 
_struct_conf.beg_auth_asym_id 
_struct_conf.beg_auth_seq_id 
_struct_conf.end_auth_comp_id 
_struct_conf.end_auth_asym_id 
_struct_conf.end_auth_seq_id 
_struct_conf.pdbx_PDB_helix_class 
_struct_conf.details 
_struct_conf.pdbx_PDB_helix_length 
HELX_P HELX_P1 1 THR A 81  ? SER A 98  ? THR A 81  SER A 98  1 ? 18 
HELX_P HELX_P2 2 ASP A 102 ? SER A 111 ? ASP A 102 SER A 111 1 ? 10 
HELX_P HELX_P3 3 CYS A 113 ? ARG A 119 ? CYS A 113 ARG A 119 5 ? 7  
HELX_P HELX_P4 4 GLN A 131 ? LEU A 141 ? GLN A 131 LEU A 141 1 ? 11 
# 
_struct_conf_type.id          HELX_P 
_struct_conf_type.criteria    ? 
_struct_conf_type.reference   ? 
# 
loop_
_struct_sheet.id 
_struct_sheet.type 
_struct_sheet.number_strands 
_struct_sheet.details 
A ? 3 ? 
B ? 4 ? 
# 
loop_
_struct_sheet_order.sheet_id 
_struct_sheet_order.range_id_1 
_struct_sheet_order.range_id_2 
_struct_sheet_order.offset 
_struct_sheet_order.sense 
A 1 2 ? anti-parallel 
A 2 3 ? anti-parallel 
B 1 2 ? anti-parallel 
B 2 3 ? anti-parallel 
B 3 4 ? anti-parallel 
# 
loop_
_struct_sheet_range.sheet_id 
_struct_sheet_range.id 
_struct_sheet_range.beg_label_comp_id 
_struct_sheet_range.beg_label_asym_id 
_struct_sheet_range.beg_label_seq_id 
_struct_sheet_range.pdbx_beg_PDB_ins_code 
_struct_sheet_range.end_label_comp_id 
_struct_sheet_range.end_label_asym_id 
_struct_sheet_range.end_label_seq_id 
_struct_sheet_range.pdbx_end_PDB_ins_code 
_struct_sheet_range.beg_auth_comp_id 
_struct_sheet_range.beg_auth_asym_id 
_struct_sheet_range.beg_auth_seq_id 
_struct_sheet_range.end_auth_comp_id 
_struct_sheet_range.end_auth_asym_id 
_struct_sheet_range.end_auth_seq_id 
A 1 TRP A 11  ? MET A 15  ? TRP A 11  MET A 15  
A 2 VAL A 22  ? ASN A 26  ? VAL A 22  ASN A 26  
A 3 SER A 32  ? GLN A 33  ? SER A 32  GLN A 33  
B 1 ASP A 121 ? SER A 126 ? ASP A 121 SER A 126 
B 2 ARG A 54  ? VAL A 62  ? ARG A 54  VAL A 62  
B 3 GLY A 155 ? ARG A 161 ? GLY A 155 ARG A 161 
B 4 VAL A 150 ? THR A 152 ? VAL A 150 THR A 152 
# 
loop_
_pdbx_struct_sheet_hbond.sheet_id 
_pdbx_struct_sheet_hbond.range_id_1 
_pdbx_struct_sheet_hbond.range_id_2 
_pdbx_struct_sheet_hbond.range_1_label_atom_id 
_pdbx_struct_sheet_hbond.range_1_label_comp_id 
_pdbx_struct_sheet_hbond.range_1_label_asym_id 
_pdbx_struct_sheet_hbond.range_1_label_seq_id 
_pdbx_struct_sheet_hbond.range_1_PDB_ins_code 
_pdbx_struct_sheet_hbond.range_1_auth_atom_id 
_pdbx_struct_sheet_hbond.range_1_auth_comp_id 
_pdbx_struct_sheet_hbond.range_1_auth_asym_id 
_pdbx_struct_sheet_hbond.range_1_auth_seq_id 
_pdbx_struct_sheet_hbond.range_2_label_atom_id 
_pdbx_struct_sheet_hbond.range_2_label_comp_id 
_pdbx_struct_sheet_hbond.range_2_label_asym_id 
_pdbx_struct_sheet_hbond.range_2_label_seq_id 
_pdbx_struct_sheet_hbond.range_2_PDB_ins_code 
_pdbx_struct_sheet_hbond.range_2_auth_atom_id 
_pdbx_struct_sheet_hbond.range_2_auth_comp_id 
_pdbx_struct_sheet_hbond.range_2_auth_asym_id 
_pdbx_struct_sheet_hbond.range_2_auth_seq_id 
A 1 2 N GLU A 12  ? N GLU A 12  O PHE A 25  ? O PHE A 25  
A 2 3 N TYR A 24  ? N TYR A 24  O GLN A 33  ? O GLN A 33  
B 1 2 O LEU A 122 ? O LEU A 122 N CYS A 57  ? N CYS A 57  
B 2 3 N SER A 58  ? N SER A 58  O LEU A 160 ? O LEU A 160 
B 3 4 O HIS A 157 ? O HIS A 157 N VAL A 150 ? N VAL A 150 
# 
loop_
_struct_site.id 
_struct_site.pdbx_evidence_code 
_struct_site.pdbx_auth_asym_id 
_struct_site.pdbx_auth_comp_id 
_struct_site.pdbx_auth_seq_id 
_struct_site.pdbx_auth_ins_code 
_struct_site.pdbx_num_residues 
_struct_site.details 
AC1 Software A SO4 200 ? 5  'BINDING SITE FOR RESIDUE SO4 A 200' 
AC2 Software A PE4 300 ? 18 'BINDING SITE FOR RESIDUE PE4 A 300' 
AC3 Software A PE4 301 ? 1  'BINDING SITE FOR RESIDUE PE4 A 301' 
AC4 Software A PE4 302 ? 5  'BINDING SITE FOR RESIDUE PE4 A 302' 
AC5 Software A KDH 402 ? 13 'BINDING SITE FOR RESIDUE KDH A 402' 
AC6 Software A KDH 403 ? 10 'BINDING SITE FOR RESIDUE KDH A 403' 
# 
loop_
_struct_site_gen.id 
_struct_site_gen.site_id 
_struct_site_gen.pdbx_num_res 
_struct_site_gen.label_comp_id 
_struct_site_gen.label_asym_id 
_struct_site_gen.label_seq_id 
_struct_site_gen.pdbx_auth_ins_code 
_struct_site_gen.auth_comp_id 
_struct_site_gen.auth_asym_id 
_struct_site_gen.auth_seq_id 
_struct_site_gen.label_atom_id 
_struct_site_gen.label_alt_id 
_struct_site_gen.symmetry 
_struct_site_gen.details 
1  AC1 5  LYS A 63  ? LYS A 63  . ? 1_555 ? 
2  AC1 5  ARG A 68  ? ARG A 68  . ? 1_555 ? 
3  AC1 5  ARG A 69  ? ARG A 69  . ? 1_555 ? 
4  AC1 5  SER A 154 ? SER A 154 . ? 1_555 ? 
5  AC1 5  HOH H .   ? HOH A 252 . ? 1_555 ? 
6  AC2 18 TYR A 23  ? TYR A 23  . ? 1_555 ? 
7  AC2 18 ALA A 31  ? ALA A 31  . ? 1_555 ? 
8  AC2 18 SER A 32  ? SER A 32  . ? 1_555 ? 
9  AC2 18 GLN A 33  ? GLN A 33  . ? 1_555 ? 
10 AC2 18 TRP A 34  ? TRP A 34  . ? 1_555 ? 
11 AC2 18 GLU A 35  ? GLU A 35  . ? 5_555 ? 
12 AC2 18 ILE A 93  ? ILE A 93  . ? 1_555 ? 
13 AC2 18 LYS A 97  ? LYS A 97  . ? 1_555 ? 
14 AC2 18 LYS A 97  ? LYS A 97  . ? 5_555 ? 
15 AC2 18 SER A 98  ? SER A 98  . ? 5_555 ? 
16 AC2 18 MET A 146 ? MET A 146 . ? 1_555 ? 
17 AC2 18 SER A 147 ? SER A 147 . ? 1_555 ? 
18 AC2 18 GLY A 148 ? GLY A 148 . ? 1_555 ? 
19 AC2 18 HOH H .   ? HOH A 168 . ? 1_555 ? 
20 AC2 18 HOH H .   ? HOH A 212 . ? 1_555 ? 
21 AC2 18 HOH H .   ? HOH A 216 . ? 1_555 ? 
22 AC2 18 HOH H .   ? HOH A 247 . ? 1_555 ? 
23 AC2 18 KDH F .   ? KDH A 402 . ? 1_555 ? 
24 AC3 1  GLY A 128 ? GLY A 128 . ? 1_555 ? 
25 AC4 5  MET A 130 ? MET A 130 . ? 1_555 ? 
26 AC4 5  GLN A 131 ? GLN A 131 . ? 1_555 ? 
27 AC4 5  PHE A 134 ? PHE A 134 . ? 1_555 ? 
28 AC4 5  HOH H .   ? HOH A 249 . ? 1_555 ? 
29 AC4 5  HOH H .   ? HOH A 273 . ? 1_555 ? 
30 AC5 13 MET A 15  ? MET A 15  . ? 1_555 ? 
31 AC5 13 SER A 16  ? SER A 16  . ? 1_555 ? 
32 AC5 13 ARG A 17  ? ARG A 17  . ? 1_555 ? 
33 AC5 13 SER A 18  ? SER A 18  . ? 1_555 ? 
34 AC5 13 TYR A 23  ? TYR A 23  . ? 1_555 ? 
35 AC5 13 GLU A 76  ? GLU A 76  . ? 2_655 ? 
36 AC5 13 ARG A 127 ? ARG A 127 . ? 4_546 ? 
37 AC5 13 LYS A 132 ? LYS A 132 . ? 4_546 ? 
38 AC5 13 GLU A 135 ? GLU A 135 . ? 4_546 ? 
39 AC5 13 HOH H .   ? HOH A 191 . ? 2_655 ? 
40 AC5 13 HOH H .   ? HOH A 241 . ? 1_555 ? 
41 AC5 13 PE4 C .   ? PE4 A 300 . ? 1_555 ? 
42 AC5 13 KDH G .   ? KDH A 403 . ? 2_655 ? 
43 AC6 10 ARG A 69  ? ARG A 69  . ? 1_555 ? 
44 AC6 10 SER A 72  ? SER A 72  . ? 1_555 ? 
45 AC6 10 TRP A 73  ? TRP A 73  . ? 1_555 ? 
46 AC6 10 LEU A 86  ? LEU A 86  . ? 3_664 ? 
47 AC6 10 ASN A 90  ? ASN A 90  . ? 3_664 ? 
48 AC6 10 ASP A 112 ? ASP A 112 . ? 1_555 ? 
49 AC6 10 CYS A 113 ? CYS A 113 . ? 1_555 ? 
50 AC6 10 SER A 114 ? SER A 114 . ? 1_555 ? 
51 AC6 10 HOH H .   ? HOH A 226 . ? 1_555 ? 
52 AC6 10 KDH F .   ? KDH A 402 . ? 3_664 ? 
# 
loop_
_pdbx_unobs_or_zero_occ_residues.id 
_pdbx_unobs_or_zero_occ_residues.PDB_model_num 
_pdbx_unobs_or_zero_occ_residues.polymer_flag 
_pdbx_unobs_or_zero_occ_residues.occupancy_flag 
_pdbx_unobs_or_zero_occ_residues.auth_asym_id 
_pdbx_unobs_or_zero_occ_residues.auth_comp_id 
_pdbx_unobs_or_zero_occ_residues.auth_seq_id 
_pdbx_unobs_or_zero_occ_residues.PDB_ins_code 
_pdbx_unobs_or_zero_occ_residues.label_asym_id 
_pdbx_unobs_or_zero_occ_residues.label_comp_id 
_pdbx_unobs_or_zero_occ_residues.label_seq_id 
1  1 Y 1 A MET 1  ? A MET 1  
2  1 Y 1 A ALA 2  ? A ALA 2  
3  1 Y 1 A ASP 3  ? A ASP 3  
4  1 Y 1 A GLU 4  ? A GLU 4  
5  1 Y 1 A GLU 5  ? A GLU 5  
6  1 Y 1 A GLY 39 ? A GLY 39 
7  1 Y 1 A ASN 40 ? A ASN 40 
8  1 Y 1 A SER 41 ? A SER 41 
9  1 Y 1 A SER 42 ? A SER 42 
10 1 Y 1 A SER 43 ? A SER 43 
11 1 Y 1 A GLY 44 ? A GLY 44 
12 1 Y 1 A GLY 45 ? A GLY 45 
13 1 Y 1 A LYS 46 ? A LYS 46 
14 1 Y 1 A ASN 47 ? A ASN 47 
15 1 Y 1 A GLY 48 ? A GLY 48 
16 1 Y 1 A GLN 49 ? A GLN 49 
17 1 Y 1 A GLY 50 ? A GLY 50 
# 
loop_
_chem_comp_atom.comp_id 
_chem_comp_atom.atom_id 
_chem_comp_atom.type_symbol 
_chem_comp_atom.pdbx_aromatic_flag 
_chem_comp_atom.pdbx_stereo_config 
_chem_comp_atom.pdbx_ordinal 
ALA N    N N N 1   
ALA CA   C N S 2   
ALA C    C N N 3   
ALA O    O N N 4   
ALA CB   C N N 5   
ALA OXT  O N N 6   
ALA H    H N N 7   
ALA H2   H N N 8   
ALA HA   H N N 9   
ALA HB1  H N N 10  
ALA HB2  H N N 11  
ALA HB3  H N N 12  
ALA HXT  H N N 13  
ARG N    N N N 14  
ARG CA   C N S 15  
ARG C    C N N 16  
ARG O    O N N 17  
ARG CB   C N N 18  
ARG CG   C N N 19  
ARG CD   C N N 20  
ARG NE   N N N 21  
ARG CZ   C N N 22  
ARG NH1  N N N 23  
ARG NH2  N N N 24  
ARG OXT  O N N 25  
ARG H    H N N 26  
ARG H2   H N N 27  
ARG HA   H N N 28  
ARG HB2  H N N 29  
ARG HB3  H N N 30  
ARG HG2  H N N 31  
ARG HG3  H N N 32  
ARG HD2  H N N 33  
ARG HD3  H N N 34  
ARG HE   H N N 35  
ARG HH11 H N N 36  
ARG HH12 H N N 37  
ARG HH21 H N N 38  
ARG HH22 H N N 39  
ARG HXT  H N N 40  
ASN N    N N N 41  
ASN CA   C N S 42  
ASN C    C N N 43  
ASN O    O N N 44  
ASN CB   C N N 45  
ASN CG   C N N 46  
ASN OD1  O N N 47  
ASN ND2  N N N 48  
ASN OXT  O N N 49  
ASN H    H N N 50  
ASN H2   H N N 51  
ASN HA   H N N 52  
ASN HB2  H N N 53  
ASN HB3  H N N 54  
ASN HD21 H N N 55  
ASN HD22 H N N 56  
ASN HXT  H N N 57  
ASP N    N N N 58  
ASP CA   C N S 59  
ASP C    C N N 60  
ASP O    O N N 61  
ASP CB   C N N 62  
ASP CG   C N N 63  
ASP OD1  O N N 64  
ASP OD2  O N N 65  
ASP OXT  O N N 66  
ASP H    H N N 67  
ASP H2   H N N 68  
ASP HA   H N N 69  
ASP HB2  H N N 70  
ASP HB3  H N N 71  
ASP HD2  H N N 72  
ASP HXT  H N N 73  
CYS N    N N N 74  
CYS CA   C N R 75  
CYS C    C N N 76  
CYS O    O N N 77  
CYS CB   C N N 78  
CYS SG   S N N 79  
CYS OXT  O N N 80  
CYS H    H N N 81  
CYS H2   H N N 82  
CYS HA   H N N 83  
CYS HB2  H N N 84  
CYS HB3  H N N 85  
CYS HG   H N N 86  
CYS HXT  H N N 87  
GLN N    N N N 88  
GLN CA   C N S 89  
GLN C    C N N 90  
GLN O    O N N 91  
GLN CB   C N N 92  
GLN CG   C N N 93  
GLN CD   C N N 94  
GLN OE1  O N N 95  
GLN NE2  N N N 96  
GLN OXT  O N N 97  
GLN H    H N N 98  
GLN H2   H N N 99  
GLN HA   H N N 100 
GLN HB2  H N N 101 
GLN HB3  H N N 102 
GLN HG2  H N N 103 
GLN HG3  H N N 104 
GLN HE21 H N N 105 
GLN HE22 H N N 106 
GLN HXT  H N N 107 
GLU N    N N N 108 
GLU CA   C N S 109 
GLU C    C N N 110 
GLU O    O N N 111 
GLU CB   C N N 112 
GLU CG   C N N 113 
GLU CD   C N N 114 
GLU OE1  O N N 115 
GLU OE2  O N N 116 
GLU OXT  O N N 117 
GLU H    H N N 118 
GLU H2   H N N 119 
GLU HA   H N N 120 
GLU HB2  H N N 121 
GLU HB3  H N N 122 
GLU HG2  H N N 123 
GLU HG3  H N N 124 
GLU HE2  H N N 125 
GLU HXT  H N N 126 
GLY N    N N N 127 
GLY CA   C N N 128 
GLY C    C N N 129 
GLY O    O N N 130 
GLY OXT  O N N 131 
GLY H    H N N 132 
GLY H2   H N N 133 
GLY HA2  H N N 134 
GLY HA3  H N N 135 
GLY HXT  H N N 136 
HIS N    N N N 137 
HIS CA   C N S 138 
HIS C    C N N 139 
HIS O    O N N 140 
HIS CB   C N N 141 
HIS CG   C Y N 142 
HIS ND1  N Y N 143 
HIS CD2  C Y N 144 
HIS CE1  C Y N 145 
HIS NE2  N Y N 146 
HIS OXT  O N N 147 
HIS H    H N N 148 
HIS H2   H N N 149 
HIS HA   H N N 150 
HIS HB2  H N N 151 
HIS HB3  H N N 152 
HIS HD1  H N N 153 
HIS HD2  H N N 154 
HIS HE1  H N N 155 
HIS HE2  H N N 156 
HIS HXT  H N N 157 
HOH O    O N N 158 
HOH H1   H N N 159 
HOH H2   H N N 160 
ILE N    N N N 161 
ILE CA   C N S 162 
ILE C    C N N 163 
ILE O    O N N 164 
ILE CB   C N S 165 
ILE CG1  C N N 166 
ILE CG2  C N N 167 
ILE CD1  C N N 168 
ILE OXT  O N N 169 
ILE H    H N N 170 
ILE H2   H N N 171 
ILE HA   H N N 172 
ILE HB   H N N 173 
ILE HG12 H N N 174 
ILE HG13 H N N 175 
ILE HG21 H N N 176 
ILE HG22 H N N 177 
ILE HG23 H N N 178 
ILE HD11 H N N 179 
ILE HD12 H N N 180 
ILE HD13 H N N 181 
ILE HXT  H N N 182 
KDH O1   O N N 183 
KDH C3   C Y N 184 
KDH C6   C Y N 185 
KDH O7   O N N 186 
KDH C9   C Y N 187 
KDH O10  O N N 188 
KDH C12  C Y N 189 
KDH C14  C Y N 190 
KDH C15  C N R 191 
KDH C20  C Y N 192 
KDH C21  C Y N 193 
KDH C24  C Y N 194 
KDH C26  C Y N 195 
KDH C29  C Y N 196 
KDH C31  C Y N 197 
KDH C33  C N R 198 
KDH C36  C N N 199 
KDH C38  C Y N 200 
KDH C39  C Y N 201 
KDH C41  C Y N 202 
KDH C01  C N N 203 
KDH O01  O N N 204 
KDH O02  O N N 205 
KDH O03  O N N 206 
KDH C4   C Y N 207 
KDH O35  O N N 208 
KDH O37  O N N 209 
KDH C43  C Y N 210 
KDH O44  O N N 211 
KDH C46  C Y N 212 
KDH O47  O N N 213 
KDH C49  C Y N 214 
KDH O50  O N N 215 
KDH HO1  H N N 216 
KDH H21  H N N 217 
KDH H33  H N N 218 
KDH H4   H N N 219 
KDH HO7  H N N 220 
KDH H01  H N N 221 
KDH H01A H N N 222 
KDH HO03 H N N 223 
KDH HO10 H N N 224 
KDH H12  H N N 225 
KDH H15  H N N 226 
KDH H26  H N N 227 
KDH H39  H N N 228 
KDH H41  H N N 229 
KDH HO02 H N N 230 
KDH HO44 H N N 231 
KDH HO47 H N N 232 
KDH HO50 H N N 233 
LEU N    N N N 234 
LEU CA   C N S 235 
LEU C    C N N 236 
LEU O    O N N 237 
LEU CB   C N N 238 
LEU CG   C N N 239 
LEU CD1  C N N 240 
LEU CD2  C N N 241 
LEU OXT  O N N 242 
LEU H    H N N 243 
LEU H2   H N N 244 
LEU HA   H N N 245 
LEU HB2  H N N 246 
LEU HB3  H N N 247 
LEU HG   H N N 248 
LEU HD11 H N N 249 
LEU HD12 H N N 250 
LEU HD13 H N N 251 
LEU HD21 H N N 252 
LEU HD22 H N N 253 
LEU HD23 H N N 254 
LEU HXT  H N N 255 
LYS N    N N N 256 
LYS CA   C N S 257 
LYS C    C N N 258 
LYS O    O N N 259 
LYS CB   C N N 260 
LYS CG   C N N 261 
LYS CD   C N N 262 
LYS CE   C N N 263 
LYS NZ   N N N 264 
LYS OXT  O N N 265 
LYS H    H N N 266 
LYS H2   H N N 267 
LYS HA   H N N 268 
LYS HB2  H N N 269 
LYS HB3  H N N 270 
LYS HG2  H N N 271 
LYS HG3  H N N 272 
LYS HD2  H N N 273 
LYS HD3  H N N 274 
LYS HE2  H N N 275 
LYS HE3  H N N 276 
LYS HZ1  H N N 277 
LYS HZ2  H N N 278 
LYS HZ3  H N N 279 
LYS HXT  H N N 280 
MET N    N N N 281 
MET CA   C N S 282 
MET C    C N N 283 
MET O    O N N 284 
MET CB   C N N 285 
MET CG   C N N 286 
MET SD   S N N 287 
MET CE   C N N 288 
MET OXT  O N N 289 
MET H    H N N 290 
MET H2   H N N 291 
MET HA   H N N 292 
MET HB2  H N N 293 
MET HB3  H N N 294 
MET HG2  H N N 295 
MET HG3  H N N 296 
MET HE1  H N N 297 
MET HE2  H N N 298 
MET HE3  H N N 299 
MET HXT  H N N 300 
PE4 O1   O N N 301 
PE4 C1   C N N 302 
PE4 C2   C N N 303 
PE4 O2   O N N 304 
PE4 C3   C N N 305 
PE4 C4   C N N 306 
PE4 O3   O N N 307 
PE4 C5   C N N 308 
PE4 C6   C N N 309 
PE4 O4   O N N 310 
PE4 C7   C N N 311 
PE4 C8   C N N 312 
PE4 O5   O N N 313 
PE4 C9   C N N 314 
PE4 C10  C N N 315 
PE4 O6   O N N 316 
PE4 C11  C N N 317 
PE4 C12  C N N 318 
PE4 O7   O N N 319 
PE4 C13  C N N 320 
PE4 C14  C N N 321 
PE4 O8   O N N 322 
PE4 C15  C N N 323 
PE4 C16  C N N 324 
PE4 HO1  H N N 325 
PE4 H11  H N N 326 
PE4 H12  H N N 327 
PE4 H21  H N N 328 
PE4 H22  H N N 329 
PE4 H31  H N N 330 
PE4 H32  H N N 331 
PE4 H41  H N N 332 
PE4 H42  H N N 333 
PE4 H51  H N N 334 
PE4 H52  H N N 335 
PE4 H61  H N N 336 
PE4 H62  H N N 337 
PE4 H71  H N N 338 
PE4 H72  H N N 339 
PE4 H81  H N N 340 
PE4 H82  H N N 341 
PE4 H91  H N N 342 
PE4 H92  H N N 343 
PE4 H101 H N N 344 
PE4 H102 H N N 345 
PE4 H111 H N N 346 
PE4 H112 H N N 347 
PE4 H121 H N N 348 
PE4 H122 H N N 349 
PE4 H131 H N N 350 
PE4 H132 H N N 351 
PE4 H141 H N N 352 
PE4 H142 H N N 353 
PE4 H151 H N N 354 
PE4 H152 H N N 355 
PE4 H161 H N N 356 
PE4 H162 H N N 357 
PE4 H163 H N N 358 
PHE N    N N N 359 
PHE CA   C N S 360 
PHE C    C N N 361 
PHE O    O N N 362 
PHE CB   C N N 363 
PHE CG   C Y N 364 
PHE CD1  C Y N 365 
PHE CD2  C Y N 366 
PHE CE1  C Y N 367 
PHE CE2  C Y N 368 
PHE CZ   C Y N 369 
PHE OXT  O N N 370 
PHE H    H N N 371 
PHE H2   H N N 372 
PHE HA   H N N 373 
PHE HB2  H N N 374 
PHE HB3  H N N 375 
PHE HD1  H N N 376 
PHE HD2  H N N 377 
PHE HE1  H N N 378 
PHE HE2  H N N 379 
PHE HZ   H N N 380 
PHE HXT  H N N 381 
PRO N    N N N 382 
PRO CA   C N S 383 
PRO C    C N N 384 
PRO O    O N N 385 
PRO CB   C N N 386 
PRO CG   C N N 387 
PRO CD   C N N 388 
PRO OXT  O N N 389 
PRO H    H N N 390 
PRO HA   H N N 391 
PRO HB2  H N N 392 
PRO HB3  H N N 393 
PRO HG2  H N N 394 
PRO HG3  H N N 395 
PRO HD2  H N N 396 
PRO HD3  H N N 397 
PRO HXT  H N N 398 
SER N    N N N 399 
SER CA   C N S 400 
SER C    C N N 401 
SER O    O N N 402 
SER CB   C N N 403 
SER OG   O N N 404 
SER OXT  O N N 405 
SER H    H N N 406 
SER H2   H N N 407 
SER HA   H N N 408 
SER HB2  H N N 409 
SER HB3  H N N 410 
SER HG   H N N 411 
SER HXT  H N N 412 
SO4 S    S N N 413 
SO4 O1   O N N 414 
SO4 O2   O N N 415 
SO4 O3   O N N 416 
SO4 O4   O N N 417 
THR N    N N N 418 
THR CA   C N S 419 
THR C    C N N 420 
THR O    O N N 421 
THR CB   C N R 422 
THR OG1  O N N 423 
THR CG2  C N N 424 
THR OXT  O N N 425 
THR H    H N N 426 
THR H2   H N N 427 
THR HA   H N N 428 
THR HB   H N N 429 
THR HG1  H N N 430 
THR HG21 H N N 431 
THR HG22 H N N 432 
THR HG23 H N N 433 
THR HXT  H N N 434 
TRP N    N N N 435 
TRP CA   C N S 436 
TRP C    C N N 437 
TRP O    O N N 438 
TRP CB   C N N 439 
TRP CG   C Y N 440 
TRP CD1  C Y N 441 
TRP CD2  C Y N 442 
TRP NE1  N Y N 443 
TRP CE2  C Y N 444 
TRP CE3  C Y N 445 
TRP CZ2  C Y N 446 
TRP CZ3  C Y N 447 
TRP CH2  C Y N 448 
TRP OXT  O N N 449 
TRP H    H N N 450 
TRP H2   H N N 451 
TRP HA   H N N 452 
TRP HB2  H N N 453 
TRP HB3  H N N 454 
TRP HD1  H N N 455 
TRP HE1  H N N 456 
TRP HE3  H N N 457 
TRP HZ2  H N N 458 
TRP HZ3  H N N 459 
TRP HH2  H N N 460 
TRP HXT  H N N 461 
TYR N    N N N 462 
TYR CA   C N S 463 
TYR C    C N N 464 
TYR O    O N N 465 
TYR CB   C N N 466 
TYR CG   C Y N 467 
TYR CD1  C Y N 468 
TYR CD2  C Y N 469 
TYR CE1  C Y N 470 
TYR CE2  C Y N 471 
TYR CZ   C Y N 472 
TYR OH   O N N 473 
TYR OXT  O N N 474 
TYR H    H N N 475 
TYR H2   H N N 476 
TYR HA   H N N 477 
TYR HB2  H N N 478 
TYR HB3  H N N 479 
TYR HD1  H N N 480 
TYR HD2  H N N 481 
TYR HE1  H N N 482 
TYR HE2  H N N 483 
TYR HH   H N N 484 
TYR HXT  H N N 485 
VAL N    N N N 486 
VAL CA   C N S 487 
VAL C    C N N 488 
VAL O    O N N 489 
VAL CB   C N N 490 
VAL CG1  C N N 491 
VAL CG2  C N N 492 
VAL OXT  O N N 493 
VAL H    H N N 494 
VAL H2   H N N 495 
VAL HA   H N N 496 
VAL HB   H N N 497 
VAL HG11 H N N 498 
VAL HG12 H N N 499 
VAL HG13 H N N 500 
VAL HG21 H N N 501 
VAL HG22 H N N 502 
VAL HG23 H N N 503 
VAL HXT  H N N 504 
# 
loop_
_chem_comp_bond.comp_id 
_chem_comp_bond.atom_id_1 
_chem_comp_bond.atom_id_2 
_chem_comp_bond.value_order 
_chem_comp_bond.pdbx_aromatic_flag 
_chem_comp_bond.pdbx_stereo_config 
_chem_comp_bond.pdbx_ordinal 
ALA N   CA   sing N N 1   
ALA N   H    sing N N 2   
ALA N   H2   sing N N 3   
ALA CA  C    sing N N 4   
ALA CA  CB   sing N N 5   
ALA CA  HA   sing N N 6   
ALA C   O    doub N N 7   
ALA C   OXT  sing N N 8   
ALA CB  HB1  sing N N 9   
ALA CB  HB2  sing N N 10  
ALA CB  HB3  sing N N 11  
ALA OXT HXT  sing N N 12  
ARG N   CA   sing N N 13  
ARG N   H    sing N N 14  
ARG N   H2   sing N N 15  
ARG CA  C    sing N N 16  
ARG CA  CB   sing N N 17  
ARG CA  HA   sing N N 18  
ARG C   O    doub N N 19  
ARG C   OXT  sing N N 20  
ARG CB  CG   sing N N 21  
ARG CB  HB2  sing N N 22  
ARG CB  HB3  sing N N 23  
ARG CG  CD   sing N N 24  
ARG CG  HG2  sing N N 25  
ARG CG  HG3  sing N N 26  
ARG CD  NE   sing N N 27  
ARG CD  HD2  sing N N 28  
ARG CD  HD3  sing N N 29  
ARG NE  CZ   sing N N 30  
ARG NE  HE   sing N N 31  
ARG CZ  NH1  sing N N 32  
ARG CZ  NH2  doub N N 33  
ARG NH1 HH11 sing N N 34  
ARG NH1 HH12 sing N N 35  
ARG NH2 HH21 sing N N 36  
ARG NH2 HH22 sing N N 37  
ARG OXT HXT  sing N N 38  
ASN N   CA   sing N N 39  
ASN N   H    sing N N 40  
ASN N   H2   sing N N 41  
ASN CA  C    sing N N 42  
ASN CA  CB   sing N N 43  
ASN CA  HA   sing N N 44  
ASN C   O    doub N N 45  
ASN C   OXT  sing N N 46  
ASN CB  CG   sing N N 47  
ASN CB  HB2  sing N N 48  
ASN CB  HB3  sing N N 49  
ASN CG  OD1  doub N N 50  
ASN CG  ND2  sing N N 51  
ASN ND2 HD21 sing N N 52  
ASN ND2 HD22 sing N N 53  
ASN OXT HXT  sing N N 54  
ASP N   CA   sing N N 55  
ASP N   H    sing N N 56  
ASP N   H2   sing N N 57  
ASP CA  C    sing N N 58  
ASP CA  CB   sing N N 59  
ASP CA  HA   sing N N 60  
ASP C   O    doub N N 61  
ASP C   OXT  sing N N 62  
ASP CB  CG   sing N N 63  
ASP CB  HB2  sing N N 64  
ASP CB  HB3  sing N N 65  
ASP CG  OD1  doub N N 66  
ASP CG  OD2  sing N N 67  
ASP OD2 HD2  sing N N 68  
ASP OXT HXT  sing N N 69  
CYS N   CA   sing N N 70  
CYS N   H    sing N N 71  
CYS N   H2   sing N N 72  
CYS CA  C    sing N N 73  
CYS CA  CB   sing N N 74  
CYS CA  HA   sing N N 75  
CYS C   O    doub N N 76  
CYS C   OXT  sing N N 77  
CYS CB  SG   sing N N 78  
CYS CB  HB2  sing N N 79  
CYS CB  HB3  sing N N 80  
CYS SG  HG   sing N N 81  
CYS OXT HXT  sing N N 82  
GLN N   CA   sing N N 83  
GLN N   H    sing N N 84  
GLN N   H2   sing N N 85  
GLN CA  C    sing N N 86  
GLN CA  CB   sing N N 87  
GLN CA  HA   sing N N 88  
GLN C   O    doub N N 89  
GLN C   OXT  sing N N 90  
GLN CB  CG   sing N N 91  
GLN CB  HB2  sing N N 92  
GLN CB  HB3  sing N N 93  
GLN CG  CD   sing N N 94  
GLN CG  HG2  sing N N 95  
GLN CG  HG3  sing N N 96  
GLN CD  OE1  doub N N 97  
GLN CD  NE2  sing N N 98  
GLN NE2 HE21 sing N N 99  
GLN NE2 HE22 sing N N 100 
GLN OXT HXT  sing N N 101 
GLU N   CA   sing N N 102 
GLU N   H    sing N N 103 
GLU N   H2   sing N N 104 
GLU CA  C    sing N N 105 
GLU CA  CB   sing N N 106 
GLU CA  HA   sing N N 107 
GLU C   O    doub N N 108 
GLU C   OXT  sing N N 109 
GLU CB  CG   sing N N 110 
GLU CB  HB2  sing N N 111 
GLU CB  HB3  sing N N 112 
GLU CG  CD   sing N N 113 
GLU CG  HG2  sing N N 114 
GLU CG  HG3  sing N N 115 
GLU CD  OE1  doub N N 116 
GLU CD  OE2  sing N N 117 
GLU OE2 HE2  sing N N 118 
GLU OXT HXT  sing N N 119 
GLY N   CA   sing N N 120 
GLY N   H    sing N N 121 
GLY N   H2   sing N N 122 
GLY CA  C    sing N N 123 
GLY CA  HA2  sing N N 124 
GLY CA  HA3  sing N N 125 
GLY C   O    doub N N 126 
GLY C   OXT  sing N N 127 
GLY OXT HXT  sing N N 128 
HIS N   CA   sing N N 129 
HIS N   H    sing N N 130 
HIS N   H2   sing N N 131 
HIS CA  C    sing N N 132 
HIS CA  CB   sing N N 133 
HIS CA  HA   sing N N 134 
HIS C   O    doub N N 135 
HIS C   OXT  sing N N 136 
HIS CB  CG   sing N N 137 
HIS CB  HB2  sing N N 138 
HIS CB  HB3  sing N N 139 
HIS CG  ND1  sing Y N 140 
HIS CG  CD2  doub Y N 141 
HIS ND1 CE1  doub Y N 142 
HIS ND1 HD1  sing N N 143 
HIS CD2 NE2  sing Y N 144 
HIS CD2 HD2  sing N N 145 
HIS CE1 NE2  sing Y N 146 
HIS CE1 HE1  sing N N 147 
HIS NE2 HE2  sing N N 148 
HIS OXT HXT  sing N N 149 
HOH O   H1   sing N N 150 
HOH O   H2   sing N N 151 
ILE N   CA   sing N N 152 
ILE N   H    sing N N 153 
ILE N   H2   sing N N 154 
ILE CA  C    sing N N 155 
ILE CA  CB   sing N N 156 
ILE CA  HA   sing N N 157 
ILE C   O    doub N N 158 
ILE C   OXT  sing N N 159 
ILE CB  CG1  sing N N 160 
ILE CB  CG2  sing N N 161 
ILE CB  HB   sing N N 162 
ILE CG1 CD1  sing N N 163 
ILE CG1 HG12 sing N N 164 
ILE CG1 HG13 sing N N 165 
ILE CG2 HG21 sing N N 166 
ILE CG2 HG22 sing N N 167 
ILE CG2 HG23 sing N N 168 
ILE CD1 HD11 sing N N 169 
ILE CD1 HD12 sing N N 170 
ILE CD1 HD13 sing N N 171 
ILE OXT HXT  sing N N 172 
KDH O1  C3   sing N N 173 
KDH O1  HO1  sing N N 174 
KDH C3  C6   doub Y N 175 
KDH C3  C4   sing Y N 176 
KDH C6  O7   sing N N 177 
KDH C6  C9   sing Y N 178 
KDH O7  HO7  sing N N 179 
KDH C9  O10  sing N N 180 
KDH C9  C12  doub Y N 181 
KDH O10 HO10 sing N N 182 
KDH C12 C14  sing Y N 183 
KDH C12 H12  sing N N 184 
KDH C14 C15  sing N N 185 
KDH C14 C4   doub Y N 186 
KDH C15 C33  sing N N 187 
KDH C15 O01  sing N N 188 
KDH C15 H15  sing N N 189 
KDH C20 C21  doub Y N 190 
KDH C20 C31  sing Y N 191 
KDH C20 O01  sing N N 192 
KDH C21 C24  sing Y N 193 
KDH C21 H21  sing N N 194 
KDH C24 C26  doub Y N 195 
KDH C24 O02  sing N N 196 
KDH C26 C29  sing Y N 197 
KDH C26 H26  sing N N 198 
KDH C29 C31  doub Y N 199 
KDH C29 O03  sing N N 200 
KDH C31 C01  sing N N 201 
KDH C33 C01  sing N N 202 
KDH C33 O35  sing N N 203 
KDH C33 H33  sing N N 204 
KDH C36 C38  sing N N 205 
KDH C36 O35  sing N N 206 
KDH C36 O37  doub N N 207 
KDH C38 C39  doub Y N 208 
KDH C38 C41  sing Y N 209 
KDH C39 C49  sing Y N 210 
KDH C39 H39  sing N N 211 
KDH C41 C43  doub Y N 212 
KDH C41 H41  sing N N 213 
KDH C01 H01  sing N N 214 
KDH C01 H01A sing N N 215 
KDH O02 HO02 sing N N 216 
KDH O03 HO03 sing N N 217 
KDH C4  H4   sing N N 218 
KDH C43 O44  sing N N 219 
KDH C43 C46  sing Y N 220 
KDH O44 HO44 sing N N 221 
KDH C46 O47  sing N N 222 
KDH C46 C49  doub Y N 223 
KDH O47 HO47 sing N N 224 
KDH C49 O50  sing N N 225 
KDH O50 HO50 sing N N 226 
LEU N   CA   sing N N 227 
LEU N   H    sing N N 228 
LEU N   H2   sing N N 229 
LEU CA  C    sing N N 230 
LEU CA  CB   sing N N 231 
LEU CA  HA   sing N N 232 
LEU C   O    doub N N 233 
LEU C   OXT  sing N N 234 
LEU CB  CG   sing N N 235 
LEU CB  HB2  sing N N 236 
LEU CB  HB3  sing N N 237 
LEU CG  CD1  sing N N 238 
LEU CG  CD2  sing N N 239 
LEU CG  HG   sing N N 240 
LEU CD1 HD11 sing N N 241 
LEU CD1 HD12 sing N N 242 
LEU CD1 HD13 sing N N 243 
LEU CD2 HD21 sing N N 244 
LEU CD2 HD22 sing N N 245 
LEU CD2 HD23 sing N N 246 
LEU OXT HXT  sing N N 247 
LYS N   CA   sing N N 248 
LYS N   H    sing N N 249 
LYS N   H2   sing N N 250 
LYS CA  C    sing N N 251 
LYS CA  CB   sing N N 252 
LYS CA  HA   sing N N 253 
LYS C   O    doub N N 254 
LYS C   OXT  sing N N 255 
LYS CB  CG   sing N N 256 
LYS CB  HB2  sing N N 257 
LYS CB  HB3  sing N N 258 
LYS CG  CD   sing N N 259 
LYS CG  HG2  sing N N 260 
LYS CG  HG3  sing N N 261 
LYS CD  CE   sing N N 262 
LYS CD  HD2  sing N N 263 
LYS CD  HD3  sing N N 264 
LYS CE  NZ   sing N N 265 
LYS CE  HE2  sing N N 266 
LYS CE  HE3  sing N N 267 
LYS NZ  HZ1  sing N N 268 
LYS NZ  HZ2  sing N N 269 
LYS NZ  HZ3  sing N N 270 
LYS OXT HXT  sing N N 271 
MET N   CA   sing N N 272 
MET N   H    sing N N 273 
MET N   H2   sing N N 274 
MET CA  C    sing N N 275 
MET CA  CB   sing N N 276 
MET CA  HA   sing N N 277 
MET C   O    doub N N 278 
MET C   OXT  sing N N 279 
MET CB  CG   sing N N 280 
MET CB  HB2  sing N N 281 
MET CB  HB3  sing N N 282 
MET CG  SD   sing N N 283 
MET CG  HG2  sing N N 284 
MET CG  HG3  sing N N 285 
MET SD  CE   sing N N 286 
MET CE  HE1  sing N N 287 
MET CE  HE2  sing N N 288 
MET CE  HE3  sing N N 289 
MET OXT HXT  sing N N 290 
PE4 O1  C1   sing N N 291 
PE4 O1  HO1  sing N N 292 
PE4 C1  C2   sing N N 293 
PE4 C1  H11  sing N N 294 
PE4 C1  H12  sing N N 295 
PE4 C2  O2   sing N N 296 
PE4 C2  H21  sing N N 297 
PE4 C2  H22  sing N N 298 
PE4 O2  C3   sing N N 299 
PE4 C3  C4   sing N N 300 
PE4 C3  H31  sing N N 301 
PE4 C3  H32  sing N N 302 
PE4 C4  O3   sing N N 303 
PE4 C4  H41  sing N N 304 
PE4 C4  H42  sing N N 305 
PE4 O3  C5   sing N N 306 
PE4 C5  C6   sing N N 307 
PE4 C5  H51  sing N N 308 
PE4 C5  H52  sing N N 309 
PE4 C6  O4   sing N N 310 
PE4 C6  H61  sing N N 311 
PE4 C6  H62  sing N N 312 
PE4 O4  C7   sing N N 313 
PE4 C7  C8   sing N N 314 
PE4 C7  H71  sing N N 315 
PE4 C7  H72  sing N N 316 
PE4 C8  O5   sing N N 317 
PE4 C8  H81  sing N N 318 
PE4 C8  H82  sing N N 319 
PE4 O5  C9   sing N N 320 
PE4 C9  C10  sing N N 321 
PE4 C9  H91  sing N N 322 
PE4 C9  H92  sing N N 323 
PE4 C10 O6   sing N N 324 
PE4 C10 H101 sing N N 325 
PE4 C10 H102 sing N N 326 
PE4 O6  C11  sing N N 327 
PE4 C11 C12  sing N N 328 
PE4 C11 H111 sing N N 329 
PE4 C11 H112 sing N N 330 
PE4 C12 O7   sing N N 331 
PE4 C12 H121 sing N N 332 
PE4 C12 H122 sing N N 333 
PE4 O7  C13  sing N N 334 
PE4 C13 C14  sing N N 335 
PE4 C13 H131 sing N N 336 
PE4 C13 H132 sing N N 337 
PE4 C14 O8   sing N N 338 
PE4 C14 H141 sing N N 339 
PE4 C14 H142 sing N N 340 
PE4 O8  C15  sing N N 341 
PE4 C15 C16  sing N N 342 
PE4 C15 H151 sing N N 343 
PE4 C15 H152 sing N N 344 
PE4 C16 H161 sing N N 345 
PE4 C16 H162 sing N N 346 
PE4 C16 H163 sing N N 347 
PHE N   CA   sing N N 348 
PHE N   H    sing N N 349 
PHE N   H2   sing N N 350 
PHE CA  C    sing N N 351 
PHE CA  CB   sing N N 352 
PHE CA  HA   sing N N 353 
PHE C   O    doub N N 354 
PHE C   OXT  sing N N 355 
PHE CB  CG   sing N N 356 
PHE CB  HB2  sing N N 357 
PHE CB  HB3  sing N N 358 
PHE CG  CD1  doub Y N 359 
PHE CG  CD2  sing Y N 360 
PHE CD1 CE1  sing Y N 361 
PHE CD1 HD1  sing N N 362 
PHE CD2 CE2  doub Y N 363 
PHE CD2 HD2  sing N N 364 
PHE CE1 CZ   doub Y N 365 
PHE CE1 HE1  sing N N 366 
PHE CE2 CZ   sing Y N 367 
PHE CE2 HE2  sing N N 368 
PHE CZ  HZ   sing N N 369 
PHE OXT HXT  sing N N 370 
PRO N   CA   sing N N 371 
PRO N   CD   sing N N 372 
PRO N   H    sing N N 373 
PRO CA  C    sing N N 374 
PRO CA  CB   sing N N 375 
PRO CA  HA   sing N N 376 
PRO C   O    doub N N 377 
PRO C   OXT  sing N N 378 
PRO CB  CG   sing N N 379 
PRO CB  HB2  sing N N 380 
PRO CB  HB3  sing N N 381 
PRO CG  CD   sing N N 382 
PRO CG  HG2  sing N N 383 
PRO CG  HG3  sing N N 384 
PRO CD  HD2  sing N N 385 
PRO CD  HD3  sing N N 386 
PRO OXT HXT  sing N N 387 
SER N   CA   sing N N 388 
SER N   H    sing N N 389 
SER N   H2   sing N N 390 
SER CA  C    sing N N 391 
SER CA  CB   sing N N 392 
SER CA  HA   sing N N 393 
SER C   O    doub N N 394 
SER C   OXT  sing N N 395 
SER CB  OG   sing N N 396 
SER CB  HB2  sing N N 397 
SER CB  HB3  sing N N 398 
SER OG  HG   sing N N 399 
SER OXT HXT  sing N N 400 
SO4 S   O1   doub N N 401 
SO4 S   O2   doub N N 402 
SO4 S   O3   sing N N 403 
SO4 S   O4   sing N N 404 
THR N   CA   sing N N 405 
THR N   H    sing N N 406 
THR N   H2   sing N N 407 
THR CA  C    sing N N 408 
THR CA  CB   sing N N 409 
THR CA  HA   sing N N 410 
THR C   O    doub N N 411 
THR C   OXT  sing N N 412 
THR CB  OG1  sing N N 413 
THR CB  CG2  sing N N 414 
THR CB  HB   sing N N 415 
THR OG1 HG1  sing N N 416 
THR CG2 HG21 sing N N 417 
THR CG2 HG22 sing N N 418 
THR CG2 HG23 sing N N 419 
THR OXT HXT  sing N N 420 
TRP N   CA   sing N N 421 
TRP N   H    sing N N 422 
TRP N   H2   sing N N 423 
TRP CA  C    sing N N 424 
TRP CA  CB   sing N N 425 
TRP CA  HA   sing N N 426 
TRP C   O    doub N N 427 
TRP C   OXT  sing N N 428 
TRP CB  CG   sing N N 429 
TRP CB  HB2  sing N N 430 
TRP CB  HB3  sing N N 431 
TRP CG  CD1  doub Y N 432 
TRP CG  CD2  sing Y N 433 
TRP CD1 NE1  sing Y N 434 
TRP CD1 HD1  sing N N 435 
TRP CD2 CE2  doub Y N 436 
TRP CD2 CE3  sing Y N 437 
TRP NE1 CE2  sing Y N 438 
TRP NE1 HE1  sing N N 439 
TRP CE2 CZ2  sing Y N 440 
TRP CE3 CZ3  doub Y N 441 
TRP CE3 HE3  sing N N 442 
TRP CZ2 CH2  doub Y N 443 
TRP CZ2 HZ2  sing N N 444 
TRP CZ3 CH2  sing Y N 445 
TRP CZ3 HZ3  sing N N 446 
TRP CH2 HH2  sing N N 447 
TRP OXT HXT  sing N N 448 
TYR N   CA   sing N N 449 
TYR N   H    sing N N 450 
TYR N   H2   sing N N 451 
TYR CA  C    sing N N 452 
TYR CA  CB   sing N N 453 
TYR CA  HA   sing N N 454 
TYR C   O    doub N N 455 
TYR C   OXT  sing N N 456 
TYR CB  CG   sing N N 457 
TYR CB  HB2  sing N N 458 
TYR CB  HB3  sing N N 459 
TYR CG  CD1  doub Y N 460 
TYR CG  CD2  sing Y N 461 
TYR CD1 CE1  sing Y N 462 
TYR CD1 HD1  sing N N 463 
TYR CD2 CE2  doub Y N 464 
TYR CD2 HD2  sing N N 465 
TYR CE1 CZ   doub Y N 466 
TYR CE1 HE1  sing N N 467 
TYR CE2 CZ   sing Y N 468 
TYR CE2 HE2  sing N N 469 
TYR CZ  OH   sing N N 470 
TYR OH  HH   sing N N 471 
TYR OXT HXT  sing N N 472 
VAL N   CA   sing N N 473 
VAL N   H    sing N N 474 
VAL N   H2   sing N N 475 
VAL CA  C    sing N N 476 
VAL CA  CB   sing N N 477 
VAL CA  HA   sing N N 478 
VAL C   O    doub N N 479 
VAL C   OXT  sing N N 480 
VAL CB  CG1  sing N N 481 
VAL CB  CG2  sing N N 482 
VAL CB  HB   sing N N 483 
VAL CG1 HG11 sing N N 484 
VAL CG1 HG12 sing N N 485 
VAL CG1 HG13 sing N N 486 
VAL CG2 HG21 sing N N 487 
VAL CG2 HG22 sing N N 488 
VAL CG2 HG23 sing N N 489 
VAL OXT HXT  sing N N 490 
# 
_atom_sites.entry_id                    3OOB 
_atom_sites.fract_transf_matrix[1][1]   -0.01288914 
_atom_sites.fract_transf_matrix[1][2]   0.01021611 
_atom_sites.fract_transf_matrix[1][3]   0.00250038 
_atom_sites.fract_transf_matrix[2][1]   -0.01254450 
_atom_sites.fract_transf_matrix[2][2]   0.00039093 
_atom_sites.fract_transf_matrix[2][3]   -0.01091967 
_atom_sites.fract_transf_matrix[3][1]   -0.00592310 
_atom_sites.fract_transf_matrix[3][2]   -0.00905887 
_atom_sites.fract_transf_matrix[3][3]   0.00648013 
_atom_sites.fract_transf_vector[1]      0.629678 
_atom_sites.fract_transf_vector[2]      0.231792 
_atom_sites.fract_transf_vector[3]      0.357714 
# 
loop_
_atom_type.symbol 
C 
N 
O 
S 
# 
loop_
_atom_site.group_PDB 
_atom_site.id 
_atom_site.type_symbol 
_atom_site.label_atom_id 
_atom_site.label_alt_id 
_atom_site.label_comp_id 
_atom_site.label_asym_id 
_atom_site.label_entity_id 
_atom_site.label_seq_id 
_atom_site.pdbx_PDB_ins_code 
_atom_site.Cartn_x 
_atom_site.Cartn_y 
_atom_site.Cartn_z 
_atom_site.occupancy 
_atom_site.B_iso_or_equiv 
_atom_site.pdbx_formal_charge 
_atom_site.auth_seq_id 
_atom_site.auth_comp_id 
_atom_site.auth_asym_id 
_atom_site.auth_atom_id 
_atom_site.pdbx_PDB_model_num 
ATOM   1    N N   . LYS A 1 6   ? -3.510  8.186   23.337  1.00 44.61 ? 6   LYS A N   1 
ATOM   2    C CA  . LYS A 1 6   ? -4.450  7.603   22.339  1.00 43.91 ? 6   LYS A CA  1 
ATOM   3    C C   . LYS A 1 6   ? -3.803  7.626   20.950  1.00 43.58 ? 6   LYS A C   1 
ATOM   4    O O   . LYS A 1 6   ? -3.343  8.676   20.474  1.00 44.41 ? 6   LYS A O   1 
ATOM   5    C CB  . LYS A 1 6   ? -5.783  8.358   22.333  0.10 43.94 ? 6   LYS A CB  1 
ATOM   6    C CG  . LYS A 1 6   ? -6.919  7.599   21.660  0.10 43.75 ? 6   LYS A CG  1 
ATOM   7    C CD  . LYS A 1 6   ? -8.187  8.432   21.592  0.10 43.76 ? 6   LYS A CD  1 
ATOM   8    C CE  . LYS A 1 6   ? -9.270  7.715   20.801  0.10 43.37 ? 6   LYS A CE  1 
ATOM   9    N NZ  . LYS A 1 6   ? -10.498 8.545   20.665  0.10 43.41 ? 6   LYS A NZ  1 
ATOM   10   N N   . LEU A 1 7   ? -3.759  6.464   20.309  1.00 41.95 ? 7   LEU A N   1 
ATOM   11   C CA  . LEU A 1 7   ? -3.136  6.327   18.992  1.00 40.07 ? 7   LEU A CA  1 
ATOM   12   C C   . LEU A 1 7   ? -4.063  6.894   17.907  1.00 38.92 ? 7   LEU A C   1 
ATOM   13   O O   . LEU A 1 7   ? -5.277  6.906   18.094  1.00 38.80 ? 7   LEU A O   1 
ATOM   14   C CB  . LEU A 1 7   ? -2.849  4.844   18.721  1.00 39.95 ? 7   LEU A CB  1 
ATOM   15   C CG  . LEU A 1 7   ? -1.910  4.083   19.669  1.00 39.53 ? 7   LEU A CG  1 
ATOM   16   C CD1 . LEU A 1 7   ? -2.092  2.581   19.526  1.00 39.23 ? 7   LEU A CD1 1 
ATOM   17   C CD2 . LEU A 1 7   ? -0.464  4.474   19.410  1.00 40.77 ? 7   LEU A CD2 1 
ATOM   18   N N   . PRO A 1 8   ? -3.500  7.329   16.758  1.00 37.64 ? 8   PRO A N   1 
ATOM   19   C CA  . PRO A 1 8   ? -4.325  7.871   15.658  1.00 36.93 ? 8   PRO A CA  1 
ATOM   20   C C   . PRO A 1 8   ? -5.223  6.786   15.049  1.00 35.96 ? 8   PRO A C   1 
ATOM   21   O O   . PRO A 1 8   ? -5.031  5.604   15.354  1.00 36.05 ? 8   PRO A O   1 
ATOM   22   C CB  . PRO A 1 8   ? -3.297  8.350   14.625  1.00 37.00 ? 8   PRO A CB  1 
ATOM   23   C CG  . PRO A 1 8   ? -1.954  8.286   15.304  1.00 37.44 ? 8   PRO A CG  1 
ATOM   24   C CD  . PRO A 1 8   ? -2.066  7.300   16.415  1.00 37.84 ? 8   PRO A CD  1 
ATOM   25   N N   . PRO A 1 9   ? -6.211  7.179   14.208  1.00 34.87 ? 9   PRO A N   1 
ATOM   26   C CA  . PRO A 1 9   ? -7.185  6.215   13.662  1.00 33.58 ? 9   PRO A CA  1 
ATOM   27   C C   . PRO A 1 9   ? -6.604  4.981   12.974  1.00 32.50 ? 9   PRO A C   1 
ATOM   28   O O   . PRO A 1 9   ? -5.744  5.095   12.081  1.00 32.04 ? 9   PRO A O   1 
ATOM   29   C CB  . PRO A 1 9   ? -7.976  7.049   12.642  1.00 33.94 ? 9   PRO A CB  1 
ATOM   30   C CG  . PRO A 1 9   ? -7.872  8.434   13.133  1.00 34.16 ? 9   PRO A CG  1 
ATOM   31   C CD  . PRO A 1 9   ? -6.501  8.559   13.759  1.00 34.54 ? 9   PRO A CD  1 
ATOM   32   N N   . GLY A 1 10  ? -7.120  3.813   13.370  1.00 30.54 ? 10  GLY A N   1 
ATOM   33   C CA  . GLY A 1 10  ? -6.738  2.538   12.781  1.00 28.60 ? 10  GLY A CA  1 
ATOM   34   C C   . GLY A 1 10  ? -5.603  1.842   13.515  1.00 27.80 ? 10  GLY A C   1 
ATOM   35   O O   . GLY A 1 10  ? -5.401  0.653   13.333  1.00 26.81 ? 10  GLY A O   1 
ATOM   36   N N   . TRP A 1 11  ? -4.874  2.588   14.341  1.00 27.99 ? 11  TRP A N   1 
ATOM   37   C CA  . TRP A 1 11  ? -3.666  2.078   14.989  1.00 28.13 ? 11  TRP A CA  1 
ATOM   38   C C   . TRP A 1 11  ? -3.975  1.247   16.237  1.00 28.94 ? 11  TRP A C   1 
ATOM   39   O O   . TRP A 1 11  ? -4.783  1.641   17.073  1.00 28.89 ? 11  TRP A O   1 
ATOM   40   C CB  . TRP A 1 11  ? -2.700  3.221   15.329  1.00 27.31 ? 11  TRP A CB  1 
ATOM   41   C CG  . TRP A 1 11  ? -1.953  3.782   14.134  1.00 26.17 ? 11  TRP A CG  1 
ATOM   42   C CD1 . TRP A 1 11  ? -2.220  4.945   13.465  1.00 26.38 ? 11  TRP A CD1 1 
ATOM   43   C CD2 . TRP A 1 11  ? -0.814  3.197   13.486  1.00 25.84 ? 11  TRP A CD2 1 
ATOM   44   N NE1 . TRP A 1 11  ? -1.319  5.119   12.419  1.00 26.50 ? 11  TRP A NE1 1 
ATOM   45   C CE2 . TRP A 1 11  ? -0.448  4.058   12.412  1.00 24.21 ? 11  TRP A CE2 1 
ATOM   46   C CE3 . TRP A 1 11  ? -0.083  2.018   13.689  1.00 23.28 ? 11  TRP A CE3 1 
ATOM   47   C CZ2 . TRP A 1 11  ? 0.639   3.797   11.581  1.00 25.35 ? 11  TRP A CZ2 1 
ATOM   48   C CZ3 . TRP A 1 11  ? 0.995   1.745   12.845  1.00 26.12 ? 11  TRP A CZ3 1 
ATOM   49   C CH2 . TRP A 1 11  ? 1.338   2.627   11.794  1.00 24.71 ? 11  TRP A CH2 1 
ATOM   50   N N   . GLU A 1 12  ? -3.316  0.094   16.343  1.00 29.70 ? 12  GLU A N   1 
ATOM   51   C CA  . GLU A 1 12  ? -3.334  -0.732  17.552  1.00 31.24 ? 12  GLU A CA  1 
ATOM   52   C C   . GLU A 1 12  ? -1.942  -1.143  17.984  1.00 31.35 ? 12  GLU A C   1 
ATOM   53   O O   . GLU A 1 12  ? -1.016  -1.176  17.189  1.00 29.98 ? 12  GLU A O   1 
ATOM   54   C CB  . GLU A 1 12  ? -4.195  -2.000  17.397  1.00 31.59 ? 12  GLU A CB  1 
ATOM   55   C CG  . GLU A 1 12  ? -4.761  -2.293  16.040  1.00 33.28 ? 12  GLU A CG  1 
ATOM   56   C CD  . GLU A 1 12  ? -5.876  -3.356  16.062  0.80 33.66 ? 12  GLU A CD  1 
ATOM   57   O OE1 . GLU A 1 12  ? -6.655  -3.402  15.094  0.80 34.57 ? 12  GLU A OE1 1 
ATOM   58   O OE2 . GLU A 1 12  ? -5.974  -4.148  17.033  0.80 37.11 ? 12  GLU A OE2 1 
ATOM   59   N N   . LYS A 1 13  ? -1.820  -1.453  19.269  1.00 32.59 ? 13  LYS A N   1 
ATOM   60   C CA  . LYS A 1 13  ? -0.592  -1.979  19.846  1.00 33.40 ? 13  LYS A CA  1 
ATOM   61   C C   . LYS A 1 13  ? -0.624  -3.508  19.783  1.00 33.25 ? 13  LYS A C   1 
ATOM   62   O O   . LYS A 1 13  ? -1.674  -4.136  19.994  1.00 33.66 ? 13  LYS A O   1 
ATOM   63   C CB  . LYS A 1 13  ? -0.494  -1.472  21.286  1.00 33.71 ? 13  LYS A CB  1 
ATOM   64   C CG  . LYS A 1 13  ? 0.878   -1.465  21.893  1.00 36.35 ? 13  LYS A CG  1 
ATOM   65   C CD  . LYS A 1 13  ? 0.787   -0.937  23.330  1.00 38.80 ? 13  LYS A CD  1 
ATOM   66   C CE  . LYS A 1 13  ? 2.168   -0.818  23.980  0.50 40.33 ? 13  LYS A CE  1 
ATOM   67   N NZ  . LYS A 1 13  ? 2.115   -0.155  25.317  0.50 40.73 ? 13  LYS A NZ  1 
ATOM   68   N N   . ALA A 1 14  ? 0.515   -4.114  19.463  1.00 32.99 ? 14  ALA A N   1 
ATOM   69   C CA  . ALA A 1 14  ? 0.637   -5.556  19.448  1.00 33.36 ? 14  ALA A CA  1 
ATOM   70   C C   . ALA A 1 14  ? 1.998   -5.965  20.001  1.00 33.74 ? 14  ALA A C   1 
ATOM   71   O O   . ALA A 1 14  ? 2.811   -5.118  20.342  1.00 32.78 ? 14  ALA A O   1 
ATOM   72   C CB  . ALA A 1 14  ? 0.447   -6.081  18.058  1.00 32.92 ? 14  ALA A CB  1 
ATOM   73   N N   . MET A 1 15  ? 2.221   -7.267  20.111  1.00 34.78 ? 15  MET A N   1 
ATOM   74   C CA  A MET A 1 15  ? 3.479   -7.781  20.628  0.50 35.14 ? 15  MET A CA  1 
ATOM   75   C CA  B MET A 1 15  ? 3.476   -7.805  20.643  0.50 34.93 ? 15  MET A CA  1 
ATOM   76   C C   . MET A 1 15  ? 4.105   -8.716  19.606  1.00 34.70 ? 15  MET A C   1 
ATOM   77   O O   . MET A 1 15  ? 3.452   -9.633  19.098  1.00 35.00 ? 15  MET A O   1 
ATOM   78   C CB  A MET A 1 15  ? 3.244   -8.489  21.963  0.50 35.36 ? 15  MET A CB  1 
ATOM   79   C CB  B MET A 1 15  ? 3.237   -8.591  21.945  0.50 35.82 ? 15  MET A CB  1 
ATOM   80   C CG  A MET A 1 15  ? 4.488   -9.085  22.590  0.50 34.55 ? 15  MET A CG  1 
ATOM   81   C CG  B MET A 1 15  ? 2.527   -7.821  23.033  0.50 36.68 ? 15  MET A CG  1 
ATOM   82   S SD  A MET A 1 15  ? 4.183   -9.428  24.325  0.50 37.92 ? 15  MET A SD  1 
ATOM   83   S SD  B MET A 1 15  ? 3.513   -6.471  23.698  0.50 40.47 ? 15  MET A SD  1 
ATOM   84   C CE  A MET A 1 15  ? 4.205   -7.788  25.032  0.50 35.53 ? 15  MET A CE  1 
ATOM   85   C CE  B MET A 1 15  ? 2.270   -5.174  23.708  0.50 37.70 ? 15  MET A CE  1 
ATOM   86   N N   . SER A 1 16  ? 5.366   -8.464  19.285  1.00 33.75 ? 16  SER A N   1 
ATOM   87   C CA  . SER A 1 16  ? 6.076   -9.316  18.360  1.00 32.91 ? 16  SER A CA  1 
ATOM   88   C C   . SER A 1 16  ? 6.177   -10.716 18.972  1.00 33.15 ? 16  SER A C   1 
ATOM   89   O O   . SER A 1 16  ? 6.502   -10.873 20.156  1.00 32.12 ? 16  SER A O   1 
ATOM   90   C CB  . SER A 1 16  ? 7.479   -8.781  18.098  1.00 32.12 ? 16  SER A CB  1 
ATOM   91   O OG  . SER A 1 16  ? 8.269   -9.795  17.496  1.00 33.84 ? 16  SER A OG  1 
ATOM   92   N N   . ARG A 1 17  ? 5.898   -11.715 18.154  1.00 33.44 ? 17  ARG A N   1 
ATOM   93   C CA  A ARG A 1 17  ? 5.958   -13.106 18.584  0.50 34.68 ? 17  ARG A CA  1 
ATOM   94   C CA  B ARG A 1 17  ? 5.968   -13.100 18.603  0.50 33.90 ? 17  ARG A CA  1 
ATOM   95   C C   . ARG A 1 17  ? 7.390   -13.622 18.603  1.00 34.71 ? 17  ARG A C   1 
ATOM   96   O O   . ARG A 1 17  ? 7.709   -14.502 19.368  1.00 35.19 ? 17  ARG A O   1 
ATOM   97   C CB  A ARG A 1 17  ? 5.096   -13.981 17.677  0.50 34.51 ? 17  ARG A CB  1 
ATOM   98   C CB  B ARG A 1 17  ? 5.097   -13.991 17.734  0.50 33.24 ? 17  ARG A CB  1 
ATOM   99   C CG  A ARG A 1 17  ? 3.639   -13.545 17.663  0.50 36.23 ? 17  ARG A CG  1 
ATOM   100  C CG  B ARG A 1 17  ? 3.639   -13.895 18.106  0.50 31.19 ? 17  ARG A CG  1 
ATOM   101  C CD  A ARG A 1 17  ? 2.713   -14.711 17.775  0.50 38.81 ? 17  ARG A CD  1 
ATOM   102  C CD  B ARG A 1 17  ? 2.797   -14.592 17.085  0.50 28.86 ? 17  ARG A CD  1 
ATOM   103  N NE  A ARG A 1 17  ? 2.434   -15.381 16.507  0.50 41.15 ? 17  ARG A NE  1 
ATOM   104  N NE  B ARG A 1 17  ? 1.451   -14.035 17.074  0.50 24.12 ? 17  ARG A NE  1 
ATOM   105  C CZ  A ARG A 1 17  ? 1.249   -15.370 15.904  0.50 41.01 ? 17  ARG A CZ  1 
ATOM   106  C CZ  B ARG A 1 17  ? 0.440   -14.518 16.364  0.50 25.32 ? 17  ARG A CZ  1 
ATOM   107  N NH1 A ARG A 1 17  ? 0.231   -14.702 16.433  0.50 41.85 ? 17  ARG A NH1 1 
ATOM   108  N NH1 B ARG A 1 17  ? 0.592   -15.606 15.605  0.50 23.93 ? 17  ARG A NH1 1 
ATOM   109  N NH2 A ARG A 1 17  ? 1.082   -16.026 14.769  0.50 40.62 ? 17  ARG A NH2 1 
ATOM   110  N NH2 B ARG A 1 17  ? -0.734  -13.911 16.424  0.50 23.60 ? 17  ARG A NH2 1 
ATOM   111  N N   . SER A 1 18  ? 8.237   -13.069 17.743  1.00 35.61 ? 18  SER A N   1 
ATOM   112  C CA  . SER A 1 18  ? 9.625   -13.509 17.703  1.00 36.54 ? 18  SER A CA  1 
ATOM   113  C C   . SER A 1 18  ? 10.478  -12.843 18.790  1.00 36.48 ? 18  SER A C   1 
ATOM   114  O O   . SER A 1 18  ? 11.306  -13.502 19.413  1.00 38.02 ? 18  SER A O   1 
ATOM   115  C CB  . SER A 1 18  ? 10.213  -13.310 16.315  1.00 36.98 ? 18  SER A CB  1 
ATOM   116  O OG  . SER A 1 18  ? 10.089  -11.958 15.898  1.00 39.13 ? 18  SER A OG  1 
ATOM   117  N N   . SER A 1 19  ? 10.275  -11.553 19.041  1.00 35.75 ? 19  SER A N   1 
ATOM   118  C CA  . SER A 1 19  ? 11.120  -10.837 19.997  1.00 34.77 ? 19  SER A CA  1 
ATOM   119  C C   . SER A 1 19  ? 10.438  -10.533 21.317  1.00 34.36 ? 19  SER A C   1 
ATOM   120  O O   . SER A 1 19  ? 11.108  -10.298 22.321  1.00 34.79 ? 19  SER A O   1 
ATOM   121  C CB  . SER A 1 19  ? 11.603  -9.521  19.391  1.00 34.97 ? 19  SER A CB  1 
ATOM   122  O OG  . SER A 1 19  ? 10.510  -8.653  19.212  1.00 35.36 ? 19  SER A OG  1 
ATOM   123  N N   . GLY A 1 20  ? 9.110   -10.495 21.320  1.00 33.58 ? 20  GLY A N   1 
ATOM   124  C CA  . GLY A 1 20  ? 8.390   -10.038 22.508  1.00 31.35 ? 20  GLY A CA  1 
ATOM   125  C C   . GLY A 1 20  ? 8.228   -8.530  22.630  1.00 30.83 ? 20  GLY A C   1 
ATOM   126  O O   . GLY A 1 20  ? 7.569   -8.062  23.557  1.00 30.39 ? 20  GLY A O   1 
ATOM   127  N N   . ARG A 1 21  ? 8.831   -7.748  21.726  1.00 28.84 ? 21  ARG A N   1 
ATOM   128  C CA  . ARG A 1 21  ? 8.715   -6.291  21.803  1.00 28.06 ? 21  ARG A CA  1 
ATOM   129  C C   . ARG A 1 21  ? 7.376   -5.831  21.269  1.00 26.83 ? 21  ARG A C   1 
ATOM   130  O O   . ARG A 1 21  ? 6.831   -6.432  20.349  1.00 27.20 ? 21  ARG A O   1 
ATOM   131  C CB  . ARG A 1 21  ? 9.828   -5.572  21.003  1.00 28.12 ? 21  ARG A CB  1 
ATOM   132  C CG  . ARG A 1 21  ? 10.966  -5.055  21.852  1.00 29.54 ? 21  ARG A CG  1 
ATOM   133  C CD  . ARG A 1 21  ? 12.034  -4.357  20.982  1.00 29.05 ? 21  ARG A CD  1 
ATOM   134  N NE  . ARG A 1 21  ? 12.557  -5.239  19.935  1.00 28.42 ? 21  ARG A NE  1 
ATOM   135  C CZ  . ARG A 1 21  ? 12.592  -4.947  18.641  1.00 28.20 ? 21  ARG A CZ  1 
ATOM   136  N NH1 . ARG A 1 21  ? 12.154  -3.770  18.177  1.00 28.07 ? 21  ARG A NH1 1 
ATOM   137  N NH2 . ARG A 1 21  ? 13.087  -5.838  17.797  1.00 29.79 ? 21  ARG A NH2 1 
ATOM   138  N N   . VAL A 1 22  ? 6.873   -4.757  21.849  1.00 26.30 ? 22  VAL A N   1 
ATOM   139  C CA  A VAL A 1 22  ? 5.640   -4.196  21.338  0.50 26.08 ? 22  VAL A CA  1 
ATOM   140  C CA  B VAL A 1 22  ? 5.670   -4.064  21.390  0.50 25.96 ? 22  VAL A CA  1 
ATOM   141  C C   . VAL A 1 22  ? 5.901   -3.571  19.962  1.00 25.53 ? 22  VAL A C   1 
ATOM   142  O O   . VAL A 1 22  ? 7.019   -3.160  19.626  1.00 24.71 ? 22  VAL A O   1 
ATOM   143  C CB  A VAL A 1 22  ? 4.970   -3.205  22.326  0.50 26.22 ? 22  VAL A CB  1 
ATOM   144  C CB  B VAL A 1 22  ? 5.397   -2.803  22.261  0.50 26.01 ? 22  VAL A CB  1 
ATOM   145  C CG1 A VAL A 1 22  ? 4.585   -3.924  23.617  0.50 27.47 ? 22  VAL A CG1 1 
ATOM   146  C CG1 B VAL A 1 22  ? 4.089   -2.139  21.855  0.50 26.38 ? 22  VAL A CG1 1 
ATOM   147  C CG2 A VAL A 1 22  ? 5.868   -2.018  22.617  0.50 26.05 ? 22  VAL A CG2 1 
ATOM   148  C CG2 B VAL A 1 22  ? 5.382   -3.135  23.747  0.50 26.06 ? 22  VAL A CG2 1 
ATOM   149  N N   . TYR A 1 23  ? 4.870   -3.580  19.128  1.00 25.35 ? 23  TYR A N   1 
ATOM   150  C CA  . TYR A 1 23  ? 4.931   -2.841  17.875  1.00 24.39 ? 23  TYR A CA  1 
ATOM   151  C C   . TYR A 1 23  ? 3.516   -2.336  17.636  1.00 25.03 ? 23  TYR A C   1 
ATOM   152  O O   . TYR A 1 23  ? 2.619   -2.574  18.447  1.00 25.06 ? 23  TYR A O   1 
ATOM   153  C CB  . TYR A 1 23  ? 5.442   -3.681  16.712  1.00 25.39 ? 23  TYR A CB  1 
ATOM   154  C CG  . TYR A 1 23  ? 4.520   -4.799  16.274  1.00 26.70 ? 23  TYR A CG  1 
ATOM   155  C CD1 . TYR A 1 23  ? 4.436   -5.983  17.011  1.00 25.92 ? 23  TYR A CD1 1 
ATOM   156  C CD2 . TYR A 1 23  ? 3.736   -4.678  15.127  1.00 26.30 ? 23  TYR A CD2 1 
ATOM   157  C CE1 . TYR A 1 23  ? 3.601   -7.010  16.621  1.00 27.65 ? 23  TYR A CE1 1 
ATOM   158  C CE2 . TYR A 1 23  ? 2.902   -5.705  14.723  1.00 26.61 ? 23  TYR A CE2 1 
ATOM   159  C CZ  . TYR A 1 23  ? 2.835   -6.858  15.486  1.00 28.34 ? 23  TYR A CZ  1 
ATOM   160  O OH  . TYR A 1 23  ? 2.013   -7.887  15.111  1.00 29.87 ? 23  TYR A OH  1 
ATOM   161  N N   . TYR A 1 24  ? 3.332   -1.622  16.539  1.00 24.35 ? 24  TYR A N   1 
ATOM   162  C CA  . TYR A 1 24  ? 2.066   -0.976  16.251  1.00 24.43 ? 24  TYR A CA  1 
ATOM   163  C C   . TYR A 1 24  ? 1.636   -1.370  14.861  1.00 23.97 ? 24  TYR A C   1 
ATOM   164  O O   . TYR A 1 24  ? 2.459   -1.474  13.957  1.00 22.79 ? 24  TYR A O   1 
ATOM   165  C CB  . TYR A 1 24  ? 2.234   0.541   16.359  1.00 25.44 ? 24  TYR A CB  1 
ATOM   166  C CG  . TYR A 1 24  ? 2.637   0.944   17.745  1.00 27.25 ? 24  TYR A CG  1 
ATOM   167  C CD1 . TYR A 1 24  ? 1.679   1.280   18.689  1.00 27.04 ? 24  TYR A CD1 1 
ATOM   168  C CD2 . TYR A 1 24  ? 3.976   0.943   18.127  1.00 26.58 ? 24  TYR A CD2 1 
ATOM   169  C CE1 . TYR A 1 24  ? 2.045   1.629   20.004  1.00 30.86 ? 24  TYR A CE1 1 
ATOM   170  C CE2 . TYR A 1 24  ? 4.358   1.287   19.428  1.00 29.18 ? 24  TYR A CE2 1 
ATOM   171  C CZ  . TYR A 1 24  ? 3.380   1.631   20.354  1.00 29.98 ? 24  TYR A CZ  1 
ATOM   172  O OH  . TYR A 1 24  ? 3.743   1.976   21.629  1.00 31.14 ? 24  TYR A OH  1 
ATOM   173  N N   . PHE A 1 25  ? 0.334   -1.597  14.695  1.00 23.72 ? 25  PHE A N   1 
ATOM   174  C CA  A PHE A 1 25  ? -0.169  -1.892  13.381  0.50 23.64 ? 25  PHE A CA  1 
ATOM   175  C CA  B PHE A 1 25  ? -0.257  -2.038  13.436  0.50 23.71 ? 25  PHE A CA  1 
ATOM   176  C C   . PHE A 1 25  ? -1.486  -1.182  13.170  1.00 23.76 ? 25  PHE A C   1 
ATOM   177  O O   . PHE A 1 25  ? -2.169  -0.810  14.115  1.00 23.41 ? 25  PHE A O   1 
ATOM   178  C CB  A PHE A 1 25  ? -0.247  -3.402  13.124  0.50 24.27 ? 25  PHE A CB  1 
ATOM   179  C CB  B PHE A 1 25  ? -0.680  -3.514  13.536  0.50 24.17 ? 25  PHE A CB  1 
ATOM   180  C CG  A PHE A 1 25  ? -1.366  -4.102  13.847  0.50 23.82 ? 25  PHE A CG  1 
ATOM   181  C CG  B PHE A 1 25  ? -1.524  -4.001  12.368  0.50 24.14 ? 25  PHE A CG  1 
ATOM   182  C CD1 A PHE A 1 25  ? -1.208  -4.521  15.163  0.50 24.63 ? 25  PHE A CD1 1 
ATOM   183  C CD1 B PHE A 1 25  ? -0.939  -4.280  11.134  0.50 24.86 ? 25  PHE A CD1 1 
ATOM   184  C CD2 A PHE A 1 25  ? -2.567  -4.372  13.190  0.50 24.96 ? 25  PHE A CD2 1 
ATOM   185  C CD2 B PHE A 1 25  ? -2.902  -4.177  12.505  0.50 24.14 ? 25  PHE A CD2 1 
ATOM   186  C CE1 A PHE A 1 25  ? -2.232  -5.190  15.824  0.50 25.44 ? 25  PHE A CE1 1 
ATOM   187  C CE1 B PHE A 1 25  ? -1.710  -4.729  10.050  0.50 23.79 ? 25  PHE A CE1 1 
ATOM   188  C CE2 A PHE A 1 25  ? -3.602  -5.043  13.840  0.50 23.54 ? 25  PHE A CE2 1 
ATOM   189  C CE2 B PHE A 1 25  ? -3.680  -4.628  11.425  0.50 24.46 ? 25  PHE A CE2 1 
ATOM   190  C CZ  A PHE A 1 25  ? -3.434  -5.454  15.156  0.50 25.04 ? 25  PHE A CZ  1 
ATOM   191  C CZ  B PHE A 1 25  ? -3.075  -4.898  10.194  0.50 23.23 ? 25  PHE A CZ  1 
ATOM   192  N N   . ASN A 1 26  ? -1.775  -0.929  11.906  1.00 23.40 ? 26  ASN A N   1 
ATOM   193  C CA  . ASN A 1 26  ? -2.956  -0.165  11.533  1.00 23.61 ? 26  ASN A CA  1 
ATOM   194  C C   . ASN A 1 26  ? -3.893  -1.040  10.705  1.00 23.37 ? 26  ASN A C   1 
ATOM   195  O O   . ASN A 1 26  ? -3.505  -1.554  9.656   1.00 22.85 ? 26  ASN A O   1 
ATOM   196  C CB  . ASN A 1 26  ? -2.525  1.089   10.766  1.00 23.82 ? 26  ASN A CB  1 
ATOM   197  C CG  . ASN A 1 26  ? -3.655  2.084   10.604  1.00 23.32 ? 26  ASN A CG  1 
ATOM   198  O OD1 . ASN A 1 26  ? -4.667  1.788   9.974   1.00 23.24 ? 26  ASN A OD1 1 
ATOM   199  N ND2 . ASN A 1 26  ? -3.488  3.263   11.179  1.00 24.06 ? 26  ASN A ND2 1 
ATOM   200  N N   . HIS A 1 27  ? -5.133  -1.230  11.173  1.00 23.42 ? 27  HIS A N   1 
ATOM   201  C CA  . HIS A 1 27  ? -6.065  -2.126  10.476  1.00 23.58 ? 27  HIS A CA  1 
ATOM   202  C C   . HIS A 1 27  ? -6.783  -1.451  9.308   1.00 23.99 ? 27  HIS A C   1 
ATOM   203  O O   . HIS A 1 27  ? -7.575  -2.093  8.608   1.00 23.75 ? 27  HIS A O   1 
ATOM   204  C CB  . HIS A 1 27  ? -7.113  -2.742  11.451  1.00 24.17 ? 27  HIS A CB  1 
ATOM   205  C CG  . HIS A 1 27  ? -7.896  -1.734  12.232  1.00 24.91 ? 27  HIS A CG  1 
ATOM   206  N ND1 . HIS A 1 27  ? -8.975  -1.048  11.702  1.00 29.76 ? 27  HIS A ND1 1 
ATOM   207  C CD2 . HIS A 1 27  ? -7.805  -1.346  13.524  1.00 25.99 ? 27  HIS A CD2 1 
ATOM   208  C CE1 . HIS A 1 27  ? -9.484  -0.246  12.623  1.00 27.47 ? 27  HIS A CE1 1 
ATOM   209  N NE2 . HIS A 1 27  ? -8.785  -0.398  13.733  1.00 30.06 ? 27  HIS A NE2 1 
ATOM   210  N N   . ILE A 1 28  ? -6.537  -0.156  9.129   1.00 23.51 ? 28  ILE A N   1 
ATOM   211  C CA  . ILE A 1 28  ? -7.045  0.555   7.940   1.00 22.99 ? 28  ILE A CA  1 
ATOM   212  C C   . ILE A 1 28  ? -6.003  0.515   6.792   1.00 23.05 ? 28  ILE A C   1 
ATOM   213  O O   . ILE A 1 28  ? -6.353  0.233   5.649   1.00 23.80 ? 28  ILE A O   1 
ATOM   214  C CB  . ILE A 1 28  ? -7.471  1.994   8.255   1.00 23.62 ? 28  ILE A CB  1 
ATOM   215  C CG1 . ILE A 1 28  ? -8.478  2.008   9.424   1.00 23.56 ? 28  ILE A CG1 1 
ATOM   216  C CG2 . ILE A 1 28  ? -8.088  2.644   7.012   1.00 22.96 ? 28  ILE A CG2 1 
ATOM   217  C CD1 . ILE A 1 28  ? -8.686  3.392   10.069  1.00 22.98 ? 28  ILE A CD1 1 
ATOM   218  N N   . THR A 1 29  ? -4.731  0.738   7.112   1.00 22.89 ? 29  THR A N   1 
ATOM   219  C CA  . THR A 1 29  ? -3.688  0.825   6.084   1.00 22.12 ? 29  THR A CA  1 
ATOM   220  C C   . THR A 1 29  ? -2.847  -0.424  5.978   1.00 22.72 ? 29  THR A C   1 
ATOM   221  O O   . THR A 1 29  ? -2.043  -0.582  5.030   1.00 22.78 ? 29  THR A O   1 
ATOM   222  C CB  . THR A 1 29  ? -2.738  1.983   6.396   1.00 21.89 ? 29  THR A CB  1 
ATOM   223  O OG1 . THR A 1 29  ? -2.014  1.678   7.595   1.00 21.30 ? 29  THR A OG1 1 
ATOM   224  C CG2 . THR A 1 29  ? -3.506  3.288   6.579   1.00 22.35 ? 29  THR A CG2 1 
ATOM   225  N N   . ASN A 1 30  ? -2.988  -1.320  6.959   1.00 22.13 ? 30  ASN A N   1 
ATOM   226  C CA  . ASN A 1 30  ? -2.121  -2.509  7.058   1.00 21.97 ? 30  ASN A CA  1 
ATOM   227  C C   . ASN A 1 30  ? -0.630  -2.167  7.272   1.00 21.62 ? 30  ASN A C   1 
ATOM   228  O O   . ASN A 1 30  ? 0.239   -3.013  7.081   1.00 21.44 ? 30  ASN A O   1 
ATOM   229  C CB  . ASN A 1 30  ? -2.339  -3.474  5.878   1.00 21.06 ? 30  ASN A CB  1 
ATOM   230  C CG  . ASN A 1 30  ? -3.710  -4.146  5.919   1.00 22.89 ? 30  ASN A CG  1 
ATOM   231  O OD1 . ASN A 1 30  ? -4.339  -4.410  4.876   1.00 21.99 ? 30  ASN A OD1 1 
ATOM   232  N ND2 . ASN A 1 30  ? -4.201  -4.374  7.118   1.00 19.19 ? 30  ASN A ND2 1 
ATOM   233  N N   . ALA A 1 31  ? -0.353  -0.934  7.696   1.00 21.67 ? 31  ALA A N   1 
ATOM   234  C CA  . ALA A 1 31  ? 1.008   -0.544  8.070   1.00 22.61 ? 31  ALA A CA  1 
ATOM   235  C C   . ALA A 1 31  ? 1.410   -1.259  9.353   1.00 23.75 ? 31  ALA A C   1 
ATOM   236  O O   . ALA A 1 31  ? 0.564   -1.548  10.236  1.00 23.69 ? 31  ALA A O   1 
ATOM   237  C CB  . ALA A 1 31  ? 1.105   0.963   8.290   1.00 22.97 ? 31  ALA A CB  1 
ATOM   238  N N   . SER A 1 32  ? 2.695   -1.516  9.485   1.00 23.43 ? 32  SER A N   1 
ATOM   239  C CA  A SER A 1 32  ? 3.205   -2.062  10.730  0.50 23.89 ? 32  SER A CA  1 
ATOM   240  C CA  B SER A 1 32  ? 3.228   -2.131  10.691  0.50 24.01 ? 32  SER A CA  1 
ATOM   241  C C   . SER A 1 32  ? 4.589   -1.496  10.979  1.00 24.06 ? 32  SER A C   1 
ATOM   242  O O   . SER A 1 32  ? 5.355   -1.273  10.053  1.00 24.47 ? 32  SER A O   1 
ATOM   243  C CB  A SER A 1 32  ? 3.182   -3.599  10.729  0.50 23.58 ? 32  SER A CB  1 
ATOM   244  C CB  B SER A 1 32  ? 3.344   -3.641  10.464  0.50 23.69 ? 32  SER A CB  1 
ATOM   245  O OG  A SER A 1 32  ? 3.987   -4.159  9.709   0.50 24.91 ? 32  SER A OG  1 
ATOM   246  O OG  B SER A 1 32  ? 3.753   -4.334  11.627  0.50 25.60 ? 32  SER A OG  1 
ATOM   247  N N   . GLN A 1 33  ? 4.882   -1.207  12.239  1.00 24.10 ? 33  GLN A N   1 
ATOM   248  C CA  . GLN A 1 33  ? 6.164   -0.578  12.575  1.00 24.81 ? 33  GLN A CA  1 
ATOM   249  C C   . GLN A 1 33  ? 6.463   -0.709  14.046  1.00 24.79 ? 33  GLN A C   1 
ATOM   250  O O   . GLN A 1 33  ? 5.540   -0.818  14.862  1.00 24.61 ? 33  GLN A O   1 
ATOM   251  C CB  . GLN A 1 33  ? 6.154   0.915   12.212  1.00 24.13 ? 33  GLN A CB  1 
ATOM   252  C CG  . GLN A 1 33  ? 5.101   1.742   12.951  1.00 25.41 ? 33  GLN A CG  1 
ATOM   253  C CD  . GLN A 1 33  ? 4.997   3.168   12.406  1.00 26.56 ? 33  GLN A CD  1 
ATOM   254  O OE1 . GLN A 1 33  ? 4.967   4.160   13.164  1.00 30.33 ? 33  GLN A OE1 1 
ATOM   255  N NE2 . GLN A 1 33  ? 4.923   3.271   11.099  1.00 26.00 ? 33  GLN A NE2 1 
ATOM   256  N N   . TRP A 1 34  ? 7.754   -0.662  14.386  1.00 25.72 ? 34  TRP A N   1 
ATOM   257  C CA  . TRP A 1 34  ? 8.167   -0.703  15.797  1.00 25.84 ? 34  TRP A CA  1 
ATOM   258  C C   . TRP A 1 34  ? 7.789   0.574   16.521  1.00 27.68 ? 34  TRP A C   1 
ATOM   259  O O   . TRP A 1 34  ? 7.394   0.550   17.689  1.00 27.48 ? 34  TRP A O   1 
ATOM   260  C CB  . TRP A 1 34  ? 9.689   -0.928  15.893  1.00 25.84 ? 34  TRP A CB  1 
ATOM   261  C CG  . TRP A 1 34  ? 10.110  -2.254  15.358  1.00 24.76 ? 34  TRP A CG  1 
ATOM   262  C CD1 . TRP A 1 34  ? 10.894  -2.499  14.262  1.00 24.85 ? 34  TRP A CD1 1 
ATOM   263  C CD2 . TRP A 1 34  ? 9.748   -3.528  15.886  1.00 25.35 ? 34  TRP A CD2 1 
ATOM   264  N NE1 . TRP A 1 34  ? 11.052  -3.855  14.084  1.00 24.90 ? 34  TRP A NE1 1 
ATOM   265  C CE2 . TRP A 1 34  ? 10.348  -4.508  15.071  1.00 26.53 ? 34  TRP A CE2 1 
ATOM   266  C CE3 . TRP A 1 34  ? 8.977   -3.938  16.995  1.00 26.56 ? 34  TRP A CE3 1 
ATOM   267  C CZ2 . TRP A 1 34  ? 10.202  -5.880  15.319  1.00 27.12 ? 34  TRP A CZ2 1 
ATOM   268  C CZ3 . TRP A 1 34  ? 8.832   -5.303  17.242  1.00 25.63 ? 34  TRP A CZ3 1 
ATOM   269  C CH2 . TRP A 1 34  ? 9.435   -6.252  16.406  1.00 26.57 ? 34  TRP A CH2 1 
ATOM   270  N N   . GLU A 1 35  ? 7.910   1.697   15.814  1.00 29.17 ? 35  GLU A N   1 
ATOM   271  C CA  . GLU A 1 35  ? 7.847   3.019   16.417  1.00 30.74 ? 35  GLU A CA  1 
ATOM   272  C C   . GLU A 1 35  ? 6.406   3.410   16.711  1.00 32.26 ? 35  GLU A C   1 
ATOM   273  O O   . GLU A 1 35  ? 5.511   3.179   15.892  1.00 31.14 ? 35  GLU A O   1 
ATOM   274  C CB  . GLU A 1 35  ? 8.502   4.062   15.475  1.00 31.53 ? 35  GLU A CB  1 
ATOM   275  C CG  . GLU A 1 35  ? 10.017  3.871   15.154  1.00 31.05 ? 35  GLU A CG  1 
ATOM   276  C CD  . GLU A 1 35  ? 10.342  2.729   14.181  1.00 32.14 ? 35  GLU A CD  1 
ATOM   277  O OE1 . GLU A 1 35  ? 9.426   2.251   13.466  1.00 31.08 ? 35  GLU A OE1 1 
ATOM   278  O OE2 . GLU A 1 35  ? 11.526  2.293   14.140  1.00 31.56 ? 35  GLU A OE2 1 
ATOM   279  N N   . ARG A 1 36  ? 6.164   4.004   17.873  1.00 33.79 ? 36  ARG A N   1 
ATOM   280  C CA  . ARG A 1 36  ? 4.831   4.521   18.164  1.00 36.91 ? 36  ARG A CA  1 
ATOM   281  C C   . ARG A 1 36  ? 4.470   5.632   17.146  1.00 37.43 ? 36  ARG A C   1 
ATOM   282  O O   . ARG A 1 36  ? 5.243   6.570   16.959  1.00 37.73 ? 36  ARG A O   1 
ATOM   283  C CB  . ARG A 1 36  ? 4.731   4.996   19.618  1.00 36.47 ? 36  ARG A CB  1 
ATOM   284  C CG  . ARG A 1 36  ? 3.307   5.334   20.049  1.00 39.15 ? 36  ARG A CG  1 
ATOM   285  C CD  . ARG A 1 36  ? 3.251   5.751   21.517  1.00 40.42 ? 36  ARG A CD  1 
ATOM   286  N NE  . ARG A 1 36  ? 1.897   6.150   21.905  1.00 48.09 ? 36  ARG A NE  1 
ATOM   287  C CZ  . ARG A 1 36  ? 1.025   5.367   22.541  1.00 50.26 ? 36  ARG A CZ  1 
ATOM   288  N NH1 . ARG A 1 36  ? 1.344   4.118   22.879  1.00 51.79 ? 36  ARG A NH1 1 
ATOM   289  N NH2 . ARG A 1 36  ? -0.182  5.837   22.838  1.00 51.91 ? 36  ARG A NH2 1 
ATOM   290  N N   . PRO A 1 37  ? 3.315   5.506   16.458  1.00 38.53 ? 37  PRO A N   1 
ATOM   291  C CA  . PRO A 1 37  ? 2.986   6.441   15.347  1.00 40.11 ? 37  PRO A CA  1 
ATOM   292  C C   . PRO A 1 37  ? 2.783   7.914   15.771  1.00 41.64 ? 37  PRO A C   1 
ATOM   293  O O   . PRO A 1 37  ? 2.317   8.170   16.879  1.00 41.87 ? 37  PRO A O   1 
ATOM   294  C CB  . PRO A 1 37  ? 1.695   5.859   14.772  1.00 39.98 ? 37  PRO A CB  1 
ATOM   295  C CG  . PRO A 1 37  ? 1.097   5.063   15.891  1.00 38.70 ? 37  PRO A CG  1 
ATOM   296  C CD  . PRO A 1 37  ? 2.254   4.505   16.667  1.00 38.53 ? 37  PRO A CD  1 
ATOM   297  N N   . SER A 1 38  ? 3.135   8.859   14.879  1.00 43.34 ? 38  SER A N   1 
ATOM   298  C CA  . SER A 1 38  ? 3.078   10.312  15.175  1.00 43.88 ? 38  SER A CA  1 
ATOM   299  C C   . SER A 1 38  ? 1.678   10.799  15.568  1.00 44.20 ? 38  SER A C   1 
ATOM   300  O O   . SER A 1 38  ? 0.673   10.286  15.070  1.00 43.98 ? 38  SER A O   1 
ATOM   301  C CB  . SER A 1 38  ? 3.597   11.134  13.992  1.00 44.18 ? 38  SER A CB  1 
ATOM   302  O OG  . SER A 1 38  ? 5.002   10.985  13.841  1.00 46.32 ? 38  SER A OG  1 
ATOM   303  N N   . GLU A 1 51  ? -9.434  15.649  9.659   1.00 48.82 ? 51  GLU A N   1 
ATOM   304  C CA  . GLU A 1 51  ? -8.899  15.080  8.418   1.00 48.41 ? 51  GLU A CA  1 
ATOM   305  C C   . GLU A 1 51  ? -9.048  16.042  7.227   1.00 48.23 ? 51  GLU A C   1 
ATOM   306  O O   . GLU A 1 51  ? -10.049 16.768  7.138   1.00 49.07 ? 51  GLU A O   1 
ATOM   307  C CB  . GLU A 1 51  ? -9.512  13.687  8.127   1.00 48.43 ? 51  GLU A CB  1 
ATOM   308  C CG  . GLU A 1 51  ? -10.864 13.661  7.418   1.00 47.40 ? 51  GLU A CG  1 
ATOM   309  C CD  . GLU A 1 51  ? -11.164 12.310  6.744   1.00 47.69 ? 51  GLU A CD  1 
ATOM   310  O OE1 . GLU A 1 51  ? -10.688 11.254  7.220   1.00 44.82 ? 51  GLU A OE1 1 
ATOM   311  O OE2 . GLU A 1 51  ? -11.892 12.304  5.731   1.00 47.45 ? 51  GLU A OE2 1 
ATOM   312  N N   . PRO A 1 52  ? -8.042  16.066  6.315   1.00 47.25 ? 52  PRO A N   1 
ATOM   313  C CA  . PRO A 1 52  ? -8.080  16.980  5.165   1.00 46.31 ? 52  PRO A CA  1 
ATOM   314  C C   . PRO A 1 52  ? -9.181  16.640  4.162   1.00 45.07 ? 52  PRO A C   1 
ATOM   315  O O   . PRO A 1 52  ? -9.645  15.497  4.102   1.00 45.40 ? 52  PRO A O   1 
ATOM   316  C CB  . PRO A 1 52  ? -6.703  16.785  4.513   1.00 46.28 ? 52  PRO A CB  1 
ATOM   317  C CG  . PRO A 1 52  ? -6.273  15.428  4.931   1.00 46.64 ? 52  PRO A CG  1 
ATOM   318  C CD  . PRO A 1 52  ? -6.811  15.252  6.323   1.00 47.18 ? 52  PRO A CD  1 
ATOM   319  N N   . ALA A 1 53  ? -9.577  17.637  3.382   1.00 43.46 ? 53  ALA A N   1 
ATOM   320  C CA  . ALA A 1 53  ? -10.562 17.468  2.329   1.00 41.34 ? 53  ALA A CA  1 
ATOM   321  C C   . ALA A 1 53  ? -9.979  16.633  1.200   1.00 39.76 ? 53  ALA A C   1 
ATOM   322  O O   . ALA A 1 53  ? -10.691 15.840  0.570   1.00 38.56 ? 53  ALA A O   1 
ATOM   323  C CB  . ALA A 1 53  ? -11.013 18.836  1.812   1.00 42.09 ? 53  ALA A CB  1 
ATOM   324  N N   . ARG A 1 54  ? -8.682  16.822  0.938   1.00 37.54 ? 54  ARG A N   1 
ATOM   325  C CA  . ARG A 1 54  ? -8.009  16.094  -0.135  1.00 35.67 ? 54  ARG A CA  1 
ATOM   326  C C   . ARG A 1 54  ? -6.635  15.632  0.317   1.00 32.86 ? 54  ARG A C   1 
ATOM   327  O O   . ARG A 1 54  ? -6.011  16.242  1.193   1.00 32.46 ? 54  ARG A O   1 
ATOM   328  C CB  . ARG A 1 54  ? -7.885  16.921  -1.432  1.00 36.45 ? 54  ARG A CB  1 
ATOM   329  C CG  . ARG A 1 54  ? -9.034  17.882  -1.717  1.00 40.21 ? 54  ARG A CG  1 
ATOM   330  C CD  . ARG A 1 54  ? -9.567  17.813  -3.154  1.00 46.68 ? 54  ARG A CD  1 
ATOM   331  N NE  . ARG A 1 54  ? -8.562  17.868  -4.221  1.00 49.55 ? 54  ARG A NE  1 
ATOM   332  C CZ  . ARG A 1 54  ? -8.768  17.397  -5.455  1.00 51.79 ? 54  ARG A CZ  1 
ATOM   333  N NH1 . ARG A 1 54  ? -9.930  16.830  -5.776  1.00 53.43 ? 54  ARG A NH1 1 
ATOM   334  N NH2 . ARG A 1 54  ? -7.818  17.488  -6.380  1.00 53.64 ? 54  ARG A NH2 1 
ATOM   335  N N   . VAL A 1 55  ? -6.191  14.532  -0.278  1.00 30.39 ? 55  VAL A N   1 
ATOM   336  C CA  . VAL A 1 55  ? -4.839  14.030  -0.106  1.00 28.26 ? 55  VAL A CA  1 
ATOM   337  C C   . VAL A 1 55  ? -4.261  13.762  -1.488  1.00 27.25 ? 55  VAL A C   1 
ATOM   338  O O   . VAL A 1 55  ? -5.003  13.591  -2.470  1.00 28.12 ? 55  VAL A O   1 
ATOM   339  C CB  . VAL A 1 55  ? -4.812  12.716  0.755   1.00 28.16 ? 55  VAL A CB  1 
ATOM   340  C CG1 . VAL A 1 55  ? -5.327  12.999  2.159   1.00 27.19 ? 55  VAL A CG1 1 
ATOM   341  C CG2 . VAL A 1 55  ? -5.642  11.613  0.089   1.00 26.41 ? 55  VAL A CG2 1 
ATOM   342  N N   . ARG A 1 56  ? -2.940  13.714  -1.569  1.00 25.67 ? 56  ARG A N   1 
ATOM   343  C CA  . ARG A 1 56  ? -2.296  13.236  -2.769  1.00 24.61 ? 56  ARG A CA  1 
ATOM   344  C C   . ARG A 1 56  ? -1.529  11.947  -2.463  1.00 24.51 ? 56  ARG A C   1 
ATOM   345  O O   . ARG A 1 56  ? -0.784  11.882  -1.472  1.00 24.29 ? 56  ARG A O   1 
ATOM   346  C CB  . ARG A 1 56  ? -1.336  14.305  -3.298  1.00 25.07 ? 56  ARG A CB  1 
ATOM   347  C CG  . ARG A 1 56  ? -0.742  13.961  -4.645  1.00 24.74 ? 56  ARG A CG  1 
ATOM   348  C CD  . ARG A 1 56  ? 0.212   15.077  -5.097  1.00 27.31 ? 56  ARG A CD  1 
ATOM   349  N NE  . ARG A 1 56  ? 0.761   14.815  -6.424  1.00 28.78 ? 56  ARG A NE  1 
ATOM   350  C CZ  . ARG A 1 56  ? 1.629   15.629  -7.022  1.00 31.81 ? 56  ARG A CZ  1 
ATOM   351  N NH1 . ARG A 1 56  ? 2.020   16.753  -6.402  1.00 31.23 ? 56  ARG A NH1 1 
ATOM   352  N NH2 . ARG A 1 56  ? 2.098   15.339  -8.229  1.00 30.32 ? 56  ARG A NH2 1 
ATOM   353  N N   . CYS A 1 57  ? -1.695  10.937  -3.312  1.00 24.20 ? 57  CYS A N   1 
ATOM   354  C CA  . CYS A 1 57  ? -0.999  9.659   -3.121  1.00 23.64 ? 57  CYS A CA  1 
ATOM   355  C C   . CYS A 1 57  ? -0.418  9.140   -4.399  1.00 23.29 ? 57  CYS A C   1 
ATOM   356  O O   . CYS A 1 57  ? -0.906  9.421   -5.508  1.00 23.58 ? 57  CYS A O   1 
ATOM   357  C CB  . CYS A 1 57  ? -1.933  8.573   -2.549  1.00 23.75 ? 57  CYS A CB  1 
ATOM   358  S SG  . CYS A 1 57  ? -2.593  8.989   -0.900  1.00 24.55 ? 57  CYS A SG  1 
ATOM   359  N N   . SER A 1 58  ? 0.622   8.345   -4.229  1.00 22.65 ? 58  SER A N   1 
ATOM   360  C CA  . SER A 1 58  ? 1.076   7.494   -5.282  1.00 22.59 ? 58  SER A CA  1 
ATOM   361  C C   . SER A 1 58  ? 0.747   6.069   -4.858  1.00 22.94 ? 58  SER A C   1 
ATOM   362  O O   . SER A 1 58  ? 0.481   5.813   -3.670  1.00 23.22 ? 58  SER A O   1 
ATOM   363  C CB  . SER A 1 58  ? 2.577   7.657   -5.466  1.00 22.84 ? 58  SER A CB  1 
ATOM   364  O OG  . SER A 1 58  ? 2.889   9.011   -5.721  1.00 23.14 ? 58  SER A OG  1 
ATOM   365  N N   . HIS A 1 59  ? 0.795   5.132   -5.801  1.00 22.36 ? 59  HIS A N   1 
ATOM   366  C CA  . HIS A 1 59  ? 0.521   3.729   -5.489  1.00 22.50 ? 59  HIS A CA  1 
ATOM   367  C C   . HIS A 1 59  ? 1.170   2.746   -6.467  1.00 22.14 ? 59  HIS A C   1 
ATOM   368  O O   . HIS A 1 59  ? 1.313   3.036   -7.655  1.00 21.97 ? 59  HIS A O   1 
ATOM   369  C CB  . HIS A 1 59  ? -0.989  3.483   -5.427  1.00 22.01 ? 59  HIS A CB  1 
ATOM   370  C CG  . HIS A 1 59  ? -1.589  3.077   -6.738  1.00 24.16 ? 59  HIS A CG  1 
ATOM   371  N ND1 . HIS A 1 59  ? -1.358  3.766   -7.908  1.00 26.12 ? 59  HIS A ND1 1 
ATOM   372  C CD2 . HIS A 1 59  ? -2.411  2.051   -7.062  1.00 20.78 ? 59  HIS A CD2 1 
ATOM   373  C CE1 . HIS A 1 59  ? -2.012  3.184   -8.897  1.00 23.37 ? 59  HIS A CE1 1 
ATOM   374  N NE2 . HIS A 1 59  ? -2.659  2.140   -8.410  1.00 27.23 ? 59  HIS A NE2 1 
ATOM   375  N N   . LEU A 1 60  ? 1.555   1.579   -5.953  1.00 20.80 ? 60  LEU A N   1 
ATOM   376  C CA  . LEU A 1 60  ? 2.117   0.521   -6.761  1.00 20.91 ? 60  LEU A CA  1 
ATOM   377  C C   . LEU A 1 60  ? 1.056   -0.576  -6.660  1.00 22.08 ? 60  LEU A C   1 
ATOM   378  O O   . LEU A 1 60  ? 0.732   -0.996  -5.559  1.00 21.70 ? 60  LEU A O   1 
ATOM   379  C CB  . LEU A 1 60  ? 3.434   0.033   -6.164  1.00 20.41 ? 60  LEU A CB  1 
ATOM   380  C CG  . LEU A 1 60  ? 4.269   -0.986  -6.952  1.00 21.04 ? 60  LEU A CG  1 
ATOM   381  C CD1 . LEU A 1 60  ? 5.663   -1.007  -6.363  1.00 22.43 ? 60  LEU A CD1 1 
ATOM   382  C CD2 . LEU A 1 60  ? 3.650   -2.380  -6.928  1.00 21.94 ? 60  LEU A CD2 1 
ATOM   383  N N   . LEU A 1 61  ? 0.521   -0.990  -7.801  1.00 21.41 ? 61  LEU A N   1 
ATOM   384  C CA  . LEU A 1 61  ? -0.576  -1.963  -7.857  1.00 22.24 ? 61  LEU A CA  1 
ATOM   385  C C   . LEU A 1 61  ? -0.007  -3.232  -8.416  1.00 22.68 ? 61  LEU A C   1 
ATOM   386  O O   . LEU A 1 61  ? 0.783   -3.198  -9.383  1.00 21.78 ? 61  LEU A O   1 
ATOM   387  C CB  . LEU A 1 61  ? -1.697  -1.445  -8.775  1.00 22.32 ? 61  LEU A CB  1 
ATOM   388  C CG  . LEU A 1 61  ? -2.773  -2.448  -9.210  1.00 21.83 ? 61  LEU A CG  1 
ATOM   389  C CD1 . LEU A 1 61  ? -3.572  -2.805  -7.970  1.00 21.70 ? 61  LEU A CD1 1 
ATOM   390  C CD2 . LEU A 1 61  ? -3.678  -1.830  -10.301 1.00 21.98 ? 61  LEU A CD2 1 
ATOM   391  N N   . VAL A 1 62  ? -0.363  -4.368  -7.806  1.00 23.06 ? 62  VAL A N   1 
ATOM   392  C CA  . VAL A 1 62  ? -0.029  -5.654  -8.395  1.00 23.56 ? 62  VAL A CA  1 
ATOM   393  C C   . VAL A 1 62  ? -1.382  -6.337  -8.570  1.00 25.33 ? 62  VAL A C   1 
ATOM   394  O O   . VAL A 1 62  ? -2.144  -6.494  -7.598  1.00 25.14 ? 62  VAL A O   1 
ATOM   395  C CB  . VAL A 1 62  ? 0.925   -6.520  -7.528  1.00 24.28 ? 62  VAL A CB  1 
ATOM   396  C CG1 . VAL A 1 62  ? 1.164   -7.914  -8.191  1.00 24.09 ? 62  VAL A CG1 1 
ATOM   397  C CG2 . VAL A 1 62  ? 2.275   -5.824  -7.330  1.00 23.31 ? 62  VAL A CG2 1 
ATOM   398  N N   . LYS A 1 63  ? -1.695  -6.651  -9.825  1.00 25.83 ? 63  LYS A N   1 
ATOM   399  C CA  . LYS A 1 63  ? -2.976  -7.261  -10.183 1.00 27.08 ? 63  LYS A CA  1 
ATOM   400  C C   . LYS A 1 63  ? -2.839  -8.755  -10.030 1.00 27.65 ? 63  LYS A C   1 
ATOM   401  O O   . LYS A 1 63  ? -1.731  -9.299  -10.019 1.00 26.87 ? 63  LYS A O   1 
ATOM   402  C CB  . LYS A 1 63  ? -3.377  -6.901  -11.628 1.00 26.70 ? 63  LYS A CB  1 
ATOM   403  C CG  . LYS A 1 63  ? -3.919  -5.463  -11.753 1.00 27.79 ? 63  LYS A CG  1 
ATOM   404  C CD  . LYS A 1 63  ? -4.595  -5.163  -13.116 1.00 28.43 ? 63  LYS A CD  1 
ATOM   405  C CE  . LYS A 1 63  ? -5.497  -3.977  -12.977 1.00 30.49 ? 63  LYS A CE  1 
ATOM   406  N NZ  . LYS A 1 63  ? -6.203  -3.574  -14.223 1.00 34.16 ? 63  LYS A NZ  1 
ATOM   407  N N   . HIS A 1 64  ? -3.977  -9.433  -9.941  1.00 29.05 ? 64  HIS A N   1 
ATOM   408  C CA  . HIS A 1 64  ? -3.966  -10.885 -9.988  1.00 30.22 ? 64  HIS A CA  1 
ATOM   409  C C   . HIS A 1 64  ? -5.104  -11.357 -10.884 1.00 31.07 ? 64  HIS A C   1 
ATOM   410  O O   . HIS A 1 64  ? -5.860  -10.537 -11.418 1.00 30.90 ? 64  HIS A O   1 
ATOM   411  C CB  . HIS A 1 64  ? -4.077  -11.459 -8.578  1.00 29.70 ? 64  HIS A CB  1 
ATOM   412  C CG  . HIS A 1 64  ? -5.133  -10.811 -7.741  1.00 28.90 ? 64  HIS A CG  1 
ATOM   413  N ND1 . HIS A 1 64  ? -6.474  -11.082 -7.897  1.00 29.62 ? 64  HIS A ND1 1 
ATOM   414  C CD2 . HIS A 1 64  ? -5.045  -9.913  -6.733  1.00 27.38 ? 64  HIS A CD2 1 
ATOM   415  C CE1 . HIS A 1 64  ? -7.172  -10.362 -7.036  1.00 30.84 ? 64  HIS A CE1 1 
ATOM   416  N NE2 . HIS A 1 64  ? -6.325  -9.653  -6.307  1.00 30.10 ? 64  HIS A NE2 1 
ATOM   417  N N   . SER A 1 65  ? -5.237  -12.671 -11.035 1.00 32.85 ? 65  SER A N   1 
ATOM   418  C CA  . SER A 1 65  ? -6.278  -13.236 -11.924 1.00 33.49 ? 65  SER A CA  1 
ATOM   419  C C   . SER A 1 65  ? -7.717  -12.864 -11.536 1.00 33.93 ? 65  SER A C   1 
ATOM   420  O O   . SER A 1 65  ? -8.624  -12.948 -12.363 1.00 34.57 ? 65  SER A O   1 
ATOM   421  C CB  . SER A 1 65  ? -6.133  -14.754 -12.022 1.00 33.96 ? 65  SER A CB  1 
ATOM   422  O OG  . SER A 1 65  ? -6.182  -15.348 -10.733 1.00 34.42 ? 65  SER A OG  1 
ATOM   423  N N   . GLN A 1 66  ? -7.937  -12.456 -10.288 1.00 33.70 ? 66  GLN A N   1 
ATOM   424  C CA  . GLN A 1 66  ? -9.276  -12.049 -9.878  1.00 34.29 ? 66  GLN A CA  1 
ATOM   425  C C   . GLN A 1 66  ? -9.482  -10.544 -9.868  1.00 34.36 ? 66  GLN A C   1 
ATOM   426  O O   . GLN A 1 66  ? -10.525 -10.057 -9.408  1.00 34.48 ? 66  GLN A O   1 
ATOM   427  C CB  . GLN A 1 66  ? -9.626  -12.633 -8.515  1.00 34.38 ? 66  GLN A CB  1 
ATOM   428  C CG  . GLN A 1 66  ? -9.789  -14.140 -8.530  1.00 35.95 ? 66  GLN A CG  1 
ATOM   429  C CD  . GLN A 1 66  ? -10.421 -14.642 -7.245  1.00 36.96 ? 66  GLN A CD  1 
ATOM   430  O OE1 . GLN A 1 66  ? -11.503 -14.178 -6.833  1.00 33.65 ? 66  GLN A OE1 1 
ATOM   431  N NE2 . GLN A 1 66  ? -9.748  -15.584 -6.600  1.00 38.55 ? 66  GLN A NE2 1 
ATOM   432  N N   . SER A 1 67  ? -8.499  -9.788  -10.364 1.00 34.36 ? 67  SER A N   1 
ATOM   433  C CA  A SER A 1 67  ? -8.665  -8.344  -10.482 0.50 34.47 ? 67  SER A CA  1 
ATOM   434  C CA  B SER A 1 67  ? -8.665  -8.344  -10.481 0.50 34.47 ? 67  SER A CA  1 
ATOM   435  C C   . SER A 1 67  ? -9.831  -8.077  -11.414 1.00 34.81 ? 67  SER A C   1 
ATOM   436  O O   . SER A 1 67  ? -10.084 -8.867  -12.324 1.00 35.38 ? 67  SER A O   1 
ATOM   437  C CB  A SER A 1 67  ? -7.392  -7.685  -11.018 0.50 34.27 ? 67  SER A CB  1 
ATOM   438  C CB  B SER A 1 67  ? -7.392  -7.685  -11.016 0.50 34.27 ? 67  SER A CB  1 
ATOM   439  O OG  A SER A 1 67  ? -6.337  -7.765  -10.068 0.50 32.80 ? 67  SER A OG  1 
ATOM   440  O OG  B SER A 1 67  ? -6.336  -7.775  -10.070 0.50 32.79 ? 67  SER A OG  1 
ATOM   441  N N   . ARG A 1 68  ? -10.535 -6.970  -11.186 1.00 35.69 ? 68  ARG A N   1 
ATOM   442  C CA  . ARG A 1 68  ? -11.728 -6.617  -11.977 1.00 36.43 ? 68  ARG A CA  1 
ATOM   443  C C   . ARG A 1 68  ? -11.413 -6.590  -13.464 1.00 37.14 ? 68  ARG A C   1 
ATOM   444  O O   . ARG A 1 68  ? -12.247 -7.002  -14.279 1.00 37.76 ? 68  ARG A O   1 
ATOM   445  C CB  . ARG A 1 68  ? -12.336 -5.306  -11.494 1.00 36.50 ? 68  ARG A CB  1 
ATOM   446  C CG  . ARG A 1 68  ? -13.715 -4.969  -12.084 0.50 36.62 ? 68  ARG A CG  1 
ATOM   447  C CD  . ARG A 1 68  ? -14.743 -6.054  -11.807 0.50 37.90 ? 68  ARG A CD  1 
ATOM   448  N NE  . ARG A 1 68  ? -15.074 -6.142  -10.388 0.50 37.19 ? 68  ARG A NE  1 
ATOM   449  C CZ  . ARG A 1 68  ? -15.832 -7.090  -9.849  0.50 38.28 ? 68  ARG A CZ  1 
ATOM   450  N NH1 . ARG A 1 68  ? -16.075 -7.071  -8.553  0.50 36.37 ? 68  ARG A NH1 1 
ATOM   451  N NH2 . ARG A 1 68  ? -16.344 -8.060  -10.602 0.50 38.76 ? 68  ARG A NH2 1 
ATOM   452  N N   . ARG A 1 69  ? -10.229 -6.081  -13.819 1.00 37.37 ? 69  ARG A N   1 
ATOM   453  C CA  A ARG A 1 69  ? -9.678  -6.308  -15.160 0.50 37.11 ? 69  ARG A CA  1 
ATOM   454  C CA  B ARG A 1 69  ? -9.667  -6.251  -15.165 0.50 37.05 ? 69  ARG A CA  1 
ATOM   455  C C   . ARG A 1 69  ? -8.295  -6.917  -15.033 1.00 36.82 ? 69  ARG A C   1 
ATOM   456  O O   . ARG A 1 69  ? -7.333  -6.246  -14.637 1.00 36.74 ? 69  ARG A O   1 
ATOM   457  C CB  A ARG A 1 69  ? -9.679  -5.047  -16.036 0.50 37.34 ? 69  ARG A CB  1 
ATOM   458  C CB  B ARG A 1 69  ? -9.545  -4.898  -15.886 0.50 37.16 ? 69  ARG A CB  1 
ATOM   459  C CG  A ARG A 1 69  ? -9.216  -5.267  -17.498 0.50 37.62 ? 69  ARG A CG  1 
ATOM   460  C CG  B ARG A 1 69  ? -10.882 -4.219  -16.238 0.50 37.10 ? 69  ARG A CG  1 
ATOM   461  C CD  A ARG A 1 69  ? -9.682  -6.604  -18.106 0.50 38.67 ? 69  ARG A CD  1 
ATOM   462  C CD  B ARG A 1 69  ? -10.680 -2.803  -16.799 0.50 37.19 ? 69  ARG A CD  1 
ATOM   463  N NE  A ARG A 1 69  ? -9.275  -6.759  -19.499 0.50 39.82 ? 69  ARG A NE  1 
ATOM   464  N NE  B ARG A 1 69  ? -10.171 -1.866  -15.790 0.50 38.18 ? 69  ARG A NE  1 
ATOM   465  C CZ  A ARG A 1 69  ? -8.924  -7.911  -20.071 0.50 40.21 ? 69  ARG A CZ  1 
ATOM   466  C CZ  B ARG A 1 69  ? -9.997  -0.557  -15.968 0.50 37.31 ? 69  ARG A CZ  1 
ATOM   467  N NH1 A ARG A 1 69  ? -8.898  -9.042  -19.378 0.50 39.91 ? 69  ARG A NH1 1 
ATOM   468  N NH1 B ARG A 1 69  ? -10.292 0.018   -17.130 0.50 37.04 ? 69  ARG A NH1 1 
ATOM   469  N NH2 A ARG A 1 69  ? -8.572  -7.927  -21.351 0.50 41.32 ? 69  ARG A NH2 1 
ATOM   470  N NH2 B ARG A 1 69  ? -9.523  0.184   -14.974 0.50 36.28 ? 69  ARG A NH2 1 
ATOM   471  N N   . PRO A 1 70  ? -8.197  -8.235  -15.336 1.00 36.41 ? 70  PRO A N   1 
ATOM   472  C CA  . PRO A 1 70  ? -6.947  -8.967  -15.220 1.00 35.80 ? 70  PRO A CA  1 
ATOM   473  C C   . PRO A 1 70  ? -6.024  -8.677  -16.402 1.00 35.36 ? 70  PRO A C   1 
ATOM   474  O O   . PRO A 1 70  ? -5.651  -9.586  -17.156 1.00 34.65 ? 70  PRO A O   1 
ATOM   475  C CB  . PRO A 1 70  ? -7.402  -10.435 -15.217 1.00 36.39 ? 70  PRO A CB  1 
ATOM   476  C CG  . PRO A 1 70  ? -8.628  -10.428 -16.038 1.00 36.05 ? 70  PRO A CG  1 
ATOM   477  C CD  . PRO A 1 70  ? -9.300  -9.117  -15.778 1.00 36.39 ? 70  PRO A CD  1 
ATOM   478  N N   . SER A 1 71  ? -5.646  -7.408  -16.525 1.00 34.23 ? 71  SER A N   1 
ATOM   479  C CA  . SER A 1 71  ? -4.850  -6.917  -17.641 1.00 33.22 ? 71  SER A CA  1 
ATOM   480  C C   . SER A 1 71  ? -4.212  -5.604  -17.231 1.00 32.26 ? 71  SER A C   1 
ATOM   481  O O   . SER A 1 71  ? -4.791  -4.859  -16.456 1.00 31.19 ? 71  SER A O   1 
ATOM   482  C CB  . SER A 1 71  ? -5.774  -6.625  -18.818 1.00 33.85 ? 71  SER A CB  1 
ATOM   483  O OG  . SER A 1 71  ? -5.020  -6.287  -19.961 1.00 35.64 ? 71  SER A OG  1 
ATOM   484  N N   . SER A 1 72  ? -3.034  -5.315  -17.773 1.00 31.99 ? 72  SER A N   1 
ATOM   485  C CA  . SER A 1 72  ? -2.385  -4.031  -17.522 1.00 31.92 ? 72  SER A CA  1 
ATOM   486  C C   . SER A 1 72  ? -1.441  -3.644  -18.664 1.00 32.42 ? 72  SER A C   1 
ATOM   487  O O   . SER A 1 72  ? -1.143  -4.452  -19.551 1.00 31.84 ? 72  SER A O   1 
ATOM   488  C CB  . SER A 1 72  ? -1.593  -4.087  -16.208 1.00 31.27 ? 72  SER A CB  1 
ATOM   489  O OG  . SER A 1 72  ? -0.359  -4.771  -16.401 1.00 29.56 ? 72  SER A OG  1 
ATOM   490  N N   . TRP A 1 73  ? -0.936  -2.410  -18.609 1.00 33.16 ? 73  TRP A N   1 
ATOM   491  C CA  . TRP A 1 73  ? 0.110   -1.984  -19.536 1.00 33.35 ? 73  TRP A CA  1 
ATOM   492  C C   . TRP A 1 73  ? 1.337   -2.908  -19.489 1.00 33.24 ? 73  TRP A C   1 
ATOM   493  O O   . TRP A 1 73  ? 2.083   -2.992  -20.460 1.00 32.47 ? 73  TRP A O   1 
ATOM   494  C CB  . TRP A 1 73  ? 0.495   -0.508  -19.293 1.00 34.47 ? 73  TRP A CB  1 
ATOM   495  C CG  . TRP A 1 73  ? 1.325   -0.312  -18.056 1.00 35.30 ? 73  TRP A CG  1 
ATOM   496  C CD1 . TRP A 1 73  ? 0.870   -0.053  -16.806 1.00 35.28 ? 73  TRP A CD1 1 
ATOM   497  C CD2 . TRP A 1 73  ? 2.753   -0.384  -17.962 1.00 35.58 ? 73  TRP A CD2 1 
ATOM   498  N NE1 . TRP A 1 73  ? 1.929   0.052   -15.927 1.00 36.62 ? 73  TRP A NE1 1 
ATOM   499  C CE2 . TRP A 1 73  ? 3.095   -0.156  -16.611 1.00 35.69 ? 73  TRP A CE2 1 
ATOM   500  C CE3 . TRP A 1 73  ? 3.779   -0.636  -18.888 1.00 38.18 ? 73  TRP A CE3 1 
ATOM   501  C CZ2 . TRP A 1 73  ? 4.422   -0.159  -16.158 1.00 36.95 ? 73  TRP A CZ2 1 
ATOM   502  C CZ3 . TRP A 1 73  ? 5.103   -0.643  -18.440 1.00 38.11 ? 73  TRP A CZ3 1 
ATOM   503  C CH2 . TRP A 1 73  ? 5.407   -0.412  -17.078 1.00 37.73 ? 73  TRP A CH2 1 
ATOM   504  N N   . ARG A 1 74  ? 1.545   -3.614  -18.375 1.00 33.17 ? 74  ARG A N   1 
ATOM   505  C CA  . ARG A 1 74  ? 2.703   -4.504  -18.236 1.00 33.94 ? 74  ARG A CA  1 
ATOM   506  C C   . ARG A 1 74  ? 2.496   -5.879  -18.855 1.00 34.87 ? 74  ARG A C   1 
ATOM   507  O O   . ARG A 1 74  ? 3.462   -6.525  -19.284 1.00 34.59 ? 74  ARG A O   1 
ATOM   508  C CB  . ARG A 1 74  ? 3.072   -4.713  -16.756 1.00 33.82 ? 74  ARG A CB  1 
ATOM   509  C CG  . ARG A 1 74  ? 3.551   -3.470  -16.044 1.00 35.01 ? 74  ARG A CG  1 
ATOM   510  C CD  . ARG A 1 74  ? 4.242   -3.836  -14.726 1.00 37.04 ? 74  ARG A CD  1 
ATOM   511  N NE  . ARG A 1 74  ? 5.488   -4.540  -14.987 1.00 38.46 ? 74  ARG A NE  1 
ATOM   512  C CZ  . ARG A 1 74  ? 5.891   -5.640  -14.370 1.00 39.42 ? 74  ARG A CZ  1 
ATOM   513  N NH1 . ARG A 1 74  ? 5.158   -6.169  -13.395 1.00 40.68 ? 74  ARG A NH1 1 
ATOM   514  N NH2 . ARG A 1 74  ? 7.050   -6.191  -14.716 1.00 39.00 ? 74  ARG A NH2 1 
ATOM   515  N N   . GLN A 1 75  ? 1.245   -6.344  -18.860 1.00 35.73 ? 75  GLN A N   1 
ATOM   516  C CA  . GLN A 1 75  ? 0.954   -7.732  -19.199 1.00 37.09 ? 75  GLN A CA  1 
ATOM   517  C C   . GLN A 1 75  ? -0.452  -7.803  -19.745 1.00 36.78 ? 75  GLN A C   1 
ATOM   518  O O   . GLN A 1 75  ? -1.406  -7.465  -19.044 1.00 37.32 ? 75  GLN A O   1 
ATOM   519  C CB  . GLN A 1 75  ? 1.063   -8.591  -17.937 1.00 36.75 ? 75  GLN A CB  1 
ATOM   520  C CG  . GLN A 1 75  ? 1.472   -10.030 -18.164 1.00 39.43 ? 75  GLN A CG  1 
ATOM   521  C CD  . GLN A 1 75  ? 1.682   -10.790 -16.864 1.00 39.00 ? 75  GLN A CD  1 
ATOM   522  O OE1 . GLN A 1 75  ? 1.552   -10.238 -15.767 1.00 40.28 ? 75  GLN A OE1 1 
ATOM   523  N NE2 . GLN A 1 75  ? 1.998   -12.075 -16.983 1.00 43.67 ? 75  GLN A NE2 1 
ATOM   524  N N   . GLU A 1 76  ? -0.585  -8.263  -20.987 1.00 36.97 ? 76  GLU A N   1 
ATOM   525  C CA  . GLU A 1 76  ? -1.893  -8.337  -21.646 1.00 36.72 ? 76  GLU A CA  1 
ATOM   526  C C   . GLU A 1 76  ? -2.900  -9.112  -20.816 1.00 36.81 ? 76  GLU A C   1 
ATOM   527  O O   . GLU A 1 76  ? -4.030  -8.667  -20.621 1.00 36.64 ? 76  GLU A O   1 
ATOM   528  C CB  . GLU A 1 76  ? -1.790  -8.969  -23.042 1.00 37.19 ? 76  GLU A CB  1 
ATOM   529  C CG  . GLU A 1 76  ? -3.113  -8.940  -23.795 1.00 36.89 ? 76  GLU A CG  1 
ATOM   530  C CD  . GLU A 1 76  ? -2.952  -9.027  -25.297 1.00 37.99 ? 76  GLU A CD  1 
ATOM   531  O OE1 . GLU A 1 76  ? -1.833  -9.314  -25.779 1.00 37.70 ? 76  GLU A OE1 1 
ATOM   532  O OE2 . GLU A 1 76  ? -3.949  -8.764  -25.992 1.00 38.79 ? 76  GLU A OE2 1 
ATOM   533  N N   . LYS A 1 77  ? -2.486  -10.282 -20.347 1.00 37.24 ? 77  LYS A N   1 
ATOM   534  C CA  . LYS A 1 77  ? -3.340  -11.054 -19.457 1.00 37.97 ? 77  LYS A CA  1 
ATOM   535  C C   . LYS A 1 77  ? -2.601  -11.422 -18.191 1.00 37.47 ? 77  LYS A C   1 
ATOM   536  O O   . LYS A 1 77  ? -1.537  -12.042 -18.216 1.00 37.75 ? 77  LYS A O   1 
ATOM   537  C CB  A LYS A 1 77  ? -4.017  -12.246 -20.159 0.50 38.02 ? 77  LYS A CB  1 
ATOM   538  C CB  B LYS A 1 77  ? -3.801  -12.341 -20.155 0.50 37.91 ? 77  LYS A CB  1 
ATOM   539  C CG  A LYS A 1 77  ? -3.172  -13.480 -20.421 0.50 38.41 ? 77  LYS A CG  1 
ATOM   540  C CG  B LYS A 1 77  ? -4.570  -12.136 -21.454 0.50 37.93 ? 77  LYS A CG  1 
ATOM   541  C CD  A LYS A 1 77  ? -3.957  -14.500 -21.252 0.50 38.90 ? 77  LYS A CD  1 
ATOM   542  C CD  B LYS A 1 77  ? -5.999  -11.656 -21.198 0.50 38.59 ? 77  LYS A CD  1 
ATOM   543  C CE  A LYS A 1 77  ? -5.128  -15.130 -20.481 0.50 39.77 ? 77  LYS A CE  1 
ATOM   544  C CE  B LYS A 1 77  ? -6.846  -11.741 -22.460 0.50 37.69 ? 77  LYS A CE  1 
ATOM   545  N NZ  A LYS A 1 77  ? -4.714  -16.348 -19.741 0.50 40.49 ? 77  LYS A NZ  1 
ATOM   546  N NZ  B LYS A 1 77  ? -6.241  -10.956 -23.555 0.50 39.65 ? 77  LYS A NZ  1 
ATOM   547  N N   . ILE A 1 78  ? -3.166  -10.997 -17.074 1.00 37.72 ? 78  ILE A N   1 
ATOM   548  C CA  . ILE A 1 78  ? -2.540  -11.257 -15.796 1.00 37.34 ? 78  ILE A CA  1 
ATOM   549  C C   . ILE A 1 78  ? -3.038  -12.576 -15.231 1.00 37.01 ? 78  ILE A C   1 
ATOM   550  O O   . ILE A 1 78  ? -4.225  -12.741 -14.951 1.00 36.76 ? 78  ILE A O   1 
ATOM   551  C CB  . ILE A 1 78  ? -2.727  -10.087 -14.842 1.00 37.17 ? 78  ILE A CB  1 
ATOM   552  C CG1 . ILE A 1 78  ? -1.830  -8.934  -15.323 1.00 38.30 ? 78  ILE A CG1 1 
ATOM   553  C CG2 . ILE A 1 78  ? -2.334  -10.495 -13.429 1.00 37.53 ? 78  ILE A CG2 1 
ATOM   554  C CD1 . ILE A 1 78  ? -2.303  -7.580  -14.947 1.00 39.20 ? 78  ILE A CD1 1 
ATOM   555  N N   . THR A 1 79  ? -2.115  -13.516 -15.082 1.00 36.96 ? 79  THR A N   1 
ATOM   556  C CA  . THR A 1 79  ? -2.476  -14.858 -14.653 1.00 37.35 ? 79  THR A CA  1 
ATOM   557  C C   . THR A 1 79  ? -2.034  -15.196 -13.227 1.00 36.59 ? 79  THR A C   1 
ATOM   558  O O   . THR A 1 79  ? -2.486  -16.187 -12.657 1.00 36.70 ? 79  THR A O   1 
ATOM   559  C CB  . THR A 1 79  ? -1.925  -15.895 -15.637 1.00 37.57 ? 79  THR A CB  1 
ATOM   560  O OG1 . THR A 1 79  ? -0.529  -15.660 -15.827 1.00 39.80 ? 79  THR A OG1 1 
ATOM   561  C CG2 . THR A 1 79  ? -2.632  -15.759 -16.987 1.00 37.71 ? 79  THR A CG2 1 
ATOM   562  N N   . ARG A 1 80  ? -1.160  -14.383 -12.641 1.00 35.54 ? 80  ARG A N   1 
ATOM   563  C CA  . ARG A 1 80  ? -0.692  -14.669 -11.282 1.00 33.86 ? 80  ARG A CA  1 
ATOM   564  C C   . ARG A 1 80  ? -1.867  -14.758 -10.316 1.00 33.33 ? 80  ARG A C   1 
ATOM   565  O O   . ARG A 1 80  ? -2.907  -14.127 -10.507 1.00 32.79 ? 80  ARG A O   1 
ATOM   566  C CB  . ARG A 1 80  ? 0.350   -13.631 -10.797 1.00 34.61 ? 80  ARG A CB  1 
ATOM   567  C CG  . ARG A 1 80  ? -0.214  -12.227 -10.479 1.00 33.92 ? 80  ARG A CG  1 
ATOM   568  C CD  . ARG A 1 80  ? 0.858   -11.326 -9.835  1.00 31.75 ? 80  ARG A CD  1 
ATOM   569  N NE  . ARG A 1 80  ? 1.887   -10.925 -10.796 1.00 29.60 ? 80  ARG A NE  1 
ATOM   570  C CZ  . ARG A 1 80  ? 1.817   -9.841  -11.573 1.00 31.41 ? 80  ARG A CZ  1 
ATOM   571  N NH1 . ARG A 1 80  ? 0.764   -9.031  -11.500 1.00 28.73 ? 80  ARG A NH1 1 
ATOM   572  N NH2 . ARG A 1 80  ? 2.808   -9.564  -12.423 1.00 32.00 ? 80  ARG A NH2 1 
ATOM   573  N N   . THR A 1 81  ? -1.696  -15.548 -9.265  1.00 32.94 ? 81  THR A N   1 
ATOM   574  C CA  . THR A 1 81  ? -2.741  -15.678 -8.261  1.00 33.07 ? 81  THR A CA  1 
ATOM   575  C C   . THR A 1 81  ? -2.685  -14.540 -7.246  1.00 33.44 ? 81  THR A C   1 
ATOM   576  O O   . THR A 1 81  ? -1.653  -13.864 -7.149  1.00 33.04 ? 81  THR A O   1 
ATOM   577  C CB  . THR A 1 81  ? -2.579  -17.014 -7.543  1.00 33.17 ? 81  THR A CB  1 
ATOM   578  O OG1 . THR A 1 81  ? -1.350  -17.003 -6.808  1.00 32.58 ? 81  THR A OG1 1 
ATOM   579  C CG2 . THR A 1 81  ? -2.537  -18.144 -8.565  1.00 33.58 ? 81  THR A CG2 1 
ATOM   580  N N   . LYS A 1 82  ? -3.778  -14.349 -6.494  1.00 33.75 ? 82  LYS A N   1 
ATOM   581  C CA  . LYS A 1 82  ? -3.837  -13.446 -5.344  1.00 35.01 ? 82  LYS A CA  1 
ATOM   582  C C   . LYS A 1 82  ? -2.627  -13.641 -4.426  1.00 34.49 ? 82  LYS A C   1 
ATOM   583  O O   . LYS A 1 82  ? -2.026  -12.683 -3.967  1.00 33.52 ? 82  LYS A O   1 
ATOM   584  C CB  . LYS A 1 82  ? -5.073  -13.727 -4.490  1.00 35.32 ? 82  LYS A CB  1 
ATOM   585  C CG  . LYS A 1 82  ? -6.416  -13.203 -4.964  1.00 37.85 ? 82  LYS A CG  1 
ATOM   586  C CD  . LYS A 1 82  ? -7.534  -13.797 -4.068  1.00 38.13 ? 82  LYS A CD  1 
ATOM   587  C CE  . LYS A 1 82  ? -8.704  -12.819 -3.828  1.00 40.90 ? 82  LYS A CE  1 
ATOM   588  N NZ  . LYS A 1 82  ? -8.560  -11.925 -2.624  1.00 38.72 ? 82  LYS A NZ  1 
ATOM   589  N N   . GLU A 1 83  ? -2.317  -14.906 -4.136  1.00 33.86 ? 83  GLU A N   1 
ATOM   590  C CA  . GLU A 1 83  ? -1.230  -15.270 -3.244  1.00 33.82 ? 83  GLU A CA  1 
ATOM   591  C C   . GLU A 1 83  ? 0.124   -14.864 -3.831  1.00 32.16 ? 83  GLU A C   1 
ATOM   592  O O   . GLU A 1 83  ? 0.982   -14.325 -3.123  1.00 31.04 ? 83  GLU A O   1 
ATOM   593  C CB  . GLU A 1 83  ? -1.250  -16.786 -2.969  1.00 34.68 ? 83  GLU A CB  1 
ATOM   594  C CG  . GLU A 1 83  ? -2.560  -17.315 -2.317  1.00 38.72 ? 83  GLU A CG  1 
ATOM   595  C CD  . GLU A 1 83  ? -3.785  -17.281 -3.251  1.00 42.12 ? 83  GLU A CD  1 
ATOM   596  O OE1 . GLU A 1 83  ? -3.628  -17.443 -4.473  1.00 42.72 ? 83  GLU A OE1 1 
ATOM   597  O OE2 . GLU A 1 83  ? -4.919  -17.087 -2.753  1.00 45.39 ? 83  GLU A OE2 1 
ATOM   598  N N   . GLU A 1 84  ? 0.311   -15.117 -5.123  1.00 31.15 ? 84  GLU A N   1 
ATOM   599  C CA  . GLU A 1 84  ? 1.555   -14.728 -5.794  1.00 30.77 ? 84  GLU A CA  1 
ATOM   600  C C   . GLU A 1 84  ? 1.705   -13.197 -5.787  1.00 29.52 ? 84  GLU A C   1 
ATOM   601  O O   . GLU A 1 84  ? 2.798   -12.672 -5.562  1.00 29.38 ? 84  GLU A O   1 
ATOM   602  C CB  . GLU A 1 84  ? 1.578   -15.246 -7.230  1.00 31.06 ? 84  GLU A CB  1 
ATOM   603  C CG  . GLU A 1 84  ? 2.077   -16.669 -7.345  1.00 34.67 ? 84  GLU A CG  1 
ATOM   604  C CD  . GLU A 1 84  ? 1.677   -17.350 -8.641  1.00 38.93 ? 84  GLU A CD  1 
ATOM   605  O OE1 . GLU A 1 84  ? 0.693   -16.921 -9.295  1.00 36.57 ? 84  GLU A OE1 1 
ATOM   606  O OE2 . GLU A 1 84  ? 2.341   -18.354 -8.984  1.00 41.82 ? 84  GLU A OE2 1 
ATOM   607  N N   . ALA A 1 85  ? 0.599   -12.497 -6.032  1.00 27.82 ? 85  ALA A N   1 
ATOM   608  C CA  . ALA A 1 85  ? 0.574   -11.034 -6.030  1.00 27.09 ? 85  ALA A CA  1 
ATOM   609  C C   . ALA A 1 85  ? 0.976   -10.497 -4.664  1.00 27.00 ? 85  ALA A C   1 
ATOM   610  O O   . ALA A 1 85  ? 1.748   -9.516  -4.550  1.00 26.02 ? 85  ALA A O   1 
ATOM   611  C CB  . ALA A 1 85  ? -0.818  -10.534 -6.387  1.00 26.54 ? 85  ALA A CB  1 
ATOM   612  N N   . LEU A 1 86  ? 0.447   -11.130 -3.617  1.00 25.96 ? 86  LEU A N   1 
ATOM   613  C CA  . LEU A 1 86  ? 0.762   -10.697 -2.258  1.00 25.79 ? 86  LEU A CA  1 
ATOM   614  C C   . LEU A 1 86  ? 2.243   -10.897 -1.945  1.00 25.91 ? 86  LEU A C   1 
ATOM   615  O O   . LEU A 1 86  ? 2.860   -10.036 -1.332  1.00 24.93 ? 86  LEU A O   1 
ATOM   616  C CB  . LEU A 1 86  ? -0.141  -11.392 -1.221  1.00 25.41 ? 86  LEU A CB  1 
ATOM   617  C CG  . LEU A 1 86  ? 0.086   -11.030 0.269   1.00 26.04 ? 86  LEU A CG  1 
ATOM   618  C CD1 . LEU A 1 86  ? 0.048   -9.511  0.544   1.00 25.80 ? 86  LEU A CD1 1 
ATOM   619  C CD2 . LEU A 1 86  ? -0.958  -11.746 1.111   1.00 27.13 ? 86  LEU A CD2 1 
ATOM   620  N N   . GLU A 1 87  ? 2.820   -12.024 -2.359  1.00 26.57 ? 87  GLU A N   1 
ATOM   621  C CA  . GLU A 1 87  ? 4.268   -12.219 -2.181  1.00 26.78 ? 87  GLU A CA  1 
ATOM   622  C C   . GLU A 1 87  ? 5.104   -11.125 -2.850  1.00 26.65 ? 87  GLU A C   1 
ATOM   623  O O   . GLU A 1 87  ? 6.117   -10.683 -2.281  1.00 25.25 ? 87  GLU A O   1 
ATOM   624  C CB  . GLU A 1 87  ? 4.745   -13.601 -2.640  0.80 26.88 ? 87  GLU A CB  1 
ATOM   625  C CG  . GLU A 1 87  ? 4.386   -14.720 -1.669  0.80 29.25 ? 87  GLU A CG  1 
ATOM   626  C CD  . GLU A 1 87  ? 4.855   -14.458 -0.239  0.20 29.92 ? 87  GLU A CD  1 
ATOM   627  O OE1 . GLU A 1 87  ? 6.022   -14.049 -0.045  0.20 30.58 ? 87  GLU A OE1 1 
ATOM   628  O OE2 . GLU A 1 87  ? 4.053   -14.665 0.695   0.20 30.40 ? 87  GLU A OE2 1 
ATOM   629  N N   . LEU A 1 88  ? 4.688   -10.708 -4.050  1.00 25.99 ? 88  LEU A N   1 
ATOM   630  C CA  . LEU A 1 88  ? 5.406   -9.673  -4.799  1.00 25.96 ? 88  LEU A CA  1 
ATOM   631  C C   . LEU A 1 88  ? 5.349   -8.349  -4.042  1.00 24.94 ? 88  LEU A C   1 
ATOM   632  O O   . LEU A 1 88  ? 6.395   -7.722  -3.801  1.00 25.95 ? 88  LEU A O   1 
ATOM   633  C CB  . LEU A 1 88  ? 4.810   -9.512  -6.201  1.00 26.20 ? 88  LEU A CB  1 
ATOM   634  C CG  . LEU A 1 88  ? 5.219   -10.600 -7.211  1.00 28.28 ? 88  LEU A CG  1 
ATOM   635  C CD1 . LEU A 1 88  ? 4.349   -10.503 -8.449  1.00 29.83 ? 88  LEU A CD1 1 
ATOM   636  C CD2 . LEU A 1 88  ? 6.695   -10.464 -7.583  1.00 28.92 ? 88  LEU A CD2 1 
ATOM   637  N N   . ILE A 1 89  ? 4.134   -7.957  -3.649  1.00 23.94 ? 89  ILE A N   1 
ATOM   638  C CA  . ILE A 1 89  ? 3.881   -6.773  -2.810  1.00 23.51 ? 89  ILE A CA  1 
ATOM   639  C C   . ILE A 1 89  ? 4.738   -6.795  -1.540  1.00 23.61 ? 89  ILE A C   1 
ATOM   640  O O   . ILE A 1 89  ? 5.358   -5.787  -1.171  1.00 22.51 ? 89  ILE A O   1 
ATOM   641  C CB  . ILE A 1 89  ? 2.360   -6.664  -2.459  1.00 23.35 ? 89  ILE A CB  1 
ATOM   642  C CG1 . ILE A 1 89  ? 1.547   -6.201  -3.691  1.00 23.26 ? 89  ILE A CG1 1 
ATOM   643  C CG2 . ILE A 1 89  ? 2.091   -5.758  -1.232  1.00 23.04 ? 89  ILE A CG2 1 
ATOM   644  C CD1 . ILE A 1 89  ? 1.582   -4.658  -3.956  1.00 19.74 ? 89  ILE A CD1 1 
ATOM   645  N N   . ASN A 1 90  ? 4.786   -7.949  -0.871  1.00 23.64 ? 90  ASN A N   1 
ATOM   646  C CA  . ASN A 1 90  ? 5.573   -8.071  0.364   1.00 23.79 ? 90  ASN A CA  1 
ATOM   647  C C   . ASN A 1 90  ? 7.067   -7.855  0.100   1.00 24.15 ? 90  ASN A C   1 
ATOM   648  O O   . ASN A 1 90  ? 7.748   -7.237  0.912   1.00 24.21 ? 90  ASN A O   1 
ATOM   649  C CB  . ASN A 1 90  ? 5.365   -9.439  1.041   1.00 24.82 ? 90  ASN A CB  1 
ATOM   650  C CG  . ASN A 1 90  ? 3.993   -9.572  1.737   1.00 27.18 ? 90  ASN A CG  1 
ATOM   651  O OD1 . ASN A 1 90  ? 3.342   -8.589  2.087   1.00 29.42 ? 90  ASN A OD1 1 
ATOM   652  N ND2 . ASN A 1 90  ? 3.588   -10.808 1.972   1.00 31.46 ? 90  ASN A ND2 1 
ATOM   653  N N   . GLY A 1 91  ? 7.582   -8.396  -1.007  1.00 23.78 ? 91  GLY A N   1 
ATOM   654  C CA  . GLY A 1 91  ? 8.999   -8.171  -1.393  1.00 23.55 ? 91  GLY A CA  1 
ATOM   655  C C   . GLY A 1 91  ? 9.275   -6.704  -1.699  1.00 23.87 ? 91  GLY A C   1 
ATOM   656  O O   . GLY A 1 91  ? 10.328  -6.156  -1.315  1.00 24.29 ? 91  GLY A O   1 
ATOM   657  N N   . TYR A 1 92  ? 8.319   -6.033  -2.344  1.00 22.67 ? 92  TYR A N   1 
ATOM   658  C CA  . TYR A 1 92  ? 8.525   -4.630  -2.666  1.00 22.71 ? 92  TYR A CA  1 
ATOM   659  C C   . TYR A 1 92  ? 8.564   -3.792  -1.408  1.00 22.60 ? 92  TYR A C   1 
ATOM   660  O O   . TYR A 1 92  ? 9.378   -2.897  -1.315  1.00 23.49 ? 92  TYR A O   1 
ATOM   661  C CB  . TYR A 1 92  ? 7.441   -4.086  -3.599  1.00 22.81 ? 92  TYR A CB  1 
ATOM   662  C CG  . TYR A 1 92  ? 7.380   -4.779  -4.951  1.00 23.17 ? 92  TYR A CG  1 
ATOM   663  C CD1 . TYR A 1 92  ? 8.541   -5.246  -5.578  1.00 23.34 ? 92  TYR A CD1 1 
ATOM   664  C CD2 . TYR A 1 92  ? 6.168   -4.937  -5.609  1.00 23.59 ? 92  TYR A CD2 1 
ATOM   665  C CE1 . TYR A 1 92  ? 8.479   -5.881  -6.836  1.00 24.84 ? 92  TYR A CE1 1 
ATOM   666  C CE2 . TYR A 1 92  ? 6.097   -5.569  -6.853  1.00 22.23 ? 92  TYR A CE2 1 
ATOM   667  C CZ  . TYR A 1 92  ? 7.255   -6.039  -7.454  1.00 24.82 ? 92  TYR A CZ  1 
ATOM   668  O OH  . TYR A 1 92  ? 7.161   -6.671  -8.677  1.00 22.89 ? 92  TYR A OH  1 
ATOM   669  N N   . ILE A 1 93  ? 7.647   -4.049  -0.468  1.00 21.88 ? 93  ILE A N   1 
ATOM   670  C CA  . ILE A 1 93  ? 7.643   -3.352  0.823   1.00 21.83 ? 93  ILE A CA  1 
ATOM   671  C C   . ILE A 1 93  ? 8.988   -3.548  1.542   1.00 22.13 ? 93  ILE A C   1 
ATOM   672  O O   . ILE A 1 93  ? 9.548   -2.602  2.100   1.00 22.01 ? 93  ILE A O   1 
ATOM   673  C CB  . ILE A 1 93  ? 6.445   -3.821  1.707   1.00 21.65 ? 93  ILE A CB  1 
ATOM   674  C CG1 . ILE A 1 93  ? 5.123   -3.313  1.117   1.00 21.69 ? 93  ILE A CG1 1 
ATOM   675  C CG2 . ILE A 1 93  ? 6.624   -3.352  3.147   1.00 21.17 ? 93  ILE A CG2 1 
ATOM   676  C CD1 . ILE A 1 93  ? 3.854   -3.854  1.887   1.00 22.02 ? 93  ILE A CD1 1 
ATOM   677  N N   . GLN A 1 94  ? 9.523   -4.761  1.498   1.00 22.38 ? 94  GLN A N   1 
ATOM   678  C CA  . GLN A 1 94  ? 10.833  -5.025  2.117   1.00 24.75 ? 94  GLN A CA  1 
ATOM   679  C C   . GLN A 1 94  ? 11.958  -4.204  1.502   1.00 24.79 ? 94  GLN A C   1 
ATOM   680  O O   . GLN A 1 94  ? 12.737  -3.607  2.224   1.00 25.08 ? 94  GLN A O   1 
ATOM   681  C CB  . GLN A 1 94  ? 11.184  -6.498  2.034   1.00 25.31 ? 94  GLN A CB  1 
ATOM   682  C CG  . GLN A 1 94  ? 10.388  -7.326  2.991   1.00 29.11 ? 94  GLN A CG  1 
ATOM   683  C CD  . GLN A 1 94  ? 10.943  -8.723  3.068   1.00 35.08 ? 94  GLN A CD  1 
ATOM   684  O OE1 . GLN A 1 94  ? 11.216  -9.342  2.039   1.00 37.81 ? 94  GLN A OE1 1 
ATOM   685  N NE2 . GLN A 1 94  ? 11.150  -9.215  4.281   1.00 36.65 ? 94  GLN A NE2 1 
ATOM   686  N N   . LYS A 1 95  ? 12.022  -4.156  0.170   1.00 25.53 ? 95  LYS A N   1 
ATOM   687  C CA  . LYS A 1 95  ? 13.035  -3.325  -0.515  1.00 25.94 ? 95  LYS A CA  1 
ATOM   688  C C   . LYS A 1 95  ? 12.840  -1.833  -0.251  1.00 24.96 ? 95  LYS A C   1 
ATOM   689  O O   . LYS A 1 95  ? 13.815  -1.080  -0.152  1.00 26.51 ? 95  LYS A O   1 
ATOM   690  C CB  . LYS A 1 95  ? 12.999  -3.581  -2.025  1.00 26.77 ? 95  LYS A CB  1 
ATOM   691  C CG  . LYS A 1 95  ? 13.338  -5.010  -2.381  1.00 31.90 ? 95  LYS A CG  1 
ATOM   692  C CD  . LYS A 1 95  ? 13.790  -5.115  -3.814  1.00 37.12 ? 95  LYS A CD  1 
ATOM   693  C CE  . LYS A 1 95  ? 14.349  -6.500  -4.130  1.00 41.65 ? 95  LYS A CE  1 
ATOM   694  N NZ  . LYS A 1 95  ? 15.563  -6.818  -3.307  1.00 43.52 ? 95  LYS A NZ  1 
ATOM   695  N N   . ILE A 1 96  ? 11.593  -1.384  -0.177  1.00 24.68 ? 96  ILE A N   1 
ATOM   696  C CA  . ILE A 1 96  ? 11.332  0.023   0.105   1.00 23.95 ? 96  ILE A CA  1 
ATOM   697  C C   . ILE A 1 96  ? 11.779  0.337   1.546   1.00 24.61 ? 96  ILE A C   1 
ATOM   698  O O   . ILE A 1 96  ? 12.474  1.336   1.799   1.00 24.37 ? 96  ILE A O   1 
ATOM   699  C CB  . ILE A 1 96  ? 9.842   0.389   -0.131  1.00 23.99 ? 96  ILE A CB  1 
ATOM   700  C CG1 . ILE A 1 96  ? 9.510   0.356   -1.634  1.00 22.67 ? 96  ILE A CG1 1 
ATOM   701  C CG2 . ILE A 1 96  ? 9.490   1.753   0.538   1.00 24.04 ? 96  ILE A CG2 1 
ATOM   702  C CD1 . ILE A 1 96  ? 8.002   0.131   -1.947  1.00 24.69 ? 96  ILE A CD1 1 
ATOM   703  N N   . LYS A 1 97  ? 11.385  -0.519  2.494   1.00 23.74 ? 97  LYS A N   1 
ATOM   704  C CA  . LYS A 1 97  ? 11.668  -0.252  3.900   1.00 24.43 ? 97  LYS A CA  1 
ATOM   705  C C   . LYS A 1 97  ? 13.144  -0.320  4.231   1.00 24.62 ? 97  LYS A C   1 
ATOM   706  O O   . LYS A 1 97  ? 13.619  0.399   5.127   1.00 25.81 ? 97  LYS A O   1 
ATOM   707  C CB  . LYS A 1 97  ? 10.898  -1.216  4.811   1.00 24.06 ? 97  LYS A CB  1 
ATOM   708  C CG  . LYS A 1 97  ? 9.434   -0.862  4.959   1.00 24.70 ? 97  LYS A CG  1 
ATOM   709  C CD  . LYS A 1 97  ? 8.855   -1.610  6.162   1.00 24.39 ? 97  LYS A CD  1 
ATOM   710  C CE  . LYS A 1 97  ? 7.470   -1.113  6.458   1.00 26.32 ? 97  LYS A CE  1 
ATOM   711  N NZ  . LYS A 1 97  ? 6.971   -1.571  7.803   1.00 21.78 ? 97  LYS A NZ  1 
ATOM   712  N N   . SER A 1 98  ? 13.868  -1.189  3.538   1.00 25.14 ? 98  SER A N   1 
ATOM   713  C CA  . SER A 1 98  ? 15.309  -1.327  3.771   1.00 25.79 ? 98  SER A CA  1 
ATOM   714  C C   . SER A 1 98  ? 16.115  -0.237  3.054   1.00 26.50 ? 98  SER A C   1 
ATOM   715  O O   . SER A 1 98  ? 17.326  -0.086  3.294   1.00 26.99 ? 98  SER A O   1 
ATOM   716  C CB  . SER A 1 98  ? 15.778  -2.668  3.257   1.00 25.88 ? 98  SER A CB  1 
ATOM   717  O OG  . SER A 1 98  ? 15.789  -2.637  1.845   1.00 27.33 ? 98  SER A OG  1 
ATOM   718  N N   . GLY A 1 99  ? 15.457  0.487   2.157   1.00 26.61 ? 99  GLY A N   1 
ATOM   719  C CA  . GLY A 1 99  ? 16.103  1.556   1.429   1.00 28.01 ? 99  GLY A CA  1 
ATOM   720  C C   . GLY A 1 99  ? 16.902  1.052   0.247   1.00 28.74 ? 99  GLY A C   1 
ATOM   721  O O   . GLY A 1 99  ? 17.599  1.835   -0.379  1.00 29.34 ? 99  GLY A O   1 
ATOM   722  N N   . GLU A 1 100 ? 16.802  -0.242  -0.064  1.00 29.29 ? 100 GLU A N   1 
ATOM   723  C CA  . GLU A 1 100 ? 17.420  -0.804  -1.267  1.00 31.51 ? 100 GLU A CA  1 
ATOM   724  C C   . GLU A 1 100 ? 16.851  -0.187  -2.555  1.00 30.85 ? 100 GLU A C   1 
ATOM   725  O O   . GLU A 1 100 ? 17.571  -0.041  -3.548  1.00 30.36 ? 100 GLU A O   1 
ATOM   726  C CB  . GLU A 1 100 ? 17.232  -2.319  -1.327  1.00 31.20 ? 100 GLU A CB  1 
ATOM   727  C CG  . GLU A 1 100 ? 17.939  -3.125  -0.242  1.00 35.67 ? 100 GLU A CG  1 
ATOM   728  C CD  . GLU A 1 100 ? 17.502  -4.595  -0.250  1.00 36.25 ? 100 GLU A CD  1 
ATOM   729  O OE1 . GLU A 1 100 ? 17.900  -5.315  -1.191  1.00 41.39 ? 100 GLU A OE1 1 
ATOM   730  O OE2 . GLU A 1 100 ? 16.748  -5.021  0.669   1.00 42.64 ? 100 GLU A OE2 1 
ATOM   731  N N   . GLU A 1 101 ? 15.557  0.145   -2.548  1.00 30.07 ? 101 GLU A N   1 
ATOM   732  C CA  . GLU A 1 101 ? 14.889  0.765   -3.696  1.00 30.57 ? 101 GLU A CA  1 
ATOM   733  C C   . GLU A 1 101 ? 13.947  1.847   -3.213  1.00 29.78 ? 101 GLU A C   1 
ATOM   734  O O   . GLU A 1 101 ? 13.399  1.732   -2.124  1.00 31.09 ? 101 GLU A O   1 
ATOM   735  C CB  . GLU A 1 101 ? 14.024  -0.266  -4.432  1.00 31.65 ? 101 GLU A CB  1 
ATOM   736  C CG  . GLU A 1 101 ? 14.789  -1.359  -5.101  1.00 34.86 ? 101 GLU A CG  1 
ATOM   737  C CD  . GLU A 1 101 ? 15.183  -0.992  -6.503  1.00 39.76 ? 101 GLU A CD  1 
ATOM   738  O OE1 . GLU A 1 101 ? 15.267  0.220   -6.807  1.00 42.82 ? 101 GLU A OE1 1 
ATOM   739  O OE2 . GLU A 1 101 ? 15.393  -1.926  -7.304  1.00 42.31 ? 101 GLU A OE2 1 
ATOM   740  N N   . ASP A 1 102 ? 13.743  2.887   -4.013  1.00 27.92 ? 102 ASP A N   1 
ATOM   741  C CA  . ASP A 1 102 ? 12.754  3.913   -3.692  1.00 27.01 ? 102 ASP A CA  1 
ATOM   742  C C   . ASP A 1 102 ? 11.393  3.376   -4.114  1.00 25.71 ? 102 ASP A C   1 
ATOM   743  O O   . ASP A 1 102 ? 11.325  2.625   -5.079  1.00 24.13 ? 102 ASP A O   1 
ATOM   744  C CB  . ASP A 1 102 ? 13.002  5.185   -4.525  1.00 27.54 ? 102 ASP A CB  1 
ATOM   745  C CG  . ASP A 1 102 ? 14.088  6.074   -3.945  0.70 28.94 ? 102 ASP A CG  1 
ATOM   746  O OD1 . ASP A 1 102 ? 14.480  5.906   -2.761  0.70 29.38 ? 102 ASP A OD1 1 
ATOM   747  O OD2 . ASP A 1 102 ? 14.550  6.944   -4.693  0.70 27.47 ? 102 ASP A OD2 1 
ATOM   748  N N   . PHE A 1 103 ? 10.334  3.760   -3.403  1.00 24.52 ? 103 PHE A N   1 
ATOM   749  C CA  . PHE A 1 103 ? 8.957   3.496   -3.849  1.00 24.19 ? 103 PHE A CA  1 
ATOM   750  C C   . PHE A 1 103 ? 8.805   3.845   -5.349  1.00 24.06 ? 103 PHE A C   1 
ATOM   751  O O   . PHE A 1 103 ? 8.281   3.054   -6.132  1.00 23.08 ? 103 PHE A O   1 
ATOM   752  C CB  . PHE A 1 103 ? 7.957   4.315   -3.007  1.00 24.59 ? 103 PHE A CB  1 
ATOM   753  C CG  . PHE A 1 103 ? 6.543   4.233   -3.499  1.00 25.76 ? 103 PHE A CG  1 
ATOM   754  C CD1 . PHE A 1 103 ? 6.101   5.073   -4.532  1.00 29.12 ? 103 PHE A CD1 1 
ATOM   755  C CD2 . PHE A 1 103 ? 5.658   3.302   -2.956  1.00 27.29 ? 103 PHE A CD2 1 
ATOM   756  C CE1 . PHE A 1 103 ? 4.821   4.987   -5.006  1.00 28.40 ? 103 PHE A CE1 1 
ATOM   757  C CE2 . PHE A 1 103 ? 4.371   3.227   -3.416  1.00 26.97 ? 103 PHE A CE2 1 
ATOM   758  C CZ  . PHE A 1 103 ? 3.955   4.065   -4.442  1.00 26.12 ? 103 PHE A CZ  1 
ATOM   759  N N   . GLU A 1 104 ? 9.287   5.027   -5.739  1.00 23.56 ? 104 GLU A N   1 
ATOM   760  C CA  . GLU A 1 104 ? 9.123   5.521   -7.127  1.00 23.83 ? 104 GLU A CA  1 
ATOM   761  C C   . GLU A 1 104 ? 9.706   4.608   -8.184  1.00 23.53 ? 104 GLU A C   1 
ATOM   762  O O   . GLU A 1 104 ? 9.124   4.453   -9.274  1.00 24.80 ? 104 GLU A O   1 
ATOM   763  C CB  . GLU A 1 104 ? 9.754   6.932   -7.275  1.00 23.99 ? 104 GLU A CB  1 
ATOM   764  C CG  . GLU A 1 104 ? 8.991   8.035   -6.564  1.00 24.08 ? 104 GLU A CG  1 
ATOM   765  C CD  . GLU A 1 104 ? 9.384   8.194   -5.103  1.00 26.14 ? 104 GLU A CD  1 
ATOM   766  O OE1 . GLU A 1 104 ? 10.066  7.312   -4.522  1.00 26.93 ? 104 GLU A OE1 1 
ATOM   767  O OE2 . GLU A 1 104 ? 9.015   9.225   -4.519  1.00 26.67 ? 104 GLU A OE2 1 
ATOM   768  N N   . SER A 1 105 ? 10.875  4.043   -7.875  1.00 23.61 ? 105 SER A N   1 
ATOM   769  C CA  A SER A 1 105 ? 11.615  3.181   -8.787  0.50 24.03 ? 105 SER A CA  1 
ATOM   770  C CA  B SER A 1 105 ? 11.594  3.190   -8.810  0.50 23.80 ? 105 SER A CA  1 
ATOM   771  C C   . SER A 1 105 ? 10.842  1.890   -9.011  1.00 24.26 ? 105 SER A C   1 
ATOM   772  O O   . SER A 1 105 ? 10.682  1.421   -10.155 1.00 23.40 ? 105 SER A O   1 
ATOM   773  C CB  A SER A 1 105 ? 13.002  2.878   -8.203  0.50 24.83 ? 105 SER A CB  1 
ATOM   774  C CB  B SER A 1 105 ? 13.005  2.914   -8.302  0.50 24.60 ? 105 SER A CB  1 
ATOM   775  O OG  A SER A 1 105 ? 13.734  1.997   -9.033  0.50 26.21 ? 105 SER A OG  1 
ATOM   776  O OG  B SER A 1 105 ? 13.621  4.124   -7.923  0.50 24.52 ? 105 SER A OG  1 
ATOM   777  N N   . LEU A 1 106 ? 10.358  1.316   -7.913  1.00 23.69 ? 106 LEU A N   1 
ATOM   778  C CA  . LEU A 1 106 ? 9.558   0.074   -7.994  1.00 23.11 ? 106 LEU A CA  1 
ATOM   779  C C   . LEU A 1 106 ? 8.205   0.307   -8.650  1.00 22.47 ? 106 LEU A C   1 
ATOM   780  O O   . LEU A 1 106 ? 7.729   -0.553  -9.393  1.00 23.61 ? 106 LEU A O   1 
ATOM   781  C CB  . LEU A 1 106 ? 9.348   -0.529  -6.595  1.00 22.74 ? 106 LEU A CB  1 
ATOM   782  C CG  . LEU A 1 106 ? 10.657  -0.973  -5.894  1.00 23.52 ? 106 LEU A CG  1 
ATOM   783  C CD1 . LEU A 1 106 ? 10.365  -1.746  -4.636  1.00 23.23 ? 106 LEU A CD1 1 
ATOM   784  C CD2 . LEU A 1 106 ? 11.485  -1.832  -6.814  1.00 22.07 ? 106 LEU A CD2 1 
ATOM   785  N N   . ALA A 1 107 ? 7.573   1.438   -8.357  1.00 22.91 ? 107 ALA A N   1 
ATOM   786  C CA  . ALA A 1 107 ? 6.297   1.773   -9.000  1.00 22.83 ? 107 ALA A CA  1 
ATOM   787  C C   . ALA A 1 107 ? 6.484   1.888   -10.520 1.00 23.94 ? 107 ALA A C   1 
ATOM   788  O O   . ALA A 1 107 ? 5.709   1.322   -11.302 1.00 23.68 ? 107 ALA A O   1 
ATOM   789  C CB  . ALA A 1 107 ? 5.723   3.078   -8.443  1.00 23.06 ? 107 ALA A CB  1 
ATOM   790  N N   . SER A 1 108 ? 7.510   2.627   -10.940 1.00 23.65 ? 108 SER A N   1 
ATOM   791  C CA  . SER A 1 108 ? 7.774   2.806   -12.380 1.00 23.70 ? 108 SER A CA  1 
ATOM   792  C C   . SER A 1 108 ? 8.030   1.469   -13.076 1.00 24.20 ? 108 SER A C   1 
ATOM   793  O O   . SER A 1 108 ? 7.582   1.256   -14.206 1.00 24.68 ? 108 SER A O   1 
ATOM   794  C CB  . SER A 1 108 ? 8.971   3.739   -12.611 1.00 23.59 ? 108 SER A CB  1 
ATOM   795  O OG  . SER A 1 108 ? 8.771   4.998   -11.996 1.00 23.82 ? 108 SER A OG  1 
ATOM   796  N N   . GLN A 1 109 ? 8.763   0.574   -12.422 1.00 25.09 ? 109 GLN A N   1 
ATOM   797  C CA  . GLN A 1 109 ? 9.122   -0.683  -13.052 1.00 26.17 ? 109 GLN A CA  1 
ATOM   798  C C   . GLN A 1 109 ? 8.055   -1.751  -12.983 1.00 27.30 ? 109 GLN A C   1 
ATOM   799  O O   . GLN A 1 109 ? 7.999   -2.594  -13.877 1.00 27.61 ? 109 GLN A O   1 
ATOM   800  C CB  . GLN A 1 109 ? 10.393  -1.242  -12.459 1.00 27.28 ? 109 GLN A CB  1 
ATOM   801  C CG  . GLN A 1 109 ? 11.621  -0.411  -12.751 1.00 29.40 ? 109 GLN A CG  1 
ATOM   802  C CD  . GLN A 1 109 ? 12.794  -0.821  -11.909 1.00 33.92 ? 109 GLN A CD  1 
ATOM   803  O OE1 . GLN A 1 109 ? 13.172  -0.121  -10.972 1.00 37.68 ? 109 GLN A OE1 1 
ATOM   804  N NE2 . GLN A 1 109 ? 13.391  -1.941  -12.238 1.00 34.92 ? 109 GLN A NE2 1 
ATOM   805  N N   . PHE A 1 110 ? 7.257   -1.763  -11.908 1.00 25.87 ? 110 PHE A N   1 
ATOM   806  C CA  . PHE A 1 110 ? 6.463   -2.960  -11.605 1.00 26.56 ? 110 PHE A CA  1 
ATOM   807  C C   . PHE A 1 110 ? 4.987   -2.768  -11.388 1.00 26.78 ? 110 PHE A C   1 
ATOM   808  O O   . PHE A 1 110 ? 4.240   -3.760  -11.363 1.00 28.19 ? 110 PHE A O   1 
ATOM   809  C CB  . PHE A 1 110 ? 7.063   -3.732  -10.413 1.00 26.25 ? 110 PHE A CB  1 
ATOM   810  C CG  . PHE A 1 110 ? 8.492   -4.141  -10.632 1.00 26.30 ? 110 PHE A CG  1 
ATOM   811  C CD1 . PHE A 1 110 ? 8.840   -4.955  -11.716 1.00 27.93 ? 110 PHE A CD1 1 
ATOM   812  C CD2 . PHE A 1 110 ? 9.495   -3.659  -9.804  1.00 26.38 ? 110 PHE A CD2 1 
ATOM   813  C CE1 . PHE A 1 110 ? 10.176  -5.315  -11.951 1.00 30.33 ? 110 PHE A CE1 1 
ATOM   814  C CE2 . PHE A 1 110 ? 10.829  -4.010  -10.012 1.00 28.52 ? 110 PHE A CE2 1 
ATOM   815  C CZ  . PHE A 1 110 ? 11.177  -4.851  -11.088 1.00 28.80 ? 110 PHE A CZ  1 
ATOM   816  N N   . SER A 1 111 ? 4.541   -1.530  -11.246 1.00 24.96 ? 111 SER A N   1 
ATOM   817  C CA  . SER A 1 111 ? 3.144   -1.318  -10.952 1.00 24.71 ? 111 SER A CA  1 
ATOM   818  C C   . SER A 1 111 ? 2.323   -1.628  -12.182 1.00 25.43 ? 111 SER A C   1 
ATOM   819  O O   . SER A 1 111 ? 2.712   -1.267  -13.305 1.00 24.39 ? 111 SER A O   1 
ATOM   820  C CB  . SER A 1 111 ? 2.881   0.103   -10.543 1.00 24.02 ? 111 SER A CB  1 
ATOM   821  O OG  . SER A 1 111 ? 1.492   0.319   -10.386 1.00 22.01 ? 111 SER A OG  1 
ATOM   822  N N   . ASP A 1 112 ? 1.195   -2.303  -11.961 1.00 25.45 ? 112 ASP A N   1 
ATOM   823  C CA  . ASP A 1 112 ? 0.237   -2.615  -13.030 1.00 27.00 ? 112 ASP A CA  1 
ATOM   824  C C   . ASP A 1 112 ? -0.721  -1.480  -13.355 1.00 27.37 ? 112 ASP A C   1 
ATOM   825  O O   . ASP A 1 112 ? -1.611  -1.640  -14.172 1.00 29.16 ? 112 ASP A O   1 
ATOM   826  C CB  . ASP A 1 112 ? -0.569  -3.869  -12.659 1.00 27.07 ? 112 ASP A CB  1 
ATOM   827  C CG  . ASP A 1 112 ? 0.194   -5.129  -12.923 1.00 27.00 ? 112 ASP A CG  1 
ATOM   828  O OD1 . ASP A 1 112 ? 0.765   -5.248  -14.031 1.00 27.06 ? 112 ASP A OD1 1 
ATOM   829  O OD2 . ASP A 1 112 ? 0.239   -6.007  -12.034 1.00 27.89 ? 112 ASP A OD2 1 
ATOM   830  N N   . CYS A 1 113 ? -0.579  -0.347  -12.690 1.00 27.31 ? 113 CYS A N   1 
ATOM   831  C CA  . CYS A 1 113 ? -1.412  0.801   -12.998 1.00 26.99 ? 113 CYS A CA  1 
ATOM   832  C C   . CYS A 1 113 ? -0.659  1.695   -13.969 1.00 27.03 ? 113 CYS A C   1 
ATOM   833  O O   . CYS A 1 113 ? 0.556   1.810   -13.866 1.00 26.41 ? 113 CYS A O   1 
ATOM   834  C CB  . CYS A 1 113 ? -1.718  1.572   -11.727 1.00 26.99 ? 113 CYS A CB  1 
ATOM   835  S SG  . CYS A 1 113 ? -2.818  3.001   -11.932 1.00 28.05 ? 113 CYS A SG  1 
ATOM   836  N N   . SER A 1 114 ? -1.367  2.352   -14.887 1.00 26.95 ? 114 SER A N   1 
ATOM   837  C CA  . SER A 1 114 ? -0.679  3.258   -15.828 1.00 27.58 ? 114 SER A CA  1 
ATOM   838  C C   . SER A 1 114 ? -0.031  4.475   -15.136 1.00 27.55 ? 114 SER A C   1 
ATOM   839  O O   . SER A 1 114 ? 0.771   5.202   -15.758 1.00 27.57 ? 114 SER A O   1 
ATOM   840  C CB  . SER A 1 114 ? -1.619  3.709   -16.933 1.00 27.77 ? 114 SER A CB  1 
ATOM   841  O OG  . SER A 1 114 ? -2.695  4.409   -16.365 1.00 30.05 ? 114 SER A OG  1 
ATOM   842  N N   . SER A 1 115 ? -0.369  4.702   -13.864 1.00 26.52 ? 115 SER A N   1 
ATOM   843  C CA  . SER A 1 115 ? 0.295   5.743   -13.089 1.00 25.73 ? 115 SER A CA  1 
ATOM   844  C C   . SER A 1 115 ? 1.756   5.383   -12.849 1.00 25.04 ? 115 SER A C   1 
ATOM   845  O O   . SER A 1 115 ? 2.524   6.236   -12.410 1.00 25.59 ? 115 SER A O   1 
ATOM   846  C CB  . SER A 1 115 ? -0.440  6.025   -11.765 1.00 25.79 ? 115 SER A CB  1 
ATOM   847  O OG  . SER A 1 115 ? -0.550  4.844   -10.968 1.00 26.38 ? 115 SER A OG  1 
ATOM   848  N N   . ALA A 1 116 ? 2.144   4.146   -13.172 1.00 23.74 ? 116 ALA A N   1 
ATOM   849  C CA  . ALA A 1 116 ? 3.538   3.723   -13.154 1.00 23.83 ? 116 ALA A CA  1 
ATOM   850  C C   . ALA A 1 116 ? 4.395   4.743   -13.930 1.00 24.02 ? 116 ALA A C   1 
ATOM   851  O O   . ALA A 1 116 ? 5.525   4.998   -13.547 1.00 23.24 ? 116 ALA A O   1 
ATOM   852  C CB  . ALA A 1 116 ? 3.693   2.340   -13.776 1.00 23.95 ? 116 ALA A CB  1 
ATOM   853  N N   . LYS A 1 117 ? 3.841   5.322   -15.007 1.00 24.26 ? 117 LYS A N   1 
ATOM   854  C CA  . LYS A 1 117 ? 4.632   6.188   -15.892 1.00 25.15 ? 117 LYS A CA  1 
ATOM   855  C C   . LYS A 1 117 ? 4.905   7.542   -15.242 1.00 24.39 ? 117 LYS A C   1 
ATOM   856  O O   . LYS A 1 117 ? 5.739   8.308   -15.744 1.00 24.33 ? 117 LYS A O   1 
ATOM   857  C CB  . LYS A 1 117 ? 3.936   6.415   -17.243 1.00 26.33 ? 117 LYS A CB  1 
ATOM   858  C CG  . LYS A 1 117 ? 3.458   5.159   -17.932 1.00 30.64 ? 117 LYS A CG  1 
ATOM   859  C CD  . LYS A 1 117 ? 4.567   4.298   -18.427 1.00 37.02 ? 117 LYS A CD  1 
ATOM   860  C CE  . LYS A 1 117 ? 3.982   3.148   -19.261 1.00 40.68 ? 117 LYS A CE  1 
ATOM   861  N NZ  . LYS A 1 117 ? 3.319   3.663   -20.526 1.00 44.63 ? 117 LYS A NZ  1 
ATOM   862  N N   . ALA A 1 118 ? 4.172   7.820   -14.158 1.00 23.39 ? 118 ALA A N   1 
ATOM   863  C CA  . ALA A 1 118 ? 4.383   8.982   -13.294 1.00 23.51 ? 118 ALA A CA  1 
ATOM   864  C C   . ALA A 1 118 ? 4.873   8.565   -11.917 1.00 23.15 ? 118 ALA A C   1 
ATOM   865  O O   . ALA A 1 118 ? 4.532   9.199   -10.911 1.00 23.96 ? 118 ALA A O   1 
ATOM   866  C CB  . ALA A 1 118 ? 3.102   9.801   -13.178 1.00 24.26 ? 118 ALA A CB  1 
ATOM   867  N N   . ARG A 1 119 ? 5.679   7.509   -11.874 1.00 22.91 ? 119 ARG A N   1 
ATOM   868  C CA  . ARG A 1 119 ? 6.285   7.023   -10.625 1.00 23.70 ? 119 ARG A CA  1 
ATOM   869  C C   . ARG A 1 119 ? 5.209   6.685   -9.617  1.00 23.48 ? 119 ARG A C   1 
ATOM   870  O O   . ARG A 1 119 ? 5.442   6.778   -8.413  1.00 23.20 ? 119 ARG A O   1 
ATOM   871  C CB  . ARG A 1 119 ? 7.265   8.054   -10.005 1.00 23.80 ? 119 ARG A CB  1 
ATOM   872  C CG  . ARG A 1 119 ? 8.414   8.375   -10.911 1.00 24.79 ? 119 ARG A CG  1 
ATOM   873  C CD  . ARG A 1 119 ? 9.432   9.415   -10.352 1.00 24.99 ? 119 ARG A CD  1 
ATOM   874  N NE  . ARG A 1 119 ? 10.546  9.382   -11.295 1.00 32.99 ? 119 ARG A NE  1 
ATOM   875  C CZ  . ARG A 1 119 ? 11.832  9.581   -11.019 1.00 34.26 ? 119 ARG A CZ  1 
ATOM   876  N NH1 . ARG A 1 119 ? 12.240  9.881   -9.793  1.00 34.86 ? 119 ARG A NH1 1 
ATOM   877  N NH2 . ARG A 1 119 ? 12.710  9.474   -12.003 1.00 36.53 ? 119 ARG A NH2 1 
ATOM   878  N N   . GLY A 1 120 ? 4.014   6.336   -10.111 1.00 23.84 ? 120 GLY A N   1 
ATOM   879  C CA  . GLY A 1 120 ? 2.918   5.948   -9.210  1.00 24.49 ? 120 GLY A CA  1 
ATOM   880  C C   . GLY A 1 120 ? 1.942   7.036   -8.819  1.00 24.79 ? 120 GLY A C   1 
ATOM   881  O O   . GLY A 1 120 ? 0.905   6.755   -8.216  1.00 25.40 ? 120 GLY A O   1 
ATOM   882  N N   . ASP A 1 121 ? 2.232   8.287   -9.187  1.00 24.27 ? 121 ASP A N   1 
ATOM   883  C CA  . ASP A 1 121 ? 1.446   9.414   -8.721  1.00 24.78 ? 121 ASP A CA  1 
ATOM   884  C C   . ASP A 1 121 ? 0.046   9.404   -9.303  1.00 24.93 ? 121 ASP A C   1 
ATOM   885  O O   . ASP A 1 121 ? -0.135  9.268   -10.518 1.00 24.64 ? 121 ASP A O   1 
ATOM   886  C CB  . ASP A 1 121 ? 2.146   10.746  -9.075  1.00 24.92 ? 121 ASP A CB  1 
ATOM   887  C CG  . ASP A 1 121 ? 1.332   11.962  -8.675  1.00 27.85 ? 121 ASP A CG  1 
ATOM   888  O OD1 . ASP A 1 121 ? 0.800   12.016  -7.537  1.00 25.61 ? 121 ASP A OD1 1 
ATOM   889  O OD2 . ASP A 1 121 ? 1.236   12.891  -9.512  1.00 29.70 ? 121 ASP A OD2 1 
ATOM   890  N N   . LEU A 1 122 ? -0.933  9.579   -8.416  1.00 25.82 ? 122 LEU A N   1 
ATOM   891  C CA  . LEU A 1 122 ? -2.337  9.635   -8.802  1.00 26.12 ? 122 LEU A CA  1 
ATOM   892  C C   . LEU A 1 122 ? -2.875  11.038  -8.732  1.00 27.28 ? 122 LEU A C   1 
ATOM   893  O O   . LEU A 1 122 ? -4.023  11.279  -9.098  1.00 27.59 ? 122 LEU A O   1 
ATOM   894  C CB  . LEU A 1 122 ? -3.184  8.731   -7.889  1.00 26.28 ? 122 LEU A CB  1 
ATOM   895  C CG  . LEU A 1 122 ? -2.915  7.223   -7.952  1.00 25.37 ? 122 LEU A CG  1 
ATOM   896  C CD1 . LEU A 1 122 ? -3.699  6.547   -6.822  1.00 24.43 ? 122 LEU A CD1 1 
ATOM   897  C CD2 . LEU A 1 122 ? -3.276  6.612   -9.280  1.00 26.14 ? 122 LEU A CD2 1 
ATOM   898  N N   . GLY A 1 123 ? -2.063  11.972  -8.250  1.00 27.10 ? 123 GLY A N   1 
ATOM   899  C CA  . GLY A 1 123 ? -2.543  13.336  -8.035  1.00 27.53 ? 123 GLY A CA  1 
ATOM   900  C C   . GLY A 1 123 ? -3.416  13.419  -6.798  1.00 28.16 ? 123 GLY A C   1 
ATOM   901  O O   . GLY A 1 123 ? -3.433  12.478  -5.974  1.00 27.82 ? 123 GLY A O   1 
ATOM   902  N N   . ALA A 1 124 ? -4.150  14.528  -6.662  1.00 27.42 ? 124 ALA A N   1 
ATOM   903  C CA  . ALA A 1 124 ? -4.914  14.769  -5.454  1.00 28.28 ? 124 ALA A CA  1 
ATOM   904  C C   . ALA A 1 124 ? -6.352  14.290  -5.637  1.00 29.31 ? 124 ALA A C   1 
ATOM   905  O O   . ALA A 1 124 ? -6.866  14.251  -6.754  1.00 29.16 ? 124 ALA A O   1 
ATOM   906  C CB  . ALA A 1 124 ? -4.839  16.255  -5.032  1.00 28.82 ? 124 ALA A CB  1 
ATOM   907  N N   . PHE A 1 125 ? -6.969  13.842  -4.550  1.00 29.22 ? 125 PHE A N   1 
ATOM   908  C CA  . PHE A 1 125 ? -8.349  13.355  -4.632  1.00 29.92 ? 125 PHE A CA  1 
ATOM   909  C C   . PHE A 1 125 ? -9.068  13.576  -3.306  1.00 29.10 ? 125 PHE A C   1 
ATOM   910  O O   . PHE A 1 125 ? -8.436  13.777  -2.268  1.00 29.06 ? 125 PHE A O   1 
ATOM   911  C CB  . PHE A 1 125 ? -8.425  11.893  -5.123  1.00 29.67 ? 125 PHE A CB  1 
ATOM   912  C CG  . PHE A 1 125 ? -7.599  10.916  -4.287  1.00 31.34 ? 125 PHE A CG  1 
ATOM   913  C CD1 . PHE A 1 125 ? -6.273  10.636  -4.623  1.00 30.23 ? 125 PHE A CD1 1 
ATOM   914  C CD2 . PHE A 1 125 ? -8.153  10.296  -3.155  1.00 30.68 ? 125 PHE A CD2 1 
ATOM   915  C CE1 . PHE A 1 125 ? -5.504  9.744   -3.851  1.00 30.83 ? 125 PHE A CE1 1 
ATOM   916  C CE2 . PHE A 1 125 ? -7.390  9.406   -2.372  1.00 29.98 ? 125 PHE A CE2 1 
ATOM   917  C CZ  . PHE A 1 125 ? -6.065  9.132   -2.721  1.00 29.20 ? 125 PHE A CZ  1 
ATOM   918  N N   . SER A 1 126 ? -10.389 13.571  -3.346  1.00 29.90 ? 126 SER A N   1 
ATOM   919  C CA  . SER A 1 126 ? -11.169 13.676  -2.126  1.00 31.03 ? 126 SER A CA  1 
ATOM   920  C C   . SER A 1 126 ? -11.836 12.327  -1.874  1.00 31.13 ? 126 SER A C   1 
ATOM   921  O O   . SER A 1 126 ? -11.707 11.399  -2.681  1.00 30.93 ? 126 SER A O   1 
ATOM   922  C CB  . SER A 1 126 ? -12.229 14.770  -2.277  1.00 32.80 ? 126 SER A CB  1 
ATOM   923  O OG  . SER A 1 126 ? -13.210 14.360  -3.209  1.00 34.68 ? 126 SER A OG  1 
ATOM   924  N N   . ARG A 1 127 ? -12.531 12.212  -0.752  1.00 31.73 ? 127 ARG A N   1 
ATOM   925  C CA  . ARG A 1 127 ? -13.382 11.051  -0.502  1.00 32.77 ? 127 ARG A CA  1 
ATOM   926  C C   . ARG A 1 127 ? -14.489 11.012  -1.545  1.00 33.93 ? 127 ARG A C   1 
ATOM   927  O O   . ARG A 1 127 ? -14.935 12.063  -2.005  1.00 34.67 ? 127 ARG A O   1 
ATOM   928  C CB  . ARG A 1 127 ? -13.956 11.108  0.914   1.00 32.93 ? 127 ARG A CB  1 
ATOM   929  C CG  . ARG A 1 127 ? -12.939 10.778  1.988   1.00 32.19 ? 127 ARG A CG  1 
ATOM   930  C CD  . ARG A 1 127 ? -13.657 10.408  3.259   1.00 30.98 ? 127 ARG A CD  1 
ATOM   931  N NE  . ARG A 1 127 ? -12.768 10.084  4.367   1.00 29.74 ? 127 ARG A NE  1 
ATOM   932  C CZ  . ARG A 1 127 ? -12.315 8.857   4.646   1.00 28.70 ? 127 ARG A CZ  1 
ATOM   933  N NH1 . ARG A 1 127 ? -12.630 7.837   3.871   1.00 26.10 ? 127 ARG A NH1 1 
ATOM   934  N NH2 . ARG A 1 127 ? -11.507 8.664   5.679   1.00 28.06 ? 127 ARG A NH2 1 
ATOM   935  N N   . GLY A 1 128 ? -14.887 9.810   -1.960  1.00 34.19 ? 128 GLY A N   1 
ATOM   936  C CA  . GLY A 1 128 ? -15.935 9.648   -2.962  1.00 34.27 ? 128 GLY A CA  1 
ATOM   937  C C   . GLY A 1 128 ? -15.432 9.291   -4.353  1.00 34.90 ? 128 GLY A C   1 
ATOM   938  O O   . GLY A 1 128 ? -16.227 9.013   -5.253  1.00 35.24 ? 128 GLY A O   1 
ATOM   939  N N   . GLN A 1 129 ? -14.115 9.293   -4.543  1.00 34.11 ? 129 GLN A N   1 
ATOM   940  C CA  . GLN A 1 129 ? -13.540 9.051   -5.872  1.00 34.10 ? 129 GLN A CA  1 
ATOM   941  C C   . GLN A 1 129 ? -12.929 7.676   -6.054  1.00 33.27 ? 129 GLN A C   1 
ATOM   942  O O   . GLN A 1 129 ? -13.147 7.036   -7.071  1.00 33.30 ? 129 GLN A O   1 
ATOM   943  C CB  . GLN A 1 129 ? -12.466 10.095  -6.186  1.00 33.93 ? 129 GLN A CB  1 
ATOM   944  C CG  . GLN A 1 129 ? -12.948 11.554  -6.124  1.00 36.02 ? 129 GLN A CG  1 
ATOM   945  C CD  . GLN A 1 129 ? -11.834 12.544  -6.458  1.00 35.51 ? 129 GLN A CD  1 
ATOM   946  O OE1 . GLN A 1 129 ? -11.694 13.581  -5.804  1.00 35.31 ? 129 GLN A OE1 1 
ATOM   947  N NE2 . GLN A 1 129 ? -11.010 12.201  -7.459  1.00 39.80 ? 129 GLN A NE2 1 
ATOM   948  N N   . MET A 1 130 ? -12.119 7.239   -5.087  1.00 32.24 ? 130 MET A N   1 
ATOM   949  C CA  . MET A 1 130 ? -11.362 6.000   -5.243  1.00 31.76 ? 130 MET A CA  1 
ATOM   950  C C   . MET A 1 130 ? -12.134 4.830   -4.635  1.00 31.27 ? 130 MET A C   1 
ATOM   951  O O   . MET A 1 130 ? -13.064 5.040   -3.856  1.00 30.80 ? 130 MET A O   1 
ATOM   952  C CB  . MET A 1 130 ? -9.984  6.117   -4.565  1.00 31.85 ? 130 MET A CB  1 
ATOM   953  C CG  . MET A 1 130 ? -9.158  7.300   -5.045  1.00 33.03 ? 130 MET A CG  1 
ATOM   954  S SD  . MET A 1 130 ? -8.658  7.097   -6.763  1.00 36.23 ? 130 MET A SD  1 
ATOM   955  C CE  . MET A 1 130 ? -7.680  8.568   -7.025  1.00 35.14 ? 130 MET A CE  1 
ATOM   956  N N   . GLN A 1 131 ? -11.721 3.610   -4.968  1.00 30.40 ? 131 GLN A N   1 
ATOM   957  C CA  . GLN A 1 131 ? -12.278 2.415   -4.323  1.00 29.68 ? 131 GLN A CA  1 
ATOM   958  C C   . GLN A 1 131 ? -12.119 2.538   -2.806  1.00 28.67 ? 131 GLN A C   1 
ATOM   959  O O   . GLN A 1 131 ? -11.144 3.105   -2.303  1.00 27.30 ? 131 GLN A O   1 
ATOM   960  C CB  . GLN A 1 131 ? -11.637 1.158   -4.865  1.00 30.81 ? 131 GLN A CB  1 
ATOM   961  C CG  . GLN A 1 131 ? -11.909 0.961   -6.333  1.00 33.52 ? 131 GLN A CG  1 
ATOM   962  C CD  . GLN A 1 131 ? -11.399 -0.362  -6.842  1.00 39.01 ? 131 GLN A CD  1 
ATOM   963  O OE1 . GLN A 1 131 ? -11.796 -1.421  -6.355  1.00 42.05 ? 131 GLN A OE1 1 
ATOM   964  N NE2 . GLN A 1 131 ? -10.513 -0.316  -7.821  1.00 39.96 ? 131 GLN A NE2 1 
ATOM   965  N N   . LYS A 1 132 ? -13.118 2.049   -2.072  1.00 27.16 ? 132 LYS A N   1 
ATOM   966  C CA  . LYS A 1 132 ? -13.253 2.438   -0.684  1.00 26.53 ? 132 LYS A CA  1 
ATOM   967  C C   . LYS A 1 132 ? -12.089 2.016   0.215   1.00 25.58 ? 132 LYS A C   1 
ATOM   968  O O   . LYS A 1 132 ? -11.680 2.791   1.063   1.00 26.44 ? 132 LYS A O   1 
ATOM   969  C CB  . LYS A 1 132 ? -14.603 1.949   -0.115  1.00 27.21 ? 132 LYS A CB  1 
ATOM   970  C CG  . LYS A 1 132 ? -14.916 2.565   1.211   1.00 29.85 ? 132 LYS A CG  1 
ATOM   971  C CD  . LYS A 1 132 ? -15.312 3.995   1.054   1.00 34.04 ? 132 LYS A CD  1 
ATOM   972  C CE  . LYS A 1 132 ? -14.989 4.799   2.286   1.00 34.01 ? 132 LYS A CE  1 
ATOM   973  N NZ  . LYS A 1 132 ? -15.655 6.180   2.121   1.00 36.86 ? 132 LYS A NZ  1 
ATOM   974  N N   . PRO A 1 133 ? -11.570 0.786   0.056   1.00 25.03 ? 133 PRO A N   1 
ATOM   975  C CA  . PRO A 1 133 ? -10.454 0.430   0.947   1.00 25.16 ? 133 PRO A CA  1 
ATOM   976  C C   . PRO A 1 133 ? -9.191  1.287   0.679   1.00 25.41 ? 133 PRO A C   1 
ATOM   977  O O   . PRO A 1 133 ? -8.447  1.601   1.608   1.00 25.27 ? 133 PRO A O   1 
ATOM   978  C CB  . PRO A 1 133 ? -10.156 -1.013  0.577   1.00 25.22 ? 133 PRO A CB  1 
ATOM   979  C CG  . PRO A 1 133 ? -11.396 -1.543  -0.057  1.00 25.58 ? 133 PRO A CG  1 
ATOM   980  C CD  . PRO A 1 133 ? -11.908 -0.320  -0.849  1.00 25.52 ? 133 PRO A CD  1 
ATOM   981  N N   . PHE A 1 134 ? -8.972  1.628   -0.589  1.00 25.17 ? 134 PHE A N   1 
ATOM   982  C CA  . PHE A 1 134 ? -7.880  2.532   -1.020  1.00 24.56 ? 134 PHE A CA  1 
ATOM   983  C C   . PHE A 1 134 ? -8.082  3.913   -0.426  1.00 24.51 ? 134 PHE A C   1 
ATOM   984  O O   . PHE A 1 134 ? -7.151  4.522   0.140   1.00 24.90 ? 134 PHE A O   1 
ATOM   985  C CB  . PHE A 1 134 ? -7.847  2.616   -2.564  1.00 24.21 ? 134 PHE A CB  1 
ATOM   986  C CG  . PHE A 1 134 ? -6.625  3.346   -3.104  1.00 23.78 ? 134 PHE A CG  1 
ATOM   987  C CD1 . PHE A 1 134 ? -6.570  4.735   -3.107  1.00 24.57 ? 134 PHE A CD1 1 
ATOM   988  C CD2 . PHE A 1 134 ? -5.536  2.633   -3.578  1.00 22.25 ? 134 PHE A CD2 1 
ATOM   989  C CE1 . PHE A 1 134 ? -5.420  5.413   -3.574  1.00 22.06 ? 134 PHE A CE1 1 
ATOM   990  C CE2 . PHE A 1 134 ? -4.371  3.310   -4.034  1.00 21.55 ? 134 PHE A CE2 1 
ATOM   991  C CZ  . PHE A 1 134 ? -4.337  4.684   -4.027  1.00 22.35 ? 134 PHE A CZ  1 
ATOM   992  N N   . GLU A 1 135 ? -9.307  4.424   -0.541  1.00 24.25 ? 135 GLU A N   1 
ATOM   993  C CA  . GLU A 1 135 ? -9.645  5.709   0.028   1.00 24.20 ? 135 GLU A CA  1 
ATOM   994  C C   . GLU A 1 135 ? -9.413  5.769   1.541   1.00 24.13 ? 135 GLU A C   1 
ATOM   995  O O   . GLU A 1 135 ? -8.765  6.698   2.064   1.00 23.57 ? 135 GLU A O   1 
ATOM   996  C CB  . GLU A 1 135 ? -11.106 6.054   -0.276  1.00 24.22 ? 135 GLU A CB  1 
ATOM   997  C CG  . GLU A 1 135 ? -11.563 7.291   0.474   1.00 25.53 ? 135 GLU A CG  1 
ATOM   998  C CD  . GLU A 1 135 ? -13.044 7.536   0.314   1.00 29.24 ? 135 GLU A CD  1 
ATOM   999  O OE1 . GLU A 1 135 ? -13.497 7.621   -0.843  1.00 28.43 ? 135 GLU A OE1 1 
ATOM   1000 O OE2 . GLU A 1 135 ? -13.733 7.615   1.350   1.00 29.24 ? 135 GLU A OE2 1 
ATOM   1001 N N   . ASP A 1 136 ? -9.937  4.775   2.252   1.00 23.34 ? 136 ASP A N   1 
ATOM   1002 C CA  . ASP A 1 136 ? -9.792  4.746   3.701   1.00 23.11 ? 136 ASP A CA  1 
ATOM   1003 C C   . ASP A 1 136 ? -8.327  4.696   4.090   1.00 22.70 ? 136 ASP A C   1 
ATOM   1004 O O   . ASP A 1 136 ? -7.902  5.406   4.995   1.00 23.29 ? 136 ASP A O   1 
ATOM   1005 C CB  . ASP A 1 136 ? -10.540 3.569   4.315   1.00 22.98 ? 136 ASP A CB  1 
ATOM   1006 C CG  . ASP A 1 136 ? -12.049 3.817   4.426   1.00 26.79 ? 136 ASP A CG  1 
ATOM   1007 O OD1 . ASP A 1 136 ? -12.478 4.981   4.345   1.00 25.71 ? 136 ASP A OD1 1 
ATOM   1008 O OD2 . ASP A 1 136 ? -12.785 2.833   4.626   1.00 27.53 ? 136 ASP A OD2 1 
ATOM   1009 N N   . ALA A 1 137 ? -7.561  3.844   3.429   1.00 23.05 ? 137 ALA A N   1 
ATOM   1010 C CA  . ALA A 1 137 ? -6.122  3.787   3.710   1.00 22.37 ? 137 ALA A CA  1 
ATOM   1011 C C   . ALA A 1 137 ? -5.462  5.148   3.457   1.00 22.90 ? 137 ALA A C   1 
ATOM   1012 O O   . ALA A 1 137 ? -4.713  5.627   4.290   1.00 22.97 ? 137 ALA A O   1 
ATOM   1013 C CB  . ALA A 1 137 ? -5.459  2.706   2.884   1.00 22.46 ? 137 ALA A CB  1 
ATOM   1014 N N   . SER A 1 138 ? -5.786  5.773   2.323   1.00 22.70 ? 138 SER A N   1 
ATOM   1015 C CA  . SER A 1 138 ? -5.175  7.051   1.912   1.00 23.39 ? 138 SER A CA  1 
ATOM   1016 C C   . SER A 1 138 ? -5.374  8.126   2.922   1.00 23.90 ? 138 SER A C   1 
ATOM   1017 O O   . SER A 1 138 ? -4.446  8.858   3.230   1.00 23.84 ? 138 SER A O   1 
ATOM   1018 C CB  . SER A 1 138 ? -5.728  7.523   0.553   1.00 22.67 ? 138 SER A CB  1 
ATOM   1019 O OG  . SER A 1 138 ? -5.293  6.643   -0.469  1.00 23.34 ? 138 SER A OG  1 
ATOM   1020 N N   . PHE A 1 139 ? -6.588  8.205   3.462   1.00 23.53 ? 139 PHE A N   1 
ATOM   1021 C CA  . PHE A 1 139 ? -6.955  9.239   4.422   1.00 24.93 ? 139 PHE A CA  1 
ATOM   1022 C C   . PHE A 1 139 ? -6.514  8.968   5.860   1.00 24.81 ? 139 PHE A C   1 
ATOM   1023 O O   . PHE A 1 139 ? -6.446  9.900   6.660   1.00 25.28 ? 139 PHE A O   1 
ATOM   1024 C CB  . PHE A 1 139 ? -8.462  9.527   4.335   1.00 24.79 ? 139 PHE A CB  1 
ATOM   1025 C CG  . PHE A 1 139 ? -8.821  10.464  3.201   1.00 26.74 ? 139 PHE A CG  1 
ATOM   1026 C CD1 . PHE A 1 139 ? -9.019  9.976   1.915   1.00 25.42 ? 139 PHE A CD1 1 
ATOM   1027 C CD2 . PHE A 1 139 ? -8.915  11.849  3.423   1.00 28.55 ? 139 PHE A CD2 1 
ATOM   1028 C CE1 . PHE A 1 139 ? -9.324  10.840  0.851   1.00 27.47 ? 139 PHE A CE1 1 
ATOM   1029 C CE2 . PHE A 1 139 ? -9.223  12.728  2.370   1.00 26.34 ? 139 PHE A CE2 1 
ATOM   1030 C CZ  . PHE A 1 139 ? -9.446  12.220  1.091   1.00 27.81 ? 139 PHE A CZ  1 
ATOM   1031 N N   . ALA A 1 140 ? -6.209  7.704   6.167   1.00 24.39 ? 140 ALA A N   1 
ATOM   1032 C CA  . ALA A 1 140 ? -5.617  7.302   7.455   1.00 24.49 ? 140 ALA A CA  1 
ATOM   1033 C C   . ALA A 1 140 ? -4.094  7.479   7.518   1.00 24.77 ? 140 ALA A C   1 
ATOM   1034 O O   . ALA A 1 140 ? -3.506  7.527   8.608   1.00 25.29 ? 140 ALA A O   1 
ATOM   1035 C CB  . ALA A 1 140 ? -5.969  5.845   7.752   1.00 24.43 ? 140 ALA A CB  1 
ATOM   1036 N N   . LEU A 1 141 ? -3.449  7.567   6.356   1.00 24.52 ? 141 LEU A N   1 
ATOM   1037 C CA  . LEU A 1 141 ? -2.021  7.893   6.295   1.00 24.89 ? 141 LEU A CA  1 
ATOM   1038 C C   . LEU A 1 141 ? -1.806  9.360   6.598   1.00 25.71 ? 141 LEU A C   1 
ATOM   1039 O O   . LEU A 1 141 ? -2.620  10.197  6.249   1.00 26.72 ? 141 LEU A O   1 
ATOM   1040 C CB  . LEU A 1 141 ? -1.470  7.574   4.895   1.00 23.35 ? 141 LEU A CB  1 
ATOM   1041 C CG  . LEU A 1 141 ? -1.496  6.114   4.462   1.00 23.96 ? 141 LEU A CG  1 
ATOM   1042 C CD1 . LEU A 1 141 ? -1.157  6.012   2.980   1.00 22.25 ? 141 LEU A CD1 1 
ATOM   1043 C CD2 . LEU A 1 141 ? -0.500  5.295   5.306   1.00 24.96 ? 141 LEU A CD2 1 
ATOM   1044 N N   . ARG A 1 142 ? -0.725  9.670   7.295   1.00 26.38 ? 142 ARG A N   1 
ATOM   1045 C CA  . ARG A 1 142 ? -0.267  11.039  7.385   1.00 27.00 ? 142 ARG A CA  1 
ATOM   1046 C C   . ARG A 1 142 ? 0.672   11.283  6.220   1.00 26.89 ? 142 ARG A C   1 
ATOM   1047 O O   . ARG A 1 142 ? 1.206   10.334  5.629   1.00 25.34 ? 142 ARG A O   1 
ATOM   1048 C CB  . ARG A 1 142 ? 0.449   11.294  8.701   1.00 27.56 ? 142 ARG A CB  1 
ATOM   1049 C CG  . ARG A 1 142 ? -0.531  11.623  9.867   1.00 31.08 ? 142 ARG A CG  1 
ATOM   1050 C CD  . ARG A 1 142 ? -1.290  10.374  10.345  1.00 36.16 ? 142 ARG A CD  1 
ATOM   1051 N NE  . ARG A 1 142 ? -0.358  9.378   10.873  1.00 40.13 ? 142 ARG A NE  1 
ATOM   1052 C CZ  . ARG A 1 142 ? 0.097   9.387   12.122  1.00 43.69 ? 142 ARG A CZ  1 
ATOM   1053 N NH1 . ARG A 1 142 ? -0.315  10.339  12.963  1.00 44.00 ? 142 ARG A NH1 1 
ATOM   1054 N NH2 . ARG A 1 142 ? 0.952   8.450   12.532  1.00 43.20 ? 142 ARG A NH2 1 
ATOM   1055 N N   . THR A 1 143 ? 0.853   12.552  5.866   1.00 27.08 ? 143 THR A N   1 
ATOM   1056 C CA  . THR A 1 143 ? 1.800   12.908  4.805   1.00 27.57 ? 143 THR A CA  1 
ATOM   1057 C C   . THR A 1 143 ? 3.159   12.276  5.058   1.00 26.54 ? 143 THR A C   1 
ATOM   1058 O O   . THR A 1 143 ? 3.693   12.359  6.164   1.00 27.52 ? 143 THR A O   1 
ATOM   1059 C CB  . THR A 1 143 ? 1.940   14.436  4.711   1.00 27.80 ? 143 THR A CB  1 
ATOM   1060 O OG1 . THR A 1 143 ? 0.639   14.969  4.485   1.00 30.81 ? 143 THR A OG1 1 
ATOM   1061 C CG2 . THR A 1 143 ? 2.816   14.821  3.538   1.00 27.88 ? 143 THR A CG2 1 
ATOM   1062 N N   . GLY A 1 144 ? 3.698   11.616  4.047   1.00 26.58 ? 144 GLY A N   1 
ATOM   1063 C CA  . GLY A 1 144 ? 4.987   10.924  4.174   1.00 26.49 ? 144 GLY A CA  1 
ATOM   1064 C C   . GLY A 1 144 ? 4.885   9.424   4.446   1.00 26.47 ? 144 GLY A C   1 
ATOM   1065 O O   . GLY A 1 144 ? 5.839   8.678   4.179   1.00 26.25 ? 144 GLY A O   1 
ATOM   1066 N N   . GLU A 1 145 ? 3.739   8.991   4.983   1.00 24.86 ? 145 GLU A N   1 
ATOM   1067 C CA  . GLU A 1 145 ? 3.540   7.590   5.405   1.00 24.66 ? 145 GLU A CA  1 
ATOM   1068 C C   . GLU A 1 145 ? 3.120   6.658   4.269   1.00 23.71 ? 145 GLU A C   1 
ATOM   1069 O O   . GLU A 1 145 ? 2.510   7.076   3.284   1.00 22.55 ? 145 GLU A O   1 
ATOM   1070 C CB  . GLU A 1 145 ? 2.497   7.489   6.521   1.00 24.19 ? 145 GLU A CB  1 
ATOM   1071 C CG  . GLU A 1 145 ? 2.876   8.137   7.862   1.00 25.85 ? 145 GLU A CG  1 
ATOM   1072 C CD  . GLU A 1 145 ? 1.861   7.782   8.966   1.00 26.71 ? 145 GLU A CD  1 
ATOM   1073 O OE1 . GLU A 1 145 ? 0.626   7.771   8.697   1.00 27.03 ? 145 GLU A OE1 1 
ATOM   1074 O OE2 . GLU A 1 145 ? 2.299   7.504   10.095  1.00 30.41 ? 145 GLU A OE2 1 
ATOM   1075 N N   . MET A 1 146 ? 3.436   5.381   4.443   1.00 22.42 ? 146 MET A N   1 
ATOM   1076 C CA  . MET A 1 146 ? 3.206   4.362   3.444   1.00 22.86 ? 146 MET A CA  1 
ATOM   1077 C C   . MET A 1 146 ? 2.344   3.236   4.049   1.00 21.63 ? 146 MET A C   1 
ATOM   1078 O O   . MET A 1 146 ? 2.489   2.891   5.224   1.00 20.55 ? 146 MET A O   1 
ATOM   1079 C CB  . MET A 1 146 ? 4.544   3.793   2.968   1.00 22.43 ? 146 MET A CB  1 
ATOM   1080 C CG  . MET A 1 146 ? 4.408   2.850   1.767   1.00 22.01 ? 146 MET A CG  1 
ATOM   1081 S SD  . MET A 1 146 ? 5.958   2.179   1.194   1.00 25.89 ? 146 MET A SD  1 
ATOM   1082 C CE  . MET A 1 146 ? 6.352   1.061   2.519   1.00 22.78 ? 146 MET A CE  1 
ATOM   1083 N N   . SER A 1 147 ? 1.466   2.667   3.240   1.00 20.73 ? 147 SER A N   1 
ATOM   1084 C CA  . SER A 1 147 ? 0.575   1.598   3.703   1.00 20.46 ? 147 SER A CA  1 
ATOM   1085 C C   . SER A 1 147 ? 1.291   0.250   3.649   1.00 21.58 ? 147 SER A C   1 
ATOM   1086 O O   . SER A 1 147 ? 2.392   0.118   3.073   1.00 20.62 ? 147 SER A O   1 
ATOM   1087 C CB  . SER A 1 147 ? -0.684  1.536   2.820   1.00 19.82 ? 147 SER A CB  1 
ATOM   1088 O OG  . SER A 1 147 ? -0.384  0.939   1.555   1.00 19.20 ? 147 SER A OG  1 
ATOM   1089 N N   . GLY A 1 148 ? 0.655   -0.759  4.245   1.00 21.52 ? 148 GLY A N   1 
ATOM   1090 C CA  . GLY A 1 148 ? 0.965   -2.144  3.914   1.00 21.47 ? 148 GLY A CA  1 
ATOM   1091 C C   . GLY A 1 148 ? 0.128   -2.555  2.710   1.00 23.00 ? 148 GLY A C   1 
ATOM   1092 O O   . GLY A 1 148 ? -0.399  -1.704  1.983   1.00 23.08 ? 148 GLY A O   1 
ATOM   1093 N N   . PRO A 1 149 ? 0.007   -3.862  2.460   1.00 23.28 ? 149 PRO A N   1 
ATOM   1094 C CA  . PRO A 1 149 ? -0.835  -4.296  1.337   1.00 23.20 ? 149 PRO A CA  1 
ATOM   1095 C C   . PRO A 1 149 ? -2.286  -3.874  1.554   1.00 23.79 ? 149 PRO A C   1 
ATOM   1096 O O   . PRO A 1 149 ? -2.869  -4.158  2.612   1.00 23.65 ? 149 PRO A O   1 
ATOM   1097 C CB  . PRO A 1 149 ? -0.706  -5.835  1.382   1.00 23.11 ? 149 PRO A CB  1 
ATOM   1098 C CG  . PRO A 1 149 ? 0.557   -6.087  2.155   1.00 24.45 ? 149 PRO A CG  1 
ATOM   1099 C CD  . PRO A 1 149 ? 0.632   -5.001  3.172   1.00 23.36 ? 149 PRO A CD  1 
ATOM   1100 N N   . VAL A 1 150 ? -2.871  -3.196  0.571   1.00 23.09 ? 150 VAL A N   1 
ATOM   1101 C CA  . VAL A 1 150 ? -4.252  -2.716  0.694   1.00 22.79 ? 150 VAL A CA  1 
ATOM   1102 C C   . VAL A 1 150 ? -4.998  -3.390  -0.441  1.00 23.40 ? 150 VAL A C   1 
ATOM   1103 O O   . VAL A 1 150 ? -4.559  -3.333  -1.579  1.00 23.18 ? 150 VAL A O   1 
ATOM   1104 C CB  . VAL A 1 150 ? -4.336  -1.161  0.631   1.00 23.06 ? 150 VAL A CB  1 
ATOM   1105 C CG1 . VAL A 1 150 ? -5.771  -0.690  0.417   1.00 22.87 ? 150 VAL A CG1 1 
ATOM   1106 C CG2 . VAL A 1 150 ? -3.795  -0.550  1.931   1.00 22.46 ? 150 VAL A CG2 1 
ATOM   1107 N N   . PHE A 1 151 ? -6.098  -4.079  -0.122  1.00 23.08 ? 151 PHE A N   1 
ATOM   1108 C CA  . PHE A 1 151 ? -6.775  -4.915  -1.117  1.00 22.72 ? 151 PHE A CA  1 
ATOM   1109 C C   . PHE A 1 151 ? -7.996  -4.179  -1.654  1.00 22.61 ? 151 PHE A C   1 
ATOM   1110 O O   . PHE A 1 151 ? -8.771  -3.574  -0.879  1.00 23.48 ? 151 PHE A O   1 
ATOM   1111 C CB  . PHE A 1 151 ? -7.198  -6.265  -0.504  1.00 22.18 ? 151 PHE A CB  1 
ATOM   1112 C CG  . PHE A 1 151 ? -6.052  -7.124  -0.079  1.00 23.79 ? 151 PHE A CG  1 
ATOM   1113 C CD1 . PHE A 1 151 ? -5.412  -6.899  1.132   1.00 23.69 ? 151 PHE A CD1 1 
ATOM   1114 C CD2 . PHE A 1 151 ? -5.614  -8.162  -0.880  1.00 24.42 ? 151 PHE A CD2 1 
ATOM   1115 C CE1 . PHE A 1 151 ? -4.343  -7.687  1.529   1.00 23.43 ? 151 PHE A CE1 1 
ATOM   1116 C CE2 . PHE A 1 151 ? -4.537  -8.970  -0.470  1.00 24.85 ? 151 PHE A CE2 1 
ATOM   1117 C CZ  . PHE A 1 151 ? -3.914  -8.724  0.720   1.00 23.66 ? 151 PHE A CZ  1 
ATOM   1118 N N   . THR A 1 152 ? -8.142  -4.194  -2.976  1.00 22.95 ? 152 THR A N   1 
ATOM   1119 C CA  . THR A 1 152 ? -9.311  -3.610  -3.659  1.00 23.99 ? 152 THR A CA  1 
ATOM   1120 C C   . THR A 1 152 ? -9.722  -4.541  -4.783  1.00 24.48 ? 152 THR A C   1 
ATOM   1121 O O   . THR A 1 152 ? -9.068  -5.546  -5.029  1.00 24.36 ? 152 THR A O   1 
ATOM   1122 C CB  . THR A 1 152 ? -8.998  -2.225  -4.329  1.00 24.78 ? 152 THR A CB  1 
ATOM   1123 O OG1 . THR A 1 152 ? -8.137  -2.450  -5.449  1.00 24.36 ? 152 THR A OG1 1 
ATOM   1124 C CG2 . THR A 1 152 ? -8.364  -1.225  -3.350  1.00 23.57 ? 152 THR A CG2 1 
ATOM   1125 N N   . ASP A 1 153 ? -10.801 -4.200  -5.491  1.00 26.31 ? 153 ASP A N   1 
ATOM   1126 C CA  . ASP A 1 153 ? -11.198 -4.983  -6.654  1.00 27.56 ? 153 ASP A CA  1 
ATOM   1127 C C   . ASP A 1 153 ? -10.175 -4.915  -7.797  1.00 28.05 ? 153 ASP A C   1 
ATOM   1128 O O   . ASP A 1 153 ? -10.193 -5.754  -8.706  1.00 28.58 ? 153 ASP A O   1 
ATOM   1129 C CB  A ASP A 1 153 ? -12.594 -4.553  -7.130  0.50 27.46 ? 153 ASP A CB  1 
ATOM   1130 C CB  B ASP A 1 153 ? -12.573 -4.523  -7.143  0.50 28.34 ? 153 ASP A CB  1 
ATOM   1131 C CG  A ASP A 1 153 ? -13.698 -4.981  -6.168  0.50 26.35 ? 153 ASP A CG  1 
ATOM   1132 C CG  B ASP A 1 153 ? -13.515 -5.679  -7.423  0.50 29.63 ? 153 ASP A CG  1 
ATOM   1133 O OD1 A ASP A 1 153 ? -13.502 -5.980  -5.467  0.50 23.62 ? 153 ASP A OD1 1 
ATOM   1134 O OD1 B ASP A 1 153 ? -13.130 -6.853  -7.200  0.50 33.21 ? 153 ASP A OD1 1 
ATOM   1135 O OD2 A ASP A 1 153 ? -14.759 -4.321  -6.118  0.50 27.21 ? 153 ASP A OD2 1 
ATOM   1136 O OD2 B ASP A 1 153 ? -14.653 -5.404  -7.855  0.50 31.06 ? 153 ASP A OD2 1 
ATOM   1137 N N   . SER A 1 154 ? -9.274  -3.920  -7.763  1.00 28.15 ? 154 SER A N   1 
ATOM   1138 C CA  . SER A 1 154 ? -8.181  -3.828  -8.750  1.00 27.42 ? 154 SER A CA  1 
ATOM   1139 C C   . SER A 1 154 ? -7.056  -4.807  -8.512  1.00 26.46 ? 154 SER A C   1 
ATOM   1140 O O   . SER A 1 154 ? -6.405  -5.234  -9.458  1.00 25.60 ? 154 SER A O   1 
ATOM   1141 C CB  . SER A 1 154 ? -7.574  -2.418  -8.769  1.00 27.99 ? 154 SER A CB  1 
ATOM   1142 O OG  . SER A 1 154 ? -8.564  -1.455  -9.030  1.00 31.42 ? 154 SER A OG  1 
ATOM   1143 N N   . GLY A 1 155 ? -6.802  -5.139  -7.248  1.00 25.21 ? 155 GLY A N   1 
ATOM   1144 C CA  . GLY A 1 155 ? -5.680  -6.017  -6.891  1.00 24.50 ? 155 GLY A CA  1 
ATOM   1145 C C   . GLY A 1 155 ? -5.113  -5.593  -5.556  1.00 24.41 ? 155 GLY A C   1 
ATOM   1146 O O   . GLY A 1 155 ? -5.866  -5.282  -4.648  1.00 24.83 ? 155 GLY A O   1 
ATOM   1147 N N   . ILE A 1 156 ? -3.788  -5.579  -5.434  1.00 22.87 ? 156 ILE A N   1 
ATOM   1148 C CA  . ILE A 1 156 ? -3.175  -5.264  -4.135  1.00 23.20 ? 156 ILE A CA  1 
ATOM   1149 C C   . ILE A 1 156 ? -2.283  -4.042  -4.327  1.00 22.31 ? 156 ILE A C   1 
ATOM   1150 O O   . ILE A 1 156 ? -1.494  -4.008  -5.275  1.00 22.84 ? 156 ILE A O   1 
ATOM   1151 C CB  . ILE A 1 156 ? -2.345  -6.449  -3.571  1.00 23.24 ? 156 ILE A CB  1 
ATOM   1152 C CG1 . ILE A 1 156 ? -3.136  -7.782  -3.709  1.00 24.71 ? 156 ILE A CG1 1 
ATOM   1153 C CG2 . ILE A 1 156 ? -1.940  -6.177  -2.101  1.00 23.49 ? 156 ILE A CG2 1 
ATOM   1154 C CD1 . ILE A 1 156 ? -2.368  -9.011  -3.337  1.00 23.53 ? 156 ILE A CD1 1 
ATOM   1155 N N   . HIS A 1 157 ? -2.422  -3.064  -3.433  1.00 22.47 ? 157 HIS A N   1 
ATOM   1156 C CA  . HIS A 1 157 ? -1.727  -1.781  -3.575  1.00 21.95 ? 157 HIS A CA  1 
ATOM   1157 C C   . HIS A 1 157 ? -0.739  -1.560  -2.433  1.00 21.67 ? 157 HIS A C   1 
ATOM   1158 O O   . HIS A 1 157 ? -1.000  -1.984  -1.284  1.00 21.44 ? 157 HIS A O   1 
ATOM   1159 C CB  . HIS A 1 157 ? -2.709  -0.606  -3.512  1.00 21.85 ? 157 HIS A CB  1 
ATOM   1160 C CG  . HIS A 1 157 ? -3.888  -0.704  -4.432  1.00 25.23 ? 157 HIS A CG  1 
ATOM   1161 N ND1 . HIS A 1 157 ? -4.044  0.128   -5.522  1.00 22.00 ? 157 HIS A ND1 1 
ATOM   1162 C CD2 . HIS A 1 157 ? -4.998  -1.488  -4.394  1.00 23.90 ? 157 HIS A CD2 1 
ATOM   1163 C CE1 . HIS A 1 157 ? -5.191  -0.144  -6.121  1.00 27.08 ? 157 HIS A CE1 1 
ATOM   1164 N NE2 . HIS A 1 157 ? -5.785  -1.129  -5.463  1.00 25.61 ? 157 HIS A NE2 1 
ATOM   1165 N N   . ILE A 1 158 ? 0.361   -0.853  -2.730  1.00 21.15 ? 158 ILE A N   1 
ATOM   1166 C CA  . ILE A 1 158 ? 1.137   -0.188  -1.698  1.00 20.41 ? 158 ILE A CA  1 
ATOM   1167 C C   . ILE A 1 158 ? 0.839   1.288   -1.950  1.00 20.20 ? 158 ILE A C   1 
ATOM   1168 O O   . ILE A 1 158 ? 0.924   1.758   -3.091  1.00 19.62 ? 158 ILE A O   1 
ATOM   1169 C CB  . ILE A 1 158 ? 2.677   -0.440  -1.819  1.00 20.54 ? 158 ILE A CB  1 
ATOM   1170 C CG1 . ILE A 1 158 ? 3.029   -1.927  -1.666  1.00 22.29 ? 158 ILE A CG1 1 
ATOM   1171 C CG2 . ILE A 1 158 ? 3.391   0.356   -0.775  1.00 22.66 ? 158 ILE A CG2 1 
ATOM   1172 C CD1 . ILE A 1 158 ? 4.332   -2.355  -2.410  1.00 21.07 ? 158 ILE A CD1 1 
ATOM   1173 N N   . ILE A 1 159 ? 0.442   2.015   -0.910  1.00 19.58 ? 159 ILE A N   1 
ATOM   1174 C CA  . ILE A 1 159 ? 0.024   3.398   -1.083  1.00 21.20 ? 159 ILE A CA  1 
ATOM   1175 C C   . ILE A 1 159 ? 0.991   4.301   -0.371  1.00 20.77 ? 159 ILE A C   1 
ATOM   1176 O O   . ILE A 1 159 ? 1.354   4.027   0.772   1.00 20.82 ? 159 ILE A O   1 
ATOM   1177 C CB  . ILE A 1 159 ? -1.394  3.632   -0.501  1.00 21.55 ? 159 ILE A CB  1 
ATOM   1178 C CG1 . ILE A 1 159 ? -2.379  2.635   -1.125  1.00 22.80 ? 159 ILE A CG1 1 
ATOM   1179 C CG2 . ILE A 1 159 ? -1.864  5.114   -0.687  1.00 21.18 ? 159 ILE A CG2 1 
ATOM   1180 C CD1 . ILE A 1 159 ? -3.813  2.686   -0.504  1.00 20.68 ? 159 ILE A CD1 1 
ATOM   1181 N N   . LEU A 1 160 ? 1.395   5.391   -1.026  1.00 21.11 ? 160 LEU A N   1 
ATOM   1182 C CA  . LEU A 1 160 ? 2.280   6.365   -0.383  1.00 21.23 ? 160 LEU A CA  1 
ATOM   1183 C C   . LEU A 1 160 ? 1.595   7.729   -0.364  1.00 21.80 ? 160 LEU A C   1 
ATOM   1184 O O   . LEU A 1 160 ? 1.245   8.244   -1.408  1.00 22.53 ? 160 LEU A O   1 
ATOM   1185 C CB  . LEU A 1 160 ? 3.612   6.434   -1.118  1.00 20.78 ? 160 LEU A CB  1 
ATOM   1186 C CG  . LEU A 1 160 ? 4.615   7.511   -0.667  1.00 22.16 ? 160 LEU A CG  1 
ATOM   1187 C CD1 . LEU A 1 160 ? 5.106   7.214   0.735   1.00 23.34 ? 160 LEU A CD1 1 
ATOM   1188 C CD2 . LEU A 1 160 ? 5.810   7.575   -1.624  1.00 22.92 ? 160 LEU A CD2 1 
ATOM   1189 N N   . ARG A 1 161 ? 1.367   8.290   0.815   1.00 21.86 ? 161 ARG A N   1 
ATOM   1190 C CA  . ARG A 1 161 ? 0.739   9.607   0.882   1.00 23.23 ? 161 ARG A CA  1 
ATOM   1191 C C   . ARG A 1 161 ? 1.806   10.700  0.762   1.00 23.34 ? 161 ARG A C   1 
ATOM   1192 O O   . ARG A 1 161 ? 2.713   10.803  1.595   1.00 23.78 ? 161 ARG A O   1 
ATOM   1193 C CB  . ARG A 1 161 ? -0.126  9.826   2.133   1.00 22.83 ? 161 ARG A CB  1 
ATOM   1194 C CG  . ARG A 1 161 ? -0.784  11.218  2.093   1.00 23.00 ? 161 ARG A CG  1 
ATOM   1195 C CD  . ARG A 1 161 ? -1.674  11.510  3.298   1.00 25.02 ? 161 ARG A CD  1 
ATOM   1196 N NE  . ARG A 1 161 ? -2.018  12.937  3.321   1.00 25.93 ? 161 ARG A NE  1 
ATOM   1197 C CZ  . ARG A 1 161 ? -2.520  13.574  4.368   1.00 28.90 ? 161 ARG A CZ  1 
ATOM   1198 N NH1 . ARG A 1 161 ? -2.792  12.908  5.486   1.00 29.63 ? 161 ARG A NH1 1 
ATOM   1199 N NH2 . ARG A 1 161 ? -2.776  14.880  4.294   1.00 28.28 ? 161 ARG A NH2 1 
ATOM   1200 N N   . THR A 1 162 ? 1.671   11.516  -0.276  1.00 24.12 ? 162 THR A N   1 
ATOM   1201 C CA  . THR A 1 162 ? 2.683   12.518  -0.583  1.00 25.81 ? 162 THR A CA  1 
ATOM   1202 C C   . THR A 1 162 ? 2.271   13.947  -0.158  1.00 26.61 ? 162 THR A C   1 
ATOM   1203 O O   . THR A 1 162 ? 3.139   14.765  0.086   1.00 27.29 ? 162 THR A O   1 
ATOM   1204 C CB  . THR A 1 162 ? 3.099   12.461  -2.065  1.00 25.85 ? 162 THR A CB  1 
ATOM   1205 O OG1 . THR A 1 162 ? 1.945   12.660  -2.880  1.00 27.30 ? 162 THR A OG1 1 
ATOM   1206 C CG2 . THR A 1 162 ? 3.728   11.111  -2.405  1.00 26.07 ? 162 THR A CG2 1 
ATOM   1207 N N   . GLU A 1 163 ? 0.969   14.231  -0.055  1.00 27.02 ? 163 GLU A N   1 
ATOM   1208 C CA  . GLU A 1 163 ? 0.469   15.542  0.415   1.00 29.12 ? 163 GLU A CA  1 
ATOM   1209 C C   . GLU A 1 163 ? -0.851  15.360  1.143   1.00 28.65 ? 163 GLU A C   1 
ATOM   1210 O O   . GLU A 1 163 ? -1.275  16.166  1.997   1.00 28.97 ? 163 GLU A O   1 
ATOM   1211 C CB  . GLU A 1 163 ? 0.226   16.513  -0.761  1.00 28.69 ? 163 GLU A CB  1 
ATOM   1212 C CG  . GLU A 1 163 ? 1.452   16.890  -1.603  1.00 31.83 ? 163 GLU A CG  1 
ATOM   1213 C CD  . GLU A 1 163 ? 1.085   17.706  -2.856  1.00 32.57 ? 163 GLU A CD  1 
ATOM   1214 O OE1 . GLU A 1 163 ? -0.048  18.229  -2.933  1.00 39.01 ? 163 GLU A OE1 1 
ATOM   1215 O OE2 . GLU A 1 163 ? 1.924   17.802  -3.773  1.00 35.40 ? 163 GLU A OE2 1 
ATOM   1216 O OXT . GLU A 1 163 ? -1.546  14.385  0.866   1.00 27.78 ? 163 GLU A OXT 1 
HETATM 1217 S S   . SO4 B 2 .   ? -9.265  -2.843  -12.466 0.80 49.22 ? 200 SO4 A S   1 
HETATM 1218 O O1  . SO4 B 2 .   ? -8.809  -4.207  -12.176 0.80 46.34 ? 200 SO4 A O1  1 
HETATM 1219 O O2  . SO4 B 2 .   ? -10.440 -2.902  -13.336 0.80 49.96 ? 200 SO4 A O2  1 
HETATM 1220 O O3  . SO4 B 2 .   ? -8.211  -2.058  -13.118 0.80 49.26 ? 200 SO4 A O3  1 
HETATM 1221 O O4  . SO4 B 2 .   ? -9.685  -2.159  -11.247 0.80 50.31 ? 200 SO4 A O4  1 
HETATM 1222 O O1  . PE4 C 3 .   ? 8.953   1.929   8.138   1.00 50.62 ? 300 PE4 A O1  1 
HETATM 1223 C C1  . PE4 C 3 .   ? 8.008   2.799   8.779   1.00 47.98 ? 300 PE4 A C1  1 
HETATM 1224 C C2  . PE4 C 3 .   ? 6.678   2.078   8.930   1.00 46.81 ? 300 PE4 A C2  1 
HETATM 1225 O O2  . PE4 C 3 .   ? 6.248   1.407   7.743   1.00 42.86 ? 300 PE4 A O2  1 
HETATM 1226 C C3  . PE4 C 3 .   ? 4.838   1.583   7.566   1.00 38.63 ? 300 PE4 A C3  1 
HETATM 1227 C C4  . PE4 C 3 .   ? 4.347   0.661   6.462   1.00 34.15 ? 300 PE4 A C4  1 
HETATM 1228 O O3  . PE4 C 3 .   ? 4.339   -0.711  6.909   1.00 26.68 ? 300 PE4 A O3  1 
HETATM 1229 C C5  . PE4 C 3 .   ? 3.989   -1.532  5.813   1.00 26.72 ? 300 PE4 A C5  1 
HETATM 1230 C C6  . PE4 C 3 .   ? 3.888   -2.967  6.279   1.00 23.60 ? 300 PE4 A C6  1 
HETATM 1231 O O4  . PE4 C 3 .   ? 5.219   -3.466  6.409   1.00 23.67 ? 300 PE4 A O4  1 
HETATM 1232 C C7  . PE4 C 3 .   ? 5.250   -4.871  6.644   1.00 24.19 ? 300 PE4 A C7  1 
HETATM 1233 C C8  . PE4 C 3 .   ? 6.713   -5.280  6.774   1.00 25.23 ? 300 PE4 A C8  1 
HETATM 1234 O O5  . PE4 C 3 .   ? 7.371   -4.423  7.704   1.00 27.27 ? 300 PE4 A O5  1 
HETATM 1235 C C9  . PE4 C 3 .   ? 8.618   -5.054  8.004   1.00 27.08 ? 300 PE4 A C9  1 
HETATM 1236 C C10 . PE4 C 3 .   ? 9.314   -4.282  9.100   1.00 26.42 ? 300 PE4 A C10 1 
HETATM 1237 O O6  . PE4 C 3 .   ? 8.408   -4.254  10.196  1.00 27.67 ? 300 PE4 A O6  1 
HETATM 1238 C C11 . PE4 C 3 .   ? 9.001   -3.613  11.326  1.00 28.71 ? 300 PE4 A C11 1 
HETATM 1239 C C12 . PE4 C 3 .   ? 8.082   -3.822  12.519  1.00 29.09 ? 300 PE4 A C12 1 
HETATM 1240 O O7  . PE4 C 3 .   ? 7.841   -5.221  12.735  1.00 29.49 ? 300 PE4 A O7  1 
HETATM 1241 C C13 . PE4 C 3 .   ? 6.900   -5.359  13.791  1.00 30.57 ? 300 PE4 A C13 1 
HETATM 1242 C C14 . PE4 C 3 .   ? 6.693   -6.831  14.135  1.00 30.99 ? 300 PE4 A C14 1 
HETATM 1243 O O8  . PE4 C 3 .   ? 6.107   -7.501  13.023  1.00 33.28 ? 300 PE4 A O8  1 
HETATM 1244 C C15 . PE4 C 3 .   ? 5.488   -8.734  13.391  1.00 34.01 ? 300 PE4 A C15 1 
HETATM 1245 C C16 . PE4 C 3 .   ? 5.156   -9.520  12.134  1.00 33.55 ? 300 PE4 A C16 1 
HETATM 1246 O O1  . PE4 D 3 .   ? -15.201 2.989   -8.137  0.70 55.62 ? 301 PE4 A O1  1 
HETATM 1247 C C1  . PE4 D 3 .   ? -15.158 2.772   -6.726  0.70 54.28 ? 301 PE4 A C1  1 
HETATM 1248 C C2  . PE4 D 3 .   ? -16.240 3.588   -6.027  0.70 54.09 ? 301 PE4 A C2  1 
HETATM 1249 O O2  . PE4 D 3 .   ? -16.387 4.864   -6.648  0.70 53.94 ? 301 PE4 A O2  1 
HETATM 1250 C C3  . PE4 D 3 .   ? -17.304 5.688   -5.923  0.70 53.60 ? 301 PE4 A C3  1 
HETATM 1251 C C4  . PE4 D 3 .   ? -18.462 6.088   -6.833  0.70 54.69 ? 301 PE4 A C4  1 
HETATM 1252 O O3  . PE4 D 3 .   ? -19.682 6.174   -6.089  0.70 54.69 ? 301 PE4 A O3  1 
HETATM 1253 C C5  . PE4 D 3 .   ? -20.343 7.420   -6.312  0.70 54.59 ? 301 PE4 A C5  1 
HETATM 1254 O O1  . PE4 E 3 .   ? -9.333  3.238   -6.499  1.00 30.84 ? 302 PE4 A O1  1 
HETATM 1255 C C1  . PE4 E 3 .   ? -8.137  2.472   -6.296  1.00 32.47 ? 302 PE4 A C1  1 
HETATM 1256 C C2  . PE4 E 3 .   ? -6.935  3.260   -6.838  1.00 31.91 ? 302 PE4 A C2  1 
HETATM 1257 O O2  . PE4 E 3 .   ? -7.060  3.319   -8.257  1.00 34.52 ? 302 PE4 A O2  1 
HETATM 1258 C C3  . PE4 E 3 .   ? -6.049  4.125   -8.868  1.00 37.90 ? 302 PE4 A C3  1 
HETATM 1259 C C4  . PE4 E 3 .   ? -6.397  4.382   -10.334 1.00 40.74 ? 302 PE4 A C4  1 
HETATM 1260 O O3  . PE4 E 3 .   ? -7.469  5.322   -10.394 1.00 43.09 ? 302 PE4 A O3  1 
HETATM 1261 C C5  . PE4 E 3 .   ? -8.144  5.267   -11.653 1.00 46.02 ? 302 PE4 A C5  1 
HETATM 1262 O O1  . KDH F 4 .   ? 1.747   -11.460 14.861  0.70 37.95 ? 402 KDH A O1  1 
HETATM 1263 C C3  . KDH F 4 .   ? 2.894   -12.046 14.416  0.70 37.20 ? 402 KDH A C3  1 
HETATM 1264 C C6  . KDH F 4 .   ? 4.120   -11.696 14.968  0.70 37.39 ? 402 KDH A C6  1 
HETATM 1265 O O7  . KDH F 4 .   ? 4.166   -10.766 15.949  0.70 37.59 ? 402 KDH A O7  1 
HETATM 1266 C C9  . KDH F 4 .   ? 5.287   -12.298 14.536  0.70 37.84 ? 402 KDH A C9  1 
HETATM 1267 O O10 . KDH F 4 .   ? 6.488   -11.966 15.090  0.70 38.89 ? 402 KDH A O10 1 
HETATM 1268 C C12 . KDH F 4 .   ? 5.233   -13.257 13.531  0.70 37.94 ? 402 KDH A C12 1 
HETATM 1269 C C14 . KDH F 4 .   ? 4.000   -13.613 12.977  0.70 37.29 ? 402 KDH A C14 1 
HETATM 1270 C C15 . KDH F 4 .   ? 3.934   -14.628 11.905  0.70 37.91 ? 402 KDH A C15 1 
HETATM 1271 C C20 . KDH F 4 .   ? 5.551   -15.606 10.379  0.70 39.37 ? 402 KDH A C20 1 
HETATM 1272 C C21 . KDH F 4 .   ? 6.655   -15.414 9.567   0.70 39.76 ? 402 KDH A C21 1 
HETATM 1273 C C24 . KDH F 4 .   ? 7.069   -16.444 8.731   0.70 40.09 ? 402 KDH A C24 1 
HETATM 1274 C C26 . KDH F 4 .   ? 6.384   -17.653 8.709   0.70 40.69 ? 402 KDH A C26 1 
HETATM 1275 C C29 . KDH F 4 .   ? 5.278   -17.839 9.537   0.70 40.60 ? 402 KDH A C29 1 
HETATM 1276 C C31 . KDH F 4 .   ? 4.863   -16.817 10.378  0.70 40.31 ? 402 KDH A C31 1 
HETATM 1277 C C33 . KDH F 4 .   ? 3.715   -16.043 12.435  0.70 38.77 ? 402 KDH A C33 1 
HETATM 1278 C C36 . KDH F 4 .   ? 4.572   -16.903 14.554  0.70 36.38 ? 402 KDH A C36 1 
HETATM 1279 C C38 . KDH F 4 .   ? 5.745   -17.010 15.487  0.70 35.94 ? 402 KDH A C38 1 
HETATM 1280 C C39 . KDH F 4 .   ? 5.548   -17.461 16.779  0.70 35.65 ? 402 KDH A C39 1 
HETATM 1281 C C41 . KDH F 4 .   ? 7.030   -16.669 15.063  0.70 35.87 ? 402 KDH A C41 1 
HETATM 1282 C C01 . KDH F 4 .   ? 3.653   -17.016 11.270  0.70 39.45 ? 402 KDH A C01 1 
HETATM 1283 O O01 . KDH F 4 .   ? 5.165   -14.582 11.196  0.70 39.77 ? 402 KDH A O01 1 
HETATM 1284 O O02 . KDH F 4 .   ? 8.154   -16.251 7.936   0.70 41.36 ? 402 KDH A O02 1 
HETATM 1285 O O03 . KDH F 4 .   ? 4.600   -19.019 9.513   0.70 41.21 ? 402 KDH A O03 1 
HETATM 1286 C C4  . KDH F 4 .   ? 2.832   -13.005 13.418  0.70 37.05 ? 402 KDH A C4  1 
HETATM 1287 O O35 . KDH F 4 .   ? 4.842   -16.414 13.225  0.70 37.97 ? 402 KDH A O35 1 
HETATM 1288 O O37 . KDH F 4 .   ? 3.446   -17.233 14.910  0.70 35.88 ? 402 KDH A O37 1 
HETATM 1289 C C43 . KDH F 4 .   ? 8.116   -16.767 15.946  0.70 35.40 ? 402 KDH A C43 1 
HETATM 1290 O O44 . KDH F 4 .   ? 9.367   -16.420 15.520  0.70 35.36 ? 402 KDH A O44 1 
HETATM 1291 C C46 . KDH F 4 .   ? 7.914   -17.222 17.241  0.70 36.20 ? 402 KDH A C46 1 
HETATM 1292 O O47 . KDH F 4 .   ? 8.951   -17.342 18.142  0.70 36.01 ? 402 KDH A O47 1 
HETATM 1293 C C49 . KDH F 4 .   ? 6.630   -17.563 17.652  0.70 34.52 ? 402 KDH A C49 1 
HETATM 1294 O O50 . KDH F 4 .   ? 6.392   -17.993 18.916  0.70 35.47 ? 402 KDH A O50 1 
HETATM 1295 O O1  . KDH G 4 .   ? -10.388 0.750   -22.325 0.70 44.63 ? 403 KDH A O1  1 
HETATM 1296 C C3  . KDH G 4 .   ? -9.486  1.667   -21.852 0.70 45.29 ? 403 KDH A C3  1 
HETATM 1297 C C6  . KDH G 4 .   ? -9.621  2.232   -20.584 0.70 44.89 ? 403 KDH A C6  1 
HETATM 1298 O O7  . KDH G 4 .   ? -10.663 1.881   -19.780 0.70 45.37 ? 403 KDH A O7  1 
HETATM 1299 C C9  . KDH G 4 .   ? -8.690  3.159   -20.127 0.70 44.68 ? 403 KDH A C9  1 
HETATM 1300 O O10 . KDH G 4 .   ? -8.823  3.718   -18.892 0.70 44.45 ? 403 KDH A O10 1 
HETATM 1301 C C12 . KDH G 4 .   ? -7.617  3.530   -20.936 0.70 44.36 ? 403 KDH A C12 1 
HETATM 1302 C C14 . KDH G 4 .   ? -7.475  2.967   -22.207 0.70 44.71 ? 403 KDH A C14 1 
HETATM 1303 C C15 . KDH G 4 .   ? -6.341  3.340   -23.091 0.70 43.43 ? 403 KDH A C15 1 
HETATM 1304 C C20 . KDH G 4 .   ? -4.540  5.004   -23.097 0.70 41.88 ? 403 KDH A C20 1 
HETATM 1305 C C21 . KDH G 4 .   ? -4.127  6.319   -22.885 0.70 42.34 ? 403 KDH A C21 1 
HETATM 1306 C C24 . KDH G 4 .   ? -2.832  6.707   -23.237 0.70 42.32 ? 403 KDH A C24 1 
HETATM 1307 C C26 . KDH G 4 .   ? -1.956  5.783   -23.800 0.70 41.82 ? 403 KDH A C26 1 
HETATM 1308 C C29 . KDH G 4 .   ? -2.367  4.468   -24.011 0.70 42.56 ? 403 KDH A C29 1 
HETATM 1309 C C31 . KDH G 4 .   ? -3.655  4.081   -23.655 0.70 41.91 ? 403 KDH A C31 1 
HETATM 1310 C C33 . KDH G 4 .   ? -5.239  2.297   -22.957 0.70 41.52 ? 403 KDH A C33 1 
HETATM 1311 C C36 . KDH G 4 .   ? -4.146  1.140   -21.066 0.70 35.60 ? 403 KDH A C36 1 
HETATM 1312 C C38 . KDH G 4 .   ? -4.020  1.095   -19.575 0.70 34.83 ? 403 KDH A C38 1 
HETATM 1313 C C39 . KDH G 4 .   ? -3.280  0.119   -18.903 0.70 34.92 ? 403 KDH A C39 1 
HETATM 1314 C C41 . KDH G 4 .   ? -4.682  2.088   -18.872 0.70 34.57 ? 403 KDH A C41 1 
HETATM 1315 C C01 . KDH G 4 .   ? -4.081  2.651   -23.886 0.70 41.59 ? 403 KDH A C01 1 
HETATM 1316 O O01 . KDH G 4 .   ? -5.821  4.634   -22.745 0.70 42.52 ? 403 KDH A O01 1 
HETATM 1317 O O02 . KDH G 4 .   ? -2.420  7.988   -23.031 0.70 41.18 ? 403 KDH A O02 1 
HETATM 1318 O O03 . KDH G 4 .   ? -1.501  3.565   -24.558 0.70 42.45 ? 403 KDH A O03 1 
HETATM 1319 C C4  . KDH G 4 .   ? -8.413  2.037   -22.661 0.70 44.88 ? 403 KDH A C4  1 
HETATM 1320 O O35 . KDH G 4 .   ? -4.788  2.332   -21.601 0.70 38.62 ? 403 KDH A O35 1 
HETATM 1321 O O37 . KDH G 4 .   ? -3.734  0.241   -21.777 0.70 34.98 ? 403 KDH A O37 1 
HETATM 1322 C C43 . KDH G 4 .   ? -4.625  2.125   -17.495 0.70 35.09 ? 403 KDH A C43 1 
HETATM 1323 O O44 . KDH G 4 .   ? -5.279  3.110   -16.822 0.70 35.04 ? 403 KDH A O44 1 
HETATM 1324 C C46 . KDH G 4 .   ? -3.899  1.161   -16.805 0.70 34.62 ? 403 KDH A C46 1 
HETATM 1325 O O47 . KDH G 4 .   ? -3.845  1.220   -15.442 0.70 33.07 ? 403 KDH A O47 1 
HETATM 1326 C C49 . KDH G 4 .   ? -3.224  0.164   -17.499 0.70 33.84 ? 403 KDH A C49 1 
HETATM 1327 O O50 . KDH G 4 .   ? -2.500  -0.760  -16.821 0.70 33.81 ? 403 KDH A O50 1 
HETATM 1328 O O   . HOH H 5 .   ? -0.768  3.776   8.566   1.00 23.43 ? 164 HOH A O   1 
HETATM 1329 O O   . HOH H 5 .   ? 2.073   11.536  -5.336  1.00 25.25 ? 165 HOH A O   1 
HETATM 1330 O O   . HOH H 5 .   ? 1.403   2.974   -10.084 1.00 24.89 ? 166 HOH A O   1 
HETATM 1331 O O   . HOH H 5 .   ? -9.873  -4.275  1.397   1.00 24.56 ? 167 HOH A O   1 
HETATM 1332 O O   . HOH H 5 .   ? 8.663   -0.294  9.658   1.00 27.72 ? 168 HOH A O   1 
HETATM 1333 O O   . HOH H 5 .   ? 1.831   4.022   7.802   1.00 27.07 ? 169 HOH A O   1 
HETATM 1334 O O   . HOH H 5 .   ? -6.734  -4.639  7.826   1.00 27.68 ? 170 HOH A O   1 
HETATM 1335 O O   . HOH H 5 .   ? -1.280  6.244   9.711   1.00 23.73 ? 171 HOH A O   1 
HETATM 1336 O O   . HOH H 5 .   ? 6.761   2.888   -16.245 1.00 26.49 ? 172 HOH A O   1 
HETATM 1337 O O   . HOH H 5 .   ? 0.463   -12.498 -14.133 1.00 36.64 ? 173 HOH A O   1 
HETATM 1338 O O   . HOH H 5 .   ? 8.013   6.895   -13.888 1.00 25.64 ? 174 HOH A O   1 
HETATM 1339 O O   . HOH H 5 .   ? -11.631 8.599   -2.793  1.00 31.42 ? 175 HOH A O   1 
HETATM 1340 O O   . HOH H 5 .   ? 13.294  4.000   14.860  1.00 29.65 ? 176 HOH A O   1 
HETATM 1341 O O   . HOH H 5 .   ? 9.544   0.110   12.188  1.00 28.74 ? 177 HOH A O   1 
HETATM 1342 O O   . HOH H 5 .   ? 8.819   -8.675  -4.814  1.00 25.88 ? 178 HOH A O   1 
HETATM 1343 O O   . HOH H 5 .   ? 5.413   11.038  0.729   1.00 36.59 ? 179 HOH A O   1 
HETATM 1344 O O   . HOH H 5 .   ? 2.223   -7.787  -14.513 1.00 34.48 ? 180 HOH A O   1 
HETATM 1345 O O   . HOH H 5 .   ? 12.140  1.575   6.878   1.00 29.18 ? 181 HOH A O   1 
HETATM 1346 O O   . HOH H 5 .   ? 7.492   9.915   2.193   1.00 29.72 ? 182 HOH A O   1 
HETATM 1347 O O   . HOH H 5 .   ? 7.065   6.219   3.903   1.00 34.05 ? 183 HOH A O   1 
HETATM 1348 O O   . HOH H 5 .   ? -0.456  14.711  7.656   1.00 43.56 ? 184 HOH A O   1 
HETATM 1349 O O   . HOH H 5 .   ? -12.608 -2.285  -3.745  1.00 31.96 ? 185 HOH A O   1 
HETATM 1350 O O   . HOH H 5 .   ? -4.403  7.408   11.192  1.00 30.08 ? 186 HOH A O   1 
HETATM 1351 O O   . HOH H 5 .   ? 6.861   -6.840  3.628   1.00 28.90 ? 187 HOH A O   1 
HETATM 1352 O O   . HOH H 5 .   ? -9.862  6.511   6.709   1.00 28.45 ? 188 HOH A O   1 
HETATM 1353 O O   . HOH H 5 .   ? 7.263   10.486  -15.581 1.00 24.94 ? 189 HOH A O   1 
HETATM 1354 O O   . HOH H 5 .   ? 15.505  3.252   -6.242  1.00 39.95 ? 190 HOH A O   1 
HETATM 1355 O O   . HOH H 5 .   ? -1.751  -10.231 -28.100 1.00 44.82 ? 191 HOH A O   1 
HETATM 1356 O O   . HOH H 5 .   ? 5.377   8.991   -6.891  1.00 28.61 ? 192 HOH A O   1 
HETATM 1357 O O   . HOH H 5 .   ? 12.821  -3.460  -14.269 1.00 41.83 ? 193 HOH A O   1 
HETATM 1358 O O   . HOH H 5 .   ? 2.573   13.625  -11.675 1.00 36.30 ? 194 HOH A O   1 
HETATM 1359 O O   . HOH H 5 .   ? 7.223   10.696  -5.653  1.00 34.07 ? 195 HOH A O   1 
HETATM 1360 O O   . HOH H 5 .   ? 0.821   -15.048 -0.335  1.00 50.67 ? 196 HOH A O   1 
HETATM 1361 O O   . HOH H 5 .   ? 3.863   4.989   9.442   1.00 26.92 ? 197 HOH A O   1 
HETATM 1362 O O   . HOH H 5 .   ? -7.301  -7.991  -4.244  1.00 34.19 ? 198 HOH A O   1 
HETATM 1363 O O   . HOH H 5 .   ? -6.387  -8.531  -24.616 1.00 46.76 ? 199 HOH A O   1 
HETATM 1364 O O   . HOH H 5 .   ? 6.087   1.992   22.387  1.00 36.23 ? 201 HOH A O   1 
HETATM 1365 O O   . HOH H 5 .   ? 5.141   11.362  8.042   1.00 43.41 ? 202 HOH A O   1 
HETATM 1366 O O   . HOH H 5 .   ? -4.051  -0.621  20.979  1.00 40.12 ? 203 HOH A O   1 
HETATM 1367 O O   . HOH H 5 .   ? -12.444 -11.802 -6.162  1.00 42.66 ? 204 HOH A O   1 
HETATM 1368 O O   . HOH H 5 .   ? 4.050   15.955  -3.924  1.00 48.98 ? 205 HOH A O   1 
HETATM 1369 O O   . HOH H 5 .   ? 0.649   -10.114 -24.956 1.00 41.73 ? 206 HOH A O   1 
HETATM 1370 O O   . HOH H 5 .   ? 8.457   -3.370  24.157  1.00 38.59 ? 207 HOH A O   1 
HETATM 1371 O O   . HOH H 5 .   ? 8.448   -0.927  19.839  1.00 30.57 ? 208 HOH A O   1 
HETATM 1372 O O   . HOH H 5 .   ? 9.155   9.525   -14.094 1.00 31.73 ? 209 HOH A O   1 
HETATM 1373 O O   . HOH H 5 .   ? 4.155   -12.726 -11.343 1.00 39.14 ? 210 HOH A O   1 
HETATM 1374 O O   . HOH H 5 .   ? -6.074  12.942  -9.011  1.00 43.79 ? 211 HOH A O   1 
HETATM 1375 O O   . HOH H 5 .   ? 6.037   -5.781  10.473  1.00 29.69 ? 212 HOH A O   1 
HETATM 1376 O O   . HOH H 5 .   ? 9.233   -8.038  -9.664  1.00 40.76 ? 213 HOH A O   1 
HETATM 1377 O O   . HOH H 5 .   ? 14.935  4.310   -0.746  1.00 32.36 ? 214 HOH A O   1 
HETATM 1378 O O   . HOH H 5 .   ? -8.591  0.152   4.044   1.00 30.23 ? 215 HOH A O   1 
HETATM 1379 O O   . HOH H 5 .   ? 9.409   -7.303  11.749  1.00 34.26 ? 216 HOH A O   1 
HETATM 1380 O O   . HOH H 5 .   ? -6.095  -12.143 1.602   1.00 48.13 ? 217 HOH A O   1 
HETATM 1381 O O   . HOH H 5 .   ? -11.359 -5.959  -2.062  1.00 39.16 ? 218 HOH A O   1 
HETATM 1382 O O   . HOH H 5 .   ? -15.248 0.778   -3.599  1.00 41.54 ? 219 HOH A O   1 
HETATM 1383 O O   . HOH H 5 .   ? -8.686  -4.753  16.777  1.00 49.59 ? 220 HOH A O   1 
HETATM 1384 O O   . HOH H 5 .   ? -11.583 4.929   7.934   1.00 41.92 ? 221 HOH A O   1 
HETATM 1385 O O   . HOH H 5 .   ? -4.348  11.008  8.188   1.00 43.76 ? 222 HOH A O   1 
HETATM 1386 O O   . HOH H 5 .   ? 5.868   13.871  1.072   1.00 45.23 ? 223 HOH A O   1 
HETATM 1387 O O   . HOH H 5 .   ? 9.261   -9.547  14.810  1.00 38.75 ? 224 HOH A O   1 
HETATM 1388 O O   . HOH H 5 .   ? -1.489  18.673  -5.660  1.00 50.55 ? 225 HOH A O   1 
HETATM 1389 O O   . HOH H 5 .   ? -2.677  -2.116  -21.493 1.00 37.98 ? 226 HOH A O   1 
HETATM 1390 O O   . HOH H 5 .   ? 4.185   13.268  -5.580  1.00 34.89 ? 227 HOH A O   1 
HETATM 1391 O O   . HOH H 5 .   ? -15.012 6.270   -2.647  1.00 47.28 ? 228 HOH A O   1 
HETATM 1392 O O   . HOH H 5 .   ? 0.932   8.009   -22.752 1.00 36.69 ? 229 HOH A O   1 
HETATM 1393 O O   . HOH H 5 .   ? 8.213   0.297   22.167  1.00 40.50 ? 230 HOH A O   1 
HETATM 1394 O O   . HOH H 5 .   ? 4.166   -6.852  3.901   1.00 40.18 ? 231 HOH A O   1 
HETATM 1395 O O   . HOH H 5 .   ? -14.150 -3.310  -1.800  1.00 36.05 ? 232 HOH A O   1 
HETATM 1396 O O   . HOH H 5 .   ? 4.106   17.354  0.850   1.00 38.74 ? 233 HOH A O   1 
HETATM 1397 O O   . HOH H 5 .   ? 4.242   8.204   11.908  1.00 44.92 ? 234 HOH A O   1 
HETATM 1398 O O   . HOH H 5 .   ? -12.701 14.324  1.304   1.00 36.07 ? 235 HOH A O   1 
HETATM 1399 O O   . HOH H 5 .   ? 6.251   6.702   12.453  1.00 48.78 ? 236 HOH A O   1 
HETATM 1400 O O   . HOH H 5 .   ? -3.641  17.351  1.748   1.00 42.85 ? 237 HOH A O   1 
HETATM 1401 O O   . HOH H 5 .   ? -14.387 -5.790  -2.817  0.50 25.62 ? 238 HOH A O   1 
HETATM 1402 O O   . HOH H 5 .   ? 11.143  5.995   -10.995 1.00 39.82 ? 239 HOH A O   1 
HETATM 1403 O O   . HOH H 5 .   ? 12.685  3.723   0.661   1.00 20.06 ? 240 HOH A O   1 
HETATM 1404 O O   . HOH H 5 .   ? -0.009  -11.344 12.943  1.00 44.85 ? 241 HOH A O   1 
HETATM 1405 O O   . HOH H 5 .   ? -17.194 4.390   -2.162  1.00 49.46 ? 242 HOH A O   1 
HETATM 1406 O O   . HOH H 5 .   ? 13.929  -5.328  15.004  1.00 27.02 ? 243 HOH A O   1 
HETATM 1407 O O   . HOH H 5 .   ? 5.056   -13.949 -6.274  1.00 40.86 ? 244 HOH A O   1 
HETATM 1408 O O   . HOH H 5 .   ? 8.162   4.652   1.753   1.00 27.27 ? 245 HOH A O   1 
HETATM 1409 O O   . HOH H 5 .   ? 12.250  -0.555  11.502  1.00 41.66 ? 246 HOH A O   1 
HETATM 1410 O O   . HOH H 5 .   ? 7.760   2.534   5.634   1.00 47.59 ? 247 HOH A O   1 
HETATM 1411 O O   . HOH H 5 .   ? 5.055   -7.420  -10.205 1.00 31.17 ? 248 HOH A O   1 
HETATM 1412 O O   . HOH H 5 .   ? -6.383  0.717   -9.189  1.00 35.42 ? 249 HOH A O   1 
HETATM 1413 O O   . HOH H 5 .   ? 14.750  -6.643  1.180   1.00 50.58 ? 250 HOH A O   1 
HETATM 1414 O O   . HOH H 5 .   ? 3.084   -6.060  -11.217 0.50 16.25 ? 251 HOH A O   1 
HETATM 1415 O O   . HOH H 5 .   ? -12.498 -1.962  -10.676 1.00 53.27 ? 252 HOH A O   1 
HETATM 1416 O O   . HOH H 5 .   ? -7.666  -11.283 -0.301  1.00 53.38 ? 253 HOH A O   1 
HETATM 1417 O O   . HOH H 5 .   ? -0.466  -19.368 -5.800  1.00 52.50 ? 254 HOH A O   1 
HETATM 1418 O O   . HOH H 5 .   ? -0.237  -11.479 -21.472 1.00 47.85 ? 255 HOH A O   1 
HETATM 1419 O O   . HOH H 5 .   ? 12.866  6.885   -9.118  1.00 44.57 ? 256 HOH A O   1 
HETATM 1420 O O   . HOH H 5 .   ? 9.169   -8.064  5.753   1.00 46.92 ? 257 HOH A O   1 
HETATM 1421 O O   . HOH H 5 .   ? 6.053   11.663  -10.407 1.00 36.03 ? 258 HOH A O   1 
HETATM 1422 O O   . HOH H 5 .   ? 1.580   -8.759  -22.488 1.00 53.45 ? 259 HOH A O   1 
HETATM 1423 O O   . HOH H 5 .   ? 12.537  -8.685  -2.002  1.00 54.24 ? 260 HOH A O   1 
HETATM 1424 O O   . HOH H 5 .   ? -10.059 -1.637  6.937   1.00 50.45 ? 261 HOH A O   1 
HETATM 1425 O O   . HOH H 5 .   ? -11.104 6.654   10.739  1.00 55.01 ? 262 HOH A O   1 
HETATM 1426 O O   . HOH H 5 .   ? -14.016 -3.338  -15.060 1.00 55.52 ? 263 HOH A O   1 
HETATM 1427 O O   . HOH H 5 .   ? 6.414   12.711  -4.138  1.00 37.73 ? 264 HOH A O   1 
HETATM 1428 O O   . HOH H 5 .   ? 13.568  -11.094 22.871  1.00 30.46 ? 265 HOH A O   1 
HETATM 1429 O O   . HOH H 5 .   ? 7.880   11.761  -8.260  1.00 37.51 ? 266 HOH A O   1 
HETATM 1430 O O   . HOH H 5 .   ? -5.327  1.117   -11.659 1.00 49.86 ? 267 HOH A O   1 
HETATM 1431 O O   . HOH H 5 .   ? 2.595   18.494  2.542   1.00 50.33 ? 268 HOH A O   1 
HETATM 1432 O O   . HOH H 5 .   ? -0.546  4.113   -20.192 1.00 46.11 ? 269 HOH A O   1 
HETATM 1433 O O   . HOH H 5 .   ? -3.938  -13.927 -0.410  1.00 47.50 ? 270 HOH A O   1 
HETATM 1434 O O   . HOH H 5 .   ? -8.937  7.587   9.139   1.00 47.63 ? 271 HOH A O   1 
HETATM 1435 O O   . HOH H 5 .   ? 6.190   -11.838 9.791   1.00 56.36 ? 272 HOH A O   1 
HETATM 1436 O O   . HOH H 5 .   ? -9.826  3.512   -9.106  1.00 52.36 ? 273 HOH A O   1 
HETATM 1437 O O   . HOH H 5 .   ? -6.533  -1.865  -17.373 1.00 51.42 ? 274 HOH A O   1 
HETATM 1438 O O   . HOH H 5 .   ? 6.448   -9.146  -11.892 1.00 53.70 ? 275 HOH A O   1 
HETATM 1439 O O   . HOH H 5 .   ? -7.055  -17.165 -4.378  1.00 56.99 ? 276 HOH A O   1 
# 
